data_4MA1
#
_entry.id   4MA1
#
_cell.length_a   196.257
_cell.length_b   66.508
_cell.length_c   122.078
_cell.angle_alpha   90.00
_cell.angle_beta   113.46
_cell.angle_gamma   90.00
#
_symmetry.space_group_name_H-M   'C 1 2 1'
#
loop_
_entity.id
_entity.type
_entity.pdbx_description
1 polymer 'S25-26 Fab (IgG1k) heavy chain'
2 polymer 'S25-26 Fab (IgG1k) light chain'
3 branched alpha-D-mannopyranose-(1-6)-beta-D-mannopyranose-(1-4)-2-acetamido-2-deoxy-beta-D-glucopyranose-(1-4)-[alpha-L-fucopyranose-(1-6)]2-acetamido-2-deoxy-beta-D-glucopyranose
4 branched alpha-D-mannopyranose-(1-3)-beta-D-mannopyranose-(1-4)-2-acetamido-2-deoxy-beta-D-glucopyranose-(1-4)-[alpha-L-fucopyranose-(1-6)]2-acetamido-2-deoxy-beta-D-glucopyranose
5 branched alpha-D-galactopyranose-(1-3)-beta-D-galactopyranose-(1-4)-2-acetamido-2-deoxy-beta-D-glucopyranose-(1-2)-alpha-D-mannopyranose-(1-3)-[alpha-D-mannopyranose-(1-6)]beta-D-mannopyranose-(1-4)-2-acetamido-2-deoxy-beta-D-glucopyranose-(1-4)-[alpha-L-fucopyranose-(1-6)]2-acetamido-2-deoxy-beta-D-glucopyranose
6 non-polymer DI(HYDROXYETHYL)ETHER
7 non-polymer 'POTASSIUM ION'
8 water water
#
loop_
_entity_poly.entity_id
_entity_poly.type
_entity_poly.pdbx_seq_one_letter_code
_entity_poly.pdbx_strand_id
1 'polypeptide(L)'
;(PCA)VQLKESGPGLVQPSQSLSITCTVSGFSLTTYGVHWVRQSPGKGLEWLGVIWSGGSTDYNAAFISRLSISKDNSKS
HVFFKMNSLQANDTAIYYCARMRITTDWFAYWGQGTLVTVSAAKTTPPSVYPLAPGSAAQTNSMVTLGCLVKGYFPEPVT
VTWNSGSLSSGVHTFPAVLQSDLYTLSSSVTVPSSTWPSETVTCNVAHPASSTKVDKKIVPRD
;
B,E,H
2 'polypeptide(L)'
;DILMNQTPLSLPVSLGDQASISCRSSQYIVHRNGNTYLEWYLQKPGQSPKLLIYKVSNRFSGVPDRFSGSGSGTDFTLKI
SRVEAEDLGVYYCFQGSHVPYTFGGGTKLELKRADAAPTVSIFPPSSEQLTSGGASVVCFLNNFYPKDINVKWKIDGSER
QNGVLNSWTDQDSKDSTYSMSSTLTLTKDEYERHNSYTCEATHKTSTSPIVKSFNRNEC
;
C,F,L
#
# COMPACT_ATOMS: atom_id res chain seq x y z
N VAL A 2 8.19 3.14 20.47
CA VAL A 2 8.61 4.46 20.03
C VAL A 2 8.89 4.44 18.52
N GLN A 3 8.33 5.40 17.81
CA GLN A 3 8.59 5.52 16.38
C GLN A 3 8.63 6.99 15.99
N LEU A 4 9.54 7.29 15.07
CA LEU A 4 9.63 8.59 14.49
C LEU A 4 9.61 8.52 12.95
N LYS A 5 8.45 8.74 12.39
CA LYS A 5 8.25 8.73 10.93
C LYS A 5 8.50 10.13 10.41
N GLU A 6 9.31 10.24 9.36
CA GLU A 6 9.59 11.53 8.73
C GLU A 6 8.96 11.60 7.36
N SER A 7 8.48 12.77 6.98
CA SER A 7 7.98 12.97 5.63
C SER A 7 8.50 14.30 5.10
N GLY A 8 8.89 14.31 3.84
CA GLY A 8 9.47 15.51 3.25
C GLY A 8 10.17 15.26 1.94
N PRO A 9 10.59 16.36 1.26
CA PRO A 9 11.16 16.32 -0.08
C PRO A 9 12.52 15.65 -0.13
N GLY A 10 12.76 14.87 -1.18
CA GLY A 10 14.08 14.35 -1.49
C GLY A 10 14.95 15.37 -2.19
N LEU A 11 14.32 16.38 -2.80
CA LEU A 11 15.00 17.37 -3.64
C LEU A 11 14.50 18.79 -3.41
N VAL A 12 15.44 19.72 -3.26
CA VAL A 12 15.11 21.14 -3.06
C VAL A 12 15.94 22.03 -4.00
N GLN A 13 15.28 23.03 -4.58
CA GLN A 13 15.97 24.02 -5.42
C GLN A 13 16.90 24.88 -4.58
N PRO A 14 18.06 25.29 -5.13
CA PRO A 14 18.92 26.27 -4.47
C PRO A 14 18.18 27.55 -4.11
N SER A 15 18.32 27.95 -2.84
CA SER A 15 17.66 29.13 -2.27
C SER A 15 16.19 28.92 -1.89
N GLN A 16 15.63 27.74 -2.10
CA GLN A 16 14.29 27.43 -1.59
C GLN A 16 14.36 26.71 -0.25
N SER A 17 13.21 26.54 0.38
CA SER A 17 13.13 26.05 1.76
C SER A 17 12.90 24.56 1.86
N LEU A 18 13.29 23.99 2.99
CA LEU A 18 13.14 22.57 3.26
C LEU A 18 12.20 22.39 4.43
N SER A 19 11.14 21.62 4.23
CA SER A 19 10.16 21.35 5.25
C SER A 19 10.04 19.86 5.47
N ILE A 20 10.32 19.42 6.70
CA ILE A 20 10.14 18.04 7.08
C ILE A 20 9.22 17.96 8.27
N THR A 21 8.32 16.98 8.23
CA THR A 21 7.41 16.73 9.30
C THR A 21 7.79 15.40 9.96
N CYS A 22 8.01 15.47 11.25
CA CYS A 22 8.33 14.30 12.02
C CYS A 22 7.05 13.92 12.77
N THR A 23 6.53 12.74 12.50
CA THR A 23 5.35 12.28 13.22
C THR A 23 5.73 11.19 14.24
N VAL A 24 5.39 11.47 15.49
CA VAL A 24 5.86 10.73 16.64
C VAL A 24 4.78 9.78 17.15
N SER A 25 5.21 8.62 17.65
CA SER A 25 4.30 7.68 18.28
C SER A 25 5.05 6.87 19.32
N GLY A 26 4.31 6.47 20.35
CA GLY A 26 4.88 5.72 21.49
C GLY A 26 5.18 6.59 22.71
N PHE A 27 5.30 7.90 22.50
CA PHE A 27 5.51 8.84 23.57
C PHE A 27 4.93 10.21 23.20
N SER A 28 4.80 11.06 24.22
CA SER A 28 4.08 12.31 24.07
C SER A 28 5.02 13.51 23.97
N LEU A 29 4.71 14.41 23.04
CA LEU A 29 5.54 15.60 22.86
C LEU A 29 5.43 16.60 24.00
N THR A 30 4.40 16.48 24.84
CA THR A 30 4.31 17.27 26.07
C THR A 30 5.30 16.81 27.11
N THR A 31 5.82 15.59 26.97
CA THR A 31 6.73 15.02 27.96
C THR A 31 8.20 15.05 27.49
N TYR A 32 8.43 14.93 26.18
CA TYR A 32 9.81 14.79 25.69
C TYR A 32 10.12 15.78 24.57
N GLY A 33 11.37 16.24 24.52
CA GLY A 33 11.85 17.10 23.45
C GLY A 33 12.32 16.28 22.25
N VAL A 34 12.35 16.94 21.08
CA VAL A 34 12.77 16.31 19.86
C VAL A 34 13.86 17.13 19.19
N HIS A 35 14.99 16.46 18.89
CA HIS A 35 16.14 17.12 18.28
C HIS A 35 16.15 16.88 16.76
N TRP A 36 16.87 17.77 16.07
CA TRP A 36 17.09 17.59 14.64
C TRP A 36 18.57 17.55 14.37
N VAL A 37 18.96 16.55 13.60
CA VAL A 37 20.35 16.26 13.31
C VAL A 37 20.47 16.00 11.81
N ARG A 38 21.60 16.38 11.22
CA ARG A 38 21.86 16.04 9.84
C ARG A 38 23.23 15.46 9.66
N GLN A 39 23.40 14.80 8.53
CA GLN A 39 24.57 14.02 8.30
C GLN A 39 25.01 14.15 6.85
N SER A 40 26.29 14.46 6.68
CA SER A 40 26.89 14.54 5.35
C SER A 40 28.24 13.84 5.38
N PRO A 41 28.68 13.31 4.23
CA PRO A 41 29.99 12.66 4.23
C PRO A 41 31.11 13.58 4.75
N GLY A 42 31.03 14.87 4.43
CA GLY A 42 32.05 15.84 4.79
C GLY A 42 32.04 16.24 6.26
N LYS A 43 30.86 16.51 6.81
CA LYS A 43 30.73 17.08 8.17
C LYS A 43 30.44 16.07 9.29
N GLY A 44 30.25 14.80 8.94
CA GLY A 44 29.80 13.78 9.90
C GLY A 44 28.44 14.18 10.43
N LEU A 45 28.19 13.93 11.71
CA LEU A 45 26.89 14.25 12.29
C LEU A 45 26.90 15.65 12.86
N GLU A 46 25.80 16.33 12.68
CA GLU A 46 25.72 17.74 12.99
C GLU A 46 24.40 18.08 13.67
N TRP A 47 24.47 18.53 14.92
CA TRP A 47 23.28 18.88 15.68
C TRP A 47 22.77 20.25 15.26
N LEU A 48 21.48 20.33 14.96
CA LEU A 48 20.88 21.51 14.36
C LEU A 48 19.98 22.26 15.33
N GLY A 49 19.11 21.54 16.01
CA GLY A 49 18.27 22.18 17.00
C GLY A 49 17.40 21.24 17.79
N VAL A 50 16.60 21.82 18.67
CA VAL A 50 15.72 21.04 19.53
C VAL A 50 14.49 21.85 19.86
N ILE A 51 13.34 21.18 19.91
CA ILE A 51 12.16 21.75 20.54
C ILE A 51 11.86 20.95 21.80
N TRP A 52 11.93 21.63 22.94
CA TRP A 52 11.74 21.02 24.24
C TRP A 52 10.26 20.79 24.48
N SER A 53 9.93 19.90 25.41
CA SER A 53 8.55 19.55 25.68
C SER A 53 7.70 20.76 26.05
N GLY A 54 8.25 21.70 26.80
CA GLY A 54 7.53 22.94 27.15
C GLY A 54 7.38 23.93 25.98
N GLY A 55 8.02 23.64 24.85
CA GLY A 55 7.74 24.34 23.62
C GLY A 55 8.74 25.44 23.31
N SER A 56 9.79 25.58 24.11
CA SER A 56 10.88 26.48 23.76
C SER A 56 11.85 25.72 22.87
N THR A 57 12.70 26.48 22.16
CA THR A 57 13.60 25.93 21.18
C THR A 57 15.03 26.33 21.51
N ASP A 58 15.98 25.62 20.89
CA ASP A 58 17.38 26.03 20.89
C ASP A 58 17.98 25.60 19.55
N TYR A 59 18.84 26.44 18.99
CA TYR A 59 19.35 26.25 17.64
C TYR A 59 20.86 26.36 17.60
N ASN A 60 21.48 25.52 16.78
CA ASN A 60 22.87 25.66 16.44
C ASN A 60 23.09 27.09 15.93
N ALA A 61 24.06 27.80 16.52
CA ALA A 61 24.26 29.22 16.26
C ALA A 61 24.38 29.51 14.75
N ALA A 62 25.01 28.60 14.03
CA ALA A 62 25.23 28.77 12.59
C ALA A 62 23.94 28.69 11.75
N PHE A 63 22.83 28.27 12.35
CA PHE A 63 21.57 28.15 11.64
C PHE A 63 20.49 29.10 12.12
N ILE A 64 20.73 29.79 13.23
CA ILE A 64 19.68 30.60 13.86
C ILE A 64 18.93 31.51 12.85
N SER A 65 19.64 32.03 11.84
CA SER A 65 19.04 32.99 10.91
C SER A 65 18.06 32.36 9.91
N ARG A 66 18.06 31.04 9.79
CA ARG A 66 17.24 30.40 8.76
C ARG A 66 16.55 29.09 9.15
N LEU A 67 16.52 28.79 10.43
CA LEU A 67 15.99 27.54 10.90
C LEU A 67 14.94 27.75 11.98
N SER A 68 13.77 27.15 11.80
CA SER A 68 12.75 27.16 12.84
C SER A 68 12.15 25.77 13.00
N ILE A 69 12.02 25.34 14.25
CA ILE A 69 11.39 24.08 14.59
C ILE A 69 10.13 24.41 15.40
N SER A 70 9.05 23.71 15.14
CA SER A 70 7.81 23.93 15.88
C SER A 70 7.04 22.64 15.96
N LYS A 71 5.85 22.66 16.55
CA LYS A 71 5.11 21.41 16.72
C LYS A 71 3.62 21.54 17.05
N ASP A 72 2.94 20.41 16.93
CA ASP A 72 1.51 20.28 17.29
C ASP A 72 1.38 19.07 18.21
N ASN A 73 1.35 19.33 19.52
CA ASN A 73 1.33 18.26 20.52
C ASN A 73 0.22 17.26 20.27
N SER A 74 -1.01 17.73 20.00
CA SER A 74 -2.16 16.82 19.88
C SER A 74 -2.06 15.88 18.67
N LYS A 75 -1.45 16.35 17.60
CA LYS A 75 -1.26 15.53 16.41
C LYS A 75 0.09 14.81 16.37
N SER A 76 0.87 14.94 17.45
CA SER A 76 2.20 14.31 17.57
C SER A 76 3.15 14.67 16.41
N HIS A 77 3.09 15.93 16.01
CA HIS A 77 3.83 16.41 14.85
C HIS A 77 4.92 17.41 15.27
N VAL A 78 6.12 17.22 14.76
CA VAL A 78 7.17 18.21 14.90
C VAL A 78 7.52 18.69 13.51
N PHE A 79 7.65 20.00 13.36
CA PHE A 79 7.88 20.60 12.06
C PHE A 79 9.25 21.19 12.04
N PHE A 80 10.10 20.68 11.13
CA PHE A 80 11.41 21.24 10.85
C PHE A 80 11.31 22.07 9.58
N LYS A 81 11.91 23.25 9.59
CA LYS A 81 11.84 24.14 8.47
C LYS A 81 13.09 25.01 8.35
N MET A 82 13.77 24.92 7.22
CA MET A 82 15.00 25.64 6.99
C MET A 82 14.96 26.40 5.67
N ASN A 83 15.36 27.67 5.68
CA ASN A 83 15.31 28.52 4.51
C ASN A 83 16.62 28.45 3.78
N SER A 84 16.63 28.99 2.56
CA SER A 84 17.83 29.28 1.76
C SER A 84 18.88 28.18 1.64
N LEU A 85 18.43 27.00 1.21
CA LEU A 85 19.31 25.86 1.09
C LEU A 85 20.24 26.02 -0.09
N GLN A 86 21.48 25.57 0.07
CA GLN A 86 22.46 25.62 -0.98
C GLN A 86 23.09 24.24 -1.09
N ALA A 87 23.97 24.07 -2.07
CA ALA A 87 24.59 22.77 -2.34
C ALA A 87 25.06 22.06 -1.06
N ASN A 88 25.81 22.77 -0.22
CA ASN A 88 26.35 22.22 1.03
C ASN A 88 25.33 21.94 2.14
N ASP A 89 24.05 22.19 1.87
CA ASP A 89 22.97 21.75 2.75
C ASP A 89 22.46 20.35 2.37
N THR A 90 23.04 19.76 1.33
CA THR A 90 22.74 18.38 0.95
C THR A 90 23.18 17.45 2.08
N ALA A 91 22.25 16.64 2.56
CA ALA A 91 22.47 15.78 3.72
C ALA A 91 21.29 14.91 3.98
N ILE A 92 21.46 13.92 4.86
CA ILE A 92 20.36 13.18 5.42
C ILE A 92 19.93 13.86 6.71
N TYR A 93 18.65 14.20 6.81
CA TYR A 93 18.11 14.90 7.98
C TYR A 93 17.30 13.93 8.85
N TYR A 94 17.53 14.01 10.16
CA TYR A 94 16.84 13.15 11.14
C TYR A 94 16.17 14.00 12.20
N CYS A 95 14.96 13.62 12.62
CA CYS A 95 14.44 13.99 13.93
C CYS A 95 14.86 12.85 14.87
N ALA A 96 15.04 13.16 16.16
CA ALA A 96 15.54 12.17 17.10
C ALA A 96 15.32 12.53 18.56
N ARG A 97 15.13 11.50 19.35
CA ARG A 97 15.24 11.60 20.80
C ARG A 97 16.73 11.48 21.21
N MET A 98 17.20 12.51 21.92
CA MET A 98 18.60 12.56 22.40
C MET A 98 18.62 13.14 23.81
N ARG A 99 19.78 13.12 24.46
CA ARG A 99 19.94 13.48 25.87
C ARG A 99 19.03 12.60 26.68
N ILE A 100 19.29 11.31 26.65
CA ILE A 100 18.29 10.41 27.15
C ILE A 100 18.56 10.01 28.60
N THR A 101 17.46 9.65 29.26
CA THR A 101 17.39 9.45 30.70
C THR A 101 16.92 8.02 31.08
N THR A 102 16.34 7.32 30.10
CA THR A 102 15.57 6.11 30.32
C THR A 102 16.09 4.95 29.46
N ASP A 103 15.84 3.72 29.90
CA ASP A 103 16.13 2.52 29.09
C ASP A 103 15.53 2.47 27.70
N TRP A 104 14.42 3.19 27.52
CA TRP A 104 13.38 2.74 26.60
C TRP A 104 12.93 3.70 25.52
N PHE A 105 12.50 4.89 25.92
CA PHE A 105 11.67 5.76 25.09
C PHE A 105 12.50 6.66 24.16
N ALA A 106 13.39 6.05 23.38
CA ALA A 106 14.45 6.75 22.69
C ALA A 106 14.59 6.19 21.28
N TYR A 107 14.12 6.93 20.28
CA TYR A 107 14.45 6.56 18.91
C TYR A 107 14.80 7.72 18.02
N TRP A 108 15.19 7.32 16.84
CA TRP A 108 15.48 8.23 15.75
C TRP A 108 14.54 8.01 14.58
N GLY A 109 14.24 9.09 13.86
CA GLY A 109 13.50 9.01 12.61
C GLY A 109 14.32 8.23 11.59
N GLN A 110 13.63 7.73 10.55
CA GLN A 110 14.28 6.92 9.53
C GLN A 110 15.32 7.74 8.78
N GLY A 111 15.05 9.02 8.56
CA GLY A 111 16.03 9.87 7.86
C GLY A 111 15.58 10.27 6.48
N THR A 112 15.70 11.55 6.16
CA THR A 112 15.24 12.10 4.90
C THR A 112 16.44 12.63 4.13
N LEU A 113 16.82 11.94 3.05
CA LEU A 113 17.92 12.39 2.19
C LEU A 113 17.47 13.59 1.38
N VAL A 114 18.13 14.72 1.58
CA VAL A 114 17.80 15.93 0.85
C VAL A 114 18.94 16.43 -0.04
N THR A 115 18.66 16.49 -1.32
CA THR A 115 19.63 17.00 -2.28
C THR A 115 19.21 18.37 -2.74
N VAL A 116 20.14 19.31 -2.74
CA VAL A 116 19.84 20.67 -3.14
C VAL A 116 20.46 20.90 -4.49
N SER A 117 19.62 21.01 -5.52
CA SER A 117 20.10 21.15 -6.90
C SER A 117 19.01 21.67 -7.83
N ALA A 118 19.44 22.35 -8.90
CA ALA A 118 18.52 22.86 -9.93
C ALA A 118 18.58 22.01 -11.19
N ALA A 119 19.27 20.88 -11.15
CA ALA A 119 19.39 20.05 -12.32
C ALA A 119 18.04 19.47 -12.71
N LYS A 120 17.80 19.34 -14.00
CA LYS A 120 16.56 18.75 -14.49
C LYS A 120 16.75 17.24 -14.57
N THR A 121 15.65 16.51 -14.62
CA THR A 121 15.74 15.09 -14.91
C THR A 121 16.51 14.89 -16.19
N THR A 122 17.50 14.01 -16.16
CA THR A 122 18.38 13.80 -17.30
C THR A 122 18.80 12.35 -17.38
N PRO A 123 18.57 11.70 -18.53
CA PRO A 123 19.02 10.32 -18.63
C PRO A 123 20.55 10.24 -18.72
N PRO A 124 21.11 9.07 -18.38
CA PRO A 124 22.53 8.86 -18.47
C PRO A 124 22.99 8.56 -19.88
N SER A 125 24.20 8.96 -20.23
CA SER A 125 24.89 8.39 -21.39
C SER A 125 25.64 7.18 -20.85
N VAL A 126 25.63 6.08 -21.58
CA VAL A 126 26.29 4.85 -21.14
C VAL A 126 27.39 4.45 -22.11
N TYR A 127 28.61 4.30 -21.62
CA TYR A 127 29.75 3.97 -22.47
C TYR A 127 30.39 2.70 -21.99
N PRO A 128 30.74 1.81 -22.94
CA PRO A 128 31.42 0.58 -22.59
C PRO A 128 32.89 0.84 -22.31
N LEU A 129 33.44 0.06 -21.39
CA LEU A 129 34.85 0.12 -21.07
C LEU A 129 35.44 -1.23 -21.41
N ALA A 130 36.03 -1.33 -22.61
CA ALA A 130 36.79 -2.50 -23.03
C ALA A 130 38.27 -2.22 -22.86
N PRO A 131 39.07 -3.26 -22.56
CA PRO A 131 40.50 -3.02 -22.47
C PRO A 131 41.08 -2.45 -23.76
N GLY A 132 42.12 -1.63 -23.63
CA GLY A 132 42.83 -1.06 -24.79
C GLY A 132 43.39 -2.11 -25.74
N SER A 133 43.62 -1.68 -26.99
CA SER A 133 44.15 -2.56 -28.04
C SER A 133 45.47 -3.22 -27.66
N ALA A 134 46.39 -2.43 -27.12
CA ALA A 134 47.68 -2.97 -26.67
C ALA A 134 47.73 -3.42 -25.18
N ALA A 135 46.58 -3.76 -24.60
CA ALA A 135 46.55 -4.32 -23.26
C ALA A 135 47.05 -5.75 -23.30
N GLN A 136 47.68 -6.17 -22.20
CA GLN A 136 48.04 -7.56 -22.02
C GLN A 136 46.78 -8.35 -21.72
N THR A 137 46.70 -9.54 -22.29
CA THR A 137 45.69 -10.51 -21.86
C THR A 137 46.25 -11.15 -20.59
N ASN A 138 45.45 -11.13 -19.52
CA ASN A 138 45.76 -11.86 -18.27
C ASN A 138 44.57 -12.76 -17.88
N SER A 139 44.81 -13.78 -17.04
CA SER A 139 43.87 -14.91 -16.87
C SER A 139 42.42 -14.52 -16.52
N MET A 140 42.26 -13.45 -15.75
CA MET A 140 40.96 -12.78 -15.59
C MET A 140 41.00 -11.50 -16.43
N VAL A 141 39.86 -11.11 -16.97
CA VAL A 141 39.74 -9.84 -17.68
C VAL A 141 38.66 -8.98 -17.03
N THR A 142 38.96 -7.70 -16.82
CA THR A 142 38.04 -6.79 -16.19
C THR A 142 37.44 -5.87 -17.25
N LEU A 143 36.12 -5.77 -17.25
CA LEU A 143 35.39 -4.88 -18.13
C LEU A 143 34.59 -3.90 -17.30
N GLY A 144 34.00 -2.91 -17.95
CA GLY A 144 33.21 -1.93 -17.23
C GLY A 144 32.17 -1.21 -18.06
N CYS A 145 31.48 -0.31 -17.37
CA CYS A 145 30.41 0.45 -17.95
C CYS A 145 30.46 1.84 -17.30
N LEU A 146 30.53 2.90 -18.12
CA LEU A 146 30.56 4.25 -17.59
C LEU A 146 29.21 4.89 -17.82
N VAL A 147 28.58 5.28 -16.72
CA VAL A 147 27.26 5.87 -16.74
C VAL A 147 27.37 7.32 -16.35
N LYS A 148 27.17 8.20 -17.33
CA LYS A 148 27.59 9.59 -17.20
C LYS A 148 26.45 10.58 -17.37
N GLY A 149 26.53 11.68 -16.63
CA GLY A 149 25.65 12.81 -16.84
C GLY A 149 24.16 12.50 -16.66
N TYR A 150 23.78 11.97 -15.51
CA TYR A 150 22.37 11.75 -15.21
C TYR A 150 21.92 12.48 -13.97
N PHE A 151 20.62 12.67 -13.86
CA PHE A 151 20.04 13.29 -12.69
C PHE A 151 18.53 13.04 -12.68
N PRO A 152 17.96 12.71 -11.50
CA PRO A 152 18.59 12.53 -10.20
C PRO A 152 19.09 11.11 -10.02
N GLU A 153 19.67 10.83 -8.85
CA GLU A 153 19.92 9.46 -8.43
C GLU A 153 18.60 8.75 -8.13
N PRO A 154 18.59 7.41 -8.19
CA PRO A 154 19.70 6.52 -8.50
C PRO A 154 19.63 5.96 -9.94
N VAL A 155 20.73 5.31 -10.34
CA VAL A 155 20.70 4.35 -11.44
C VAL A 155 20.97 2.97 -10.83
N THR A 156 20.52 1.92 -11.51
CA THR A 156 20.90 0.56 -11.13
C THR A 156 21.67 -0.01 -12.31
N VAL A 157 22.67 -0.84 -12.01
CA VAL A 157 23.45 -1.50 -13.03
C VAL A 157 23.40 -3.00 -12.75
N THR A 158 23.15 -3.78 -13.79
CA THR A 158 23.30 -5.23 -13.71
C THR A 158 24.11 -5.66 -14.92
N TRP A 159 24.58 -6.90 -14.90
CA TRP A 159 25.35 -7.42 -16.01
C TRP A 159 24.70 -8.70 -16.49
N ASN A 160 24.52 -8.79 -17.81
CA ASN A 160 23.83 -9.93 -18.43
C ASN A 160 22.51 -10.22 -17.72
N SER A 161 21.73 -9.16 -17.53
CA SER A 161 20.57 -9.14 -16.64
C SER A 161 21.04 -9.47 -15.22
N GLY A 162 20.54 -10.55 -14.65
CA GLY A 162 21.02 -11.00 -13.32
C GLY A 162 22.13 -12.05 -13.38
N SER A 163 22.58 -12.39 -14.58
CA SER A 163 23.37 -13.60 -14.83
C SER A 163 24.73 -13.51 -14.17
N LEU A 164 25.37 -12.35 -14.33
CA LEU A 164 26.68 -12.07 -13.75
C LEU A 164 26.50 -11.32 -12.43
N SER A 165 26.59 -12.05 -11.32
CA SER A 165 26.54 -11.46 -9.98
C SER A 165 27.94 -11.29 -9.42
N SER A 166 28.69 -12.38 -9.42
CA SER A 166 30.04 -12.41 -8.85
C SER A 166 31.01 -11.51 -9.60
N GLY A 167 32.04 -11.05 -8.89
CA GLY A 167 33.08 -10.20 -9.46
C GLY A 167 32.61 -8.84 -9.95
N VAL A 168 31.51 -8.34 -9.39
CA VAL A 168 30.99 -7.03 -9.77
C VAL A 168 31.27 -5.99 -8.67
N HIS A 169 31.61 -4.78 -9.09
CA HIS A 169 31.68 -3.62 -8.20
C HIS A 169 30.99 -2.46 -8.91
N THR A 170 29.92 -1.96 -8.33
CA THR A 170 29.31 -0.74 -8.82
C THR A 170 29.62 0.34 -7.81
N PHE A 171 30.27 1.41 -8.27
CA PHE A 171 30.77 2.42 -7.34
C PHE A 171 29.73 3.48 -7.07
N PRO A 172 29.77 4.13 -5.89
CA PRO A 172 28.84 5.23 -5.62
C PRO A 172 28.99 6.39 -6.60
N ALA A 173 27.87 7.02 -6.94
CA ALA A 173 27.85 8.17 -7.83
C ALA A 173 28.62 9.33 -7.23
N VAL A 174 29.09 10.23 -8.10
CA VAL A 174 29.64 11.51 -7.65
C VAL A 174 29.14 12.62 -8.56
N LEU A 175 28.92 13.82 -8.04
CA LEU A 175 28.46 14.88 -8.88
C LEU A 175 29.56 15.41 -9.77
N GLN A 176 29.24 15.65 -11.03
CA GLN A 176 30.18 16.26 -11.94
C GLN A 176 29.48 17.42 -12.59
N SER A 177 29.83 18.63 -12.18
CA SER A 177 28.98 19.77 -12.42
C SER A 177 27.63 19.43 -11.80
N ASP A 178 26.55 19.65 -12.50
CA ASP A 178 25.24 19.44 -11.93
C ASP A 178 24.75 18.02 -12.13
N LEU A 179 25.58 17.15 -12.68
CA LEU A 179 25.13 15.84 -13.04
C LEU A 179 25.94 14.71 -12.41
N TYR A 180 25.32 13.55 -12.25
CA TYR A 180 25.96 12.41 -11.60
C TYR A 180 26.69 11.53 -12.61
N THR A 181 27.66 10.80 -12.09
CA THR A 181 28.41 9.84 -12.87
C THR A 181 28.77 8.68 -11.97
N LEU A 182 28.61 7.48 -12.48
CA LEU A 182 29.25 6.34 -11.84
C LEU A 182 29.73 5.37 -12.87
N SER A 183 30.46 4.36 -12.39
CA SER A 183 30.89 3.27 -13.24
C SER A 183 30.74 1.97 -12.48
N SER A 184 30.76 0.87 -13.23
CA SER A 184 30.60 -0.45 -12.67
C SER A 184 31.64 -1.30 -13.34
N SER A 185 32.29 -2.18 -12.58
CA SER A 185 33.28 -3.06 -13.15
C SER A 185 32.82 -4.48 -12.96
N VAL A 186 33.24 -5.35 -13.89
CA VAL A 186 32.97 -6.76 -13.78
C VAL A 186 34.20 -7.51 -14.26
N THR A 187 34.54 -8.57 -13.55
CA THR A 187 35.72 -9.34 -13.86
C THR A 187 35.34 -10.77 -14.17
N VAL A 188 35.71 -11.23 -15.35
CA VAL A 188 35.38 -12.57 -15.83
C VAL A 188 36.66 -13.29 -16.26
N PRO A 189 36.56 -14.62 -16.48
CA PRO A 189 37.68 -15.37 -17.05
C PRO A 189 37.98 -14.93 -18.48
N SER A 190 39.25 -14.67 -18.75
CA SER A 190 39.72 -14.23 -20.07
C SER A 190 39.24 -15.13 -21.21
N SER A 191 39.22 -16.43 -20.97
CA SER A 191 38.78 -17.39 -21.98
C SER A 191 37.37 -17.05 -22.50
N THR A 192 36.52 -16.53 -21.64
CA THR A 192 35.10 -16.41 -21.90
C THR A 192 34.66 -15.02 -22.43
N TRP A 193 35.61 -14.10 -22.60
CA TRP A 193 35.36 -12.86 -23.32
C TRP A 193 36.50 -12.61 -24.32
N PRO A 194 36.17 -12.19 -25.55
CA PRO A 194 34.85 -11.82 -26.07
C PRO A 194 33.97 -12.97 -26.60
N SER A 195 34.42 -14.22 -26.47
CA SER A 195 33.67 -15.36 -27.04
C SER A 195 32.24 -15.45 -26.50
N GLU A 196 32.04 -15.20 -25.20
CA GLU A 196 30.71 -15.13 -24.60
C GLU A 196 30.40 -13.64 -24.35
N THR A 197 29.16 -13.25 -24.63
CA THR A 197 28.70 -11.86 -24.51
C THR A 197 28.73 -11.31 -23.08
N VAL A 198 29.08 -10.03 -22.96
CA VAL A 198 29.00 -9.31 -21.69
C VAL A 198 28.33 -7.94 -21.93
N THR A 199 27.20 -7.75 -21.27
CA THR A 199 26.34 -6.59 -21.51
C THR A 199 25.94 -5.98 -20.18
N CYS A 200 26.21 -4.69 -20.01
CA CYS A 200 25.77 -3.99 -18.80
C CYS A 200 24.38 -3.40 -19.04
N ASN A 201 23.49 -3.63 -18.08
CA ASN A 201 22.11 -3.15 -18.14
C ASN A 201 21.96 -2.00 -17.19
N VAL A 202 21.61 -0.84 -17.70
CA VAL A 202 21.50 0.36 -16.89
C VAL A 202 20.05 0.84 -16.85
N ALA A 203 19.53 1.06 -15.65
CA ALA A 203 18.18 1.58 -15.48
C ALA A 203 18.23 2.91 -14.73
N HIS A 204 17.45 3.87 -15.23
CA HIS A 204 17.28 5.15 -14.58
C HIS A 204 15.79 5.47 -14.50
N PRO A 205 15.11 4.93 -13.48
CA PRO A 205 13.66 5.02 -13.34
C PRO A 205 13.09 6.43 -13.45
N ALA A 206 13.83 7.41 -12.97
CA ALA A 206 13.38 8.81 -12.98
C ALA A 206 13.10 9.31 -14.38
N SER A 207 13.98 8.97 -15.33
CA SER A 207 13.77 9.33 -16.74
C SER A 207 13.12 8.21 -17.56
N SER A 208 12.76 7.10 -16.90
CA SER A 208 12.21 5.89 -17.54
C SER A 208 13.14 5.35 -18.61
N THR A 209 14.43 5.29 -18.29
CA THR A 209 15.46 4.84 -19.23
C THR A 209 15.95 3.45 -18.85
N LYS A 210 16.04 2.58 -19.85
CA LYS A 210 16.72 1.28 -19.73
C LYS A 210 17.64 1.19 -20.95
N VAL A 211 18.93 1.02 -20.72
CA VAL A 211 19.90 0.85 -21.80
C VAL A 211 20.74 -0.38 -21.54
N ASP A 212 20.93 -1.18 -22.58
CA ASP A 212 21.88 -2.27 -22.55
C ASP A 212 23.08 -1.82 -23.37
N LYS A 213 24.29 -2.06 -22.86
CA LYS A 213 25.48 -1.76 -23.64
C LYS A 213 26.37 -2.98 -23.68
N LYS A 214 26.55 -3.53 -24.87
CA LYS A 214 27.37 -4.69 -25.06
C LYS A 214 28.83 -4.25 -25.04
N ILE A 215 29.66 -4.98 -24.32
CA ILE A 215 31.08 -4.67 -24.24
C ILE A 215 31.80 -5.46 -25.31
N VAL A 216 32.25 -4.76 -26.34
CA VAL A 216 32.88 -5.39 -27.52
C VAL A 216 34.31 -4.92 -27.62
N PRO A 217 35.22 -5.79 -28.05
CA PRO A 217 36.64 -5.38 -28.13
C PRO A 217 36.84 -4.16 -29.02
N ARG A 218 37.91 -3.42 -28.77
CA ARG A 218 38.28 -2.28 -29.61
C ARG A 218 38.87 -2.72 -30.95
N LEU B 4 -18.19 -16.33 -41.25
CA LEU B 4 -17.02 -17.17 -40.78
C LEU B 4 -17.00 -17.39 -39.25
N LYS B 5 -16.91 -18.64 -38.82
CA LYS B 5 -17.00 -18.98 -37.39
C LYS B 5 -15.68 -19.45 -36.79
N GLU B 6 -15.30 -18.83 -35.68
CA GLU B 6 -14.08 -19.19 -34.97
C GLU B 6 -14.45 -19.87 -33.66
N SER B 7 -13.62 -20.81 -33.23
CA SER B 7 -13.77 -21.40 -31.92
C SER B 7 -12.40 -21.54 -31.28
N GLY B 8 -12.32 -21.24 -30.00
CA GLY B 8 -11.04 -21.28 -29.29
C GLY B 8 -11.08 -20.61 -27.93
N PRO B 9 -9.98 -20.75 -27.18
CA PRO B 9 -9.89 -20.26 -25.79
C PRO B 9 -9.84 -18.76 -25.65
N GLY B 10 -10.57 -18.22 -24.69
CA GLY B 10 -10.48 -16.81 -24.33
C GLY B 10 -9.22 -16.50 -23.53
N LEU B 11 -8.67 -17.53 -22.88
CA LEU B 11 -7.58 -17.37 -21.93
C LEU B 11 -6.51 -18.44 -22.07
N VAL B 12 -5.25 -18.02 -22.11
CA VAL B 12 -4.11 -18.93 -22.25
C VAL B 12 -3.02 -18.62 -21.24
N GLN B 13 -2.49 -19.66 -20.60
CA GLN B 13 -1.39 -19.53 -19.65
C GLN B 13 -0.12 -19.06 -20.37
N PRO B 14 0.69 -18.19 -19.71
CA PRO B 14 2.00 -17.80 -20.25
C PRO B 14 2.87 -19.00 -20.60
N SER B 15 3.41 -19.00 -21.82
CA SER B 15 4.25 -20.10 -22.36
C SER B 15 3.46 -21.30 -22.93
N GLN B 16 2.13 -21.33 -22.76
CA GLN B 16 1.31 -22.41 -23.37
C GLN B 16 0.84 -21.98 -24.76
N SER B 17 0.21 -22.92 -25.46
CA SER B 17 -0.16 -22.74 -26.86
C SER B 17 -1.59 -22.26 -27.04
N LEU B 18 -1.82 -21.63 -28.20
CA LEU B 18 -3.13 -21.13 -28.60
C LEU B 18 -3.57 -21.90 -29.83
N SER B 19 -4.78 -22.47 -29.76
CA SER B 19 -5.36 -23.21 -30.88
C SER B 19 -6.75 -22.69 -31.22
N ILE B 20 -6.89 -22.15 -32.42
CA ILE B 20 -8.16 -21.66 -32.91
C ILE B 20 -8.54 -22.44 -34.16
N THR B 21 -9.83 -22.77 -34.26
CA THR B 21 -10.38 -23.43 -35.41
C THR B 21 -11.37 -22.54 -36.14
N CYS B 22 -11.05 -22.22 -37.39
CA CYS B 22 -11.87 -21.37 -38.22
C CYS B 22 -12.72 -22.23 -39.12
N THR B 23 -14.04 -22.19 -38.94
CA THR B 23 -14.97 -22.92 -39.79
C THR B 23 -15.53 -21.96 -40.83
N VAL B 24 -15.48 -22.38 -42.08
CA VAL B 24 -15.81 -21.54 -43.21
C VAL B 24 -17.14 -21.94 -43.85
N SER B 25 -17.88 -20.93 -44.32
CA SER B 25 -19.17 -21.15 -44.99
C SER B 25 -19.49 -19.96 -45.93
N GLY B 26 -19.99 -20.28 -47.12
CA GLY B 26 -20.23 -19.30 -48.17
C GLY B 26 -19.29 -19.43 -49.35
N PHE B 27 -18.12 -20.03 -49.14
CA PHE B 27 -17.17 -20.28 -50.21
C PHE B 27 -16.47 -21.62 -49.95
N SER B 28 -15.60 -22.02 -50.87
CA SER B 28 -14.88 -23.29 -50.75
C SER B 28 -13.40 -23.07 -50.48
N LEU B 29 -12.83 -23.88 -49.57
CA LEU B 29 -11.39 -23.84 -49.26
C LEU B 29 -10.50 -24.36 -50.39
N THR B 30 -11.09 -25.13 -51.32
CA THR B 30 -10.40 -25.55 -52.54
C THR B 30 -10.13 -24.37 -53.49
N THR B 31 -10.89 -23.28 -53.31
CA THR B 31 -10.84 -22.12 -54.20
C THR B 31 -10.07 -20.96 -53.60
N TYR B 32 -10.10 -20.81 -52.26
CA TYR B 32 -9.57 -19.61 -51.63
C TYR B 32 -8.68 -19.87 -50.41
N GLY B 33 -7.67 -19.02 -50.26
CA GLY B 33 -6.76 -19.04 -49.11
C GLY B 33 -7.29 -18.24 -47.94
N VAL B 34 -6.88 -18.63 -46.73
CA VAL B 34 -7.39 -18.00 -45.51
C VAL B 34 -6.24 -17.43 -44.69
N HIS B 35 -6.35 -16.14 -44.39
CA HIS B 35 -5.29 -15.42 -43.68
C HIS B 35 -5.64 -15.33 -42.21
N TRP B 36 -4.60 -15.16 -41.39
CA TRP B 36 -4.79 -14.94 -39.95
C TRP B 36 -4.19 -13.61 -39.56
N VAL B 37 -5.00 -12.83 -38.85
CA VAL B 37 -4.66 -11.48 -38.47
C VAL B 37 -5.01 -11.30 -37.00
N ARG B 38 -4.22 -10.49 -36.30
CA ARG B 38 -4.54 -10.17 -34.93
C ARG B 38 -4.52 -8.68 -34.70
N GLN B 39 -5.11 -8.29 -33.59
CA GLN B 39 -5.34 -6.90 -33.33
C GLN B 39 -5.23 -6.58 -31.87
N SER B 40 -4.37 -5.61 -31.56
CA SER B 40 -4.21 -5.10 -30.22
C SER B 40 -4.44 -3.60 -30.22
N PRO B 41 -4.62 -3.02 -29.03
CA PRO B 41 -4.62 -1.55 -28.97
C PRO B 41 -3.24 -0.93 -29.24
N GLY B 42 -2.17 -1.62 -28.85
CA GLY B 42 -0.80 -1.15 -29.06
C GLY B 42 -0.32 -1.24 -30.50
N LYS B 43 -0.56 -2.37 -31.15
CA LYS B 43 0.01 -2.64 -32.49
C LYS B 43 -0.93 -2.40 -33.67
N GLY B 44 -2.20 -2.08 -33.40
CA GLY B 44 -3.19 -2.00 -34.48
C GLY B 44 -3.47 -3.36 -35.07
N LEU B 45 -3.49 -3.46 -36.40
CA LEU B 45 -3.67 -4.75 -37.06
C LEU B 45 -2.34 -5.32 -37.49
N GLU B 46 -2.26 -6.64 -37.41
CA GLU B 46 -1.02 -7.34 -37.64
C GLU B 46 -1.23 -8.65 -38.39
N TRP B 47 -0.68 -8.74 -39.60
CA TRP B 47 -0.81 -9.94 -40.43
C TRP B 47 0.12 -11.01 -39.90
N LEU B 48 -0.40 -12.23 -39.76
CA LEU B 48 0.33 -13.32 -39.13
C LEU B 48 0.71 -14.40 -40.11
N GLY B 49 -0.26 -14.86 -40.90
CA GLY B 49 0.03 -15.85 -41.93
C GLY B 49 -1.11 -16.12 -42.88
N VAL B 50 -0.89 -17.11 -43.75
CA VAL B 50 -1.89 -17.61 -44.69
C VAL B 50 -1.68 -19.10 -44.91
N ILE B 51 -2.77 -19.75 -45.24
CA ILE B 51 -2.72 -21.04 -45.90
C ILE B 51 -3.45 -20.88 -47.23
N TRP B 52 -2.74 -21.17 -48.31
CA TRP B 52 -3.29 -21.04 -49.66
C TRP B 52 -4.14 -22.25 -50.00
N SER B 53 -5.10 -22.06 -50.92
CA SER B 53 -6.08 -23.09 -51.23
C SER B 53 -5.39 -24.43 -51.44
N GLY B 54 -4.27 -24.42 -52.16
CA GLY B 54 -3.51 -25.58 -52.42
C GLY B 54 -2.09 -25.14 -52.61
N GLY B 55 -1.20 -25.52 -51.71
CA GLY B 55 -1.48 -26.03 -50.35
C GLY B 55 -0.47 -25.53 -49.32
N SER B 56 0.32 -24.53 -49.70
CA SER B 56 1.47 -24.04 -48.95
C SER B 56 1.02 -22.94 -48.00
N THR B 57 1.93 -22.56 -47.11
CA THR B 57 1.70 -21.56 -46.09
C THR B 57 2.78 -20.49 -46.11
N ASP B 58 2.43 -19.30 -45.66
CA ASP B 58 3.39 -18.21 -45.55
C ASP B 58 3.17 -17.47 -44.25
N TYR B 59 4.26 -17.16 -43.57
CA TYR B 59 4.19 -16.68 -42.20
C TYR B 59 4.95 -15.38 -42.03
N ASN B 60 4.41 -14.49 -41.19
CA ASN B 60 5.12 -13.32 -40.71
C ASN B 60 6.45 -13.78 -40.09
N ALA B 61 7.56 -13.20 -40.57
CA ALA B 61 8.92 -13.64 -40.18
C ALA B 61 9.13 -13.71 -38.67
N ALA B 62 8.46 -12.82 -37.94
CA ALA B 62 8.54 -12.77 -36.49
C ALA B 62 7.81 -13.92 -35.78
N PHE B 63 7.02 -14.69 -36.51
CA PHE B 63 6.28 -15.81 -35.93
C PHE B 63 6.73 -17.17 -36.41
N ILE B 64 7.61 -17.17 -37.42
CA ILE B 64 8.43 -18.32 -37.69
C ILE B 64 9.25 -18.38 -36.41
N SER B 65 9.42 -19.54 -35.77
CA SER B 65 8.76 -20.80 -36.03
C SER B 65 8.02 -21.19 -34.75
N ARG B 66 7.12 -20.33 -34.27
CA ARG B 66 6.15 -20.76 -33.28
C ARG B 66 4.71 -20.68 -33.78
N LEU B 67 4.52 -20.62 -35.10
CA LEU B 67 3.19 -20.55 -35.67
C LEU B 67 3.03 -21.54 -36.81
N SER B 68 1.98 -22.36 -36.74
CA SER B 68 1.60 -23.22 -37.85
C SER B 68 0.11 -23.12 -38.14
N ILE B 69 -0.21 -22.96 -39.41
CA ILE B 69 -1.59 -22.93 -39.89
C ILE B 69 -1.79 -24.17 -40.75
N SER B 70 -2.99 -24.77 -40.73
CA SER B 70 -3.28 -26.04 -41.46
C SER B 70 -4.72 -26.44 -41.92
N LYS B 71 -4.75 -27.53 -42.71
CA LYS B 71 -5.72 -27.96 -43.75
C LYS B 71 -7.16 -28.45 -43.46
N ASP B 72 -8.03 -28.37 -44.48
CA ASP B 72 -9.45 -28.75 -44.41
C ASP B 72 -9.74 -30.26 -44.65
N ASN B 73 -9.50 -31.07 -43.64
CA ASN B 73 -9.79 -32.49 -43.76
C ASN B 73 -11.27 -32.82 -43.90
N SER B 74 -12.09 -32.11 -43.13
CA SER B 74 -13.51 -32.37 -43.02
C SER B 74 -14.28 -31.06 -42.98
N LYS B 75 -15.58 -31.12 -43.27
CA LYS B 75 -16.44 -29.98 -43.07
C LYS B 75 -15.87 -28.76 -43.80
N SER B 76 -15.77 -27.62 -43.12
CA SER B 76 -15.19 -26.41 -43.73
C SER B 76 -14.16 -25.71 -42.84
N HIS B 77 -13.00 -26.34 -42.62
CA HIS B 77 -12.10 -26.02 -41.50
C HIS B 77 -10.66 -25.58 -41.77
N VAL B 78 -10.26 -24.48 -41.11
CA VAL B 78 -8.86 -24.07 -41.07
C VAL B 78 -8.36 -23.99 -39.64
N PHE B 79 -7.12 -24.41 -39.40
CA PHE B 79 -6.59 -24.51 -38.05
C PHE B 79 -5.36 -23.65 -37.76
N PHE B 80 -5.46 -22.76 -36.76
CA PHE B 80 -4.41 -21.82 -36.35
C PHE B 80 -3.83 -22.36 -35.06
N LYS B 81 -2.51 -22.32 -34.94
CA LYS B 81 -1.85 -22.85 -33.76
C LYS B 81 -0.51 -22.14 -33.48
N MET B 82 -0.42 -21.50 -32.32
CA MET B 82 0.76 -20.73 -31.94
C MET B 82 1.29 -21.21 -30.59
N ASN B 83 2.61 -21.37 -30.49
CA ASN B 83 3.21 -22.04 -29.30
C ASN B 83 3.57 -21.40 -27.94
N SER B 84 4.29 -20.29 -27.91
CA SER B 84 4.86 -19.78 -26.65
C SER B 84 4.26 -18.43 -26.33
N LEU B 85 3.00 -18.41 -25.91
CA LEU B 85 2.33 -17.12 -25.76
C LEU B 85 2.77 -16.39 -24.49
N GLN B 86 2.91 -15.08 -24.61
CA GLN B 86 3.37 -14.21 -23.52
C GLN B 86 2.50 -12.96 -23.51
N ALA B 87 2.61 -12.16 -22.46
CA ALA B 87 1.72 -11.03 -22.23
C ALA B 87 1.36 -10.28 -23.51
N ASN B 88 2.38 -9.92 -24.30
CA ASN B 88 2.19 -9.15 -25.52
C ASN B 88 1.61 -9.95 -26.70
N ASP B 89 1.21 -11.21 -26.47
CA ASP B 89 0.39 -11.94 -27.42
C ASP B 89 -1.10 -11.80 -27.17
N THR B 90 -1.47 -11.04 -26.13
CA THR B 90 -2.86 -10.71 -25.88
C THR B 90 -3.39 -9.90 -27.04
N ALA B 91 -4.50 -10.36 -27.62
CA ALA B 91 -5.07 -9.73 -28.81
C ALA B 91 -6.37 -10.42 -29.20
N ILE B 92 -7.08 -9.79 -30.14
CA ILE B 92 -8.17 -10.43 -30.84
C ILE B 92 -7.62 -11.05 -32.10
N TYR B 93 -7.88 -12.34 -32.29
CA TYR B 93 -7.38 -13.10 -33.42
C TYR B 93 -8.50 -13.37 -34.43
N TYR B 94 -8.21 -13.12 -35.70
CA TYR B 94 -9.18 -13.33 -36.77
C TYR B 94 -8.63 -14.25 -37.83
N CYS B 95 -9.46 -15.17 -38.33
CA CYS B 95 -9.24 -15.75 -39.67
C CYS B 95 -10.00 -14.86 -40.63
N ALA B 96 -9.50 -14.72 -41.86
CA ALA B 96 -10.08 -13.79 -42.82
C ALA B 96 -9.72 -14.09 -44.26
N ARG B 97 -10.65 -13.76 -45.16
CA ARG B 97 -10.36 -13.63 -46.57
C ARG B 97 -9.74 -12.26 -46.79
N MET B 98 -8.61 -12.25 -47.49
CA MET B 98 -7.93 -11.01 -47.87
C MET B 98 -7.41 -11.18 -49.30
N ARG B 99 -6.78 -10.13 -49.83
CA ARG B 99 -6.32 -10.12 -51.23
C ARG B 99 -7.53 -10.36 -52.13
N ILE B 100 -8.48 -9.44 -52.05
CA ILE B 100 -9.83 -9.63 -52.60
C ILE B 100 -9.91 -9.15 -54.05
N THR B 101 -10.72 -9.87 -54.84
CA THR B 101 -10.85 -9.66 -56.28
C THR B 101 -12.28 -9.44 -56.75
N THR B 102 -13.25 -9.57 -55.86
CA THR B 102 -14.65 -9.35 -56.23
C THR B 102 -15.40 -8.63 -55.14
N ASP B 103 -16.57 -8.11 -55.50
CA ASP B 103 -17.42 -7.35 -54.60
C ASP B 103 -18.02 -8.17 -53.46
N TRP B 104 -17.91 -9.49 -53.44
CA TRP B 104 -18.76 -10.27 -52.55
C TRP B 104 -18.09 -11.13 -51.49
N PHE B 105 -17.15 -11.97 -51.88
CA PHE B 105 -16.74 -13.10 -51.02
C PHE B 105 -15.58 -12.79 -50.09
N ALA B 106 -15.67 -11.70 -49.33
CA ALA B 106 -14.61 -11.36 -48.39
C ALA B 106 -14.97 -11.34 -46.89
N TYR B 107 -15.10 -12.55 -46.33
CA TYR B 107 -15.65 -12.71 -45.01
C TYR B 107 -14.52 -12.77 -43.99
N TRP B 108 -14.66 -12.05 -42.87
CA TRP B 108 -13.78 -12.22 -41.72
C TRP B 108 -14.49 -13.08 -40.69
N GLY B 109 -13.70 -13.79 -39.90
CA GLY B 109 -14.22 -14.45 -38.71
C GLY B 109 -14.69 -13.42 -37.70
N GLN B 110 -15.52 -13.85 -36.75
CA GLN B 110 -16.04 -12.93 -35.73
C GLN B 110 -14.95 -12.40 -34.80
N GLY B 111 -13.93 -13.21 -34.57
CA GLY B 111 -12.80 -12.78 -33.76
C GLY B 111 -12.78 -13.51 -32.44
N THR B 112 -11.59 -13.88 -31.99
CA THR B 112 -11.42 -14.56 -30.73
C THR B 112 -10.50 -13.68 -29.88
N LEU B 113 -11.05 -13.14 -28.79
CA LEU B 113 -10.24 -12.38 -27.84
C LEU B 113 -9.43 -13.36 -27.00
N VAL B 114 -8.11 -13.24 -27.07
CA VAL B 114 -7.25 -14.10 -26.30
C VAL B 114 -6.45 -13.25 -25.32
N THR B 115 -6.55 -13.61 -24.04
CA THR B 115 -5.75 -13.01 -23.00
C THR B 115 -4.75 -14.01 -22.47
N VAL B 116 -3.50 -13.58 -22.36
CA VAL B 116 -2.44 -14.45 -21.89
C VAL B 116 -2.15 -14.04 -20.46
N SER B 117 -2.50 -14.88 -19.51
CA SER B 117 -2.31 -14.59 -18.09
C SER B 117 -2.44 -15.85 -17.25
N ALA B 118 -1.78 -15.83 -16.08
CA ALA B 118 -1.84 -16.94 -15.11
C ALA B 118 -2.84 -16.66 -13.99
N ALA B 119 -3.52 -15.53 -14.07
CA ALA B 119 -4.39 -15.07 -13.01
C ALA B 119 -5.61 -15.97 -12.88
N LYS B 120 -6.10 -16.11 -11.65
CA LYS B 120 -7.33 -16.84 -11.39
C LYS B 120 -8.46 -15.82 -11.32
N THR B 121 -9.71 -16.31 -11.31
CA THR B 121 -10.86 -15.44 -11.07
C THR B 121 -10.70 -14.77 -9.71
N THR B 122 -10.81 -13.45 -9.70
CA THR B 122 -10.57 -12.66 -8.49
C THR B 122 -11.57 -11.53 -8.45
N PRO B 123 -12.29 -11.37 -7.32
CA PRO B 123 -13.18 -10.23 -7.20
C PRO B 123 -12.38 -8.94 -6.95
N PRO B 124 -12.97 -7.78 -7.29
CA PRO B 124 -12.35 -6.47 -7.08
C PRO B 124 -12.44 -5.99 -5.65
N SER B 125 -11.46 -5.22 -5.19
CA SER B 125 -11.63 -4.36 -4.03
C SER B 125 -12.16 -3.04 -4.55
N VAL B 126 -13.10 -2.44 -3.81
CA VAL B 126 -13.71 -1.19 -4.23
C VAL B 126 -13.50 -0.11 -3.18
N TYR B 127 -12.93 1.02 -3.60
CA TYR B 127 -12.63 2.11 -2.67
C TYR B 127 -13.29 3.39 -3.14
N PRO B 128 -13.89 4.13 -2.20
CA PRO B 128 -14.51 5.40 -2.53
C PRO B 128 -13.45 6.48 -2.75
N LEU B 129 -13.74 7.43 -3.62
CA LEU B 129 -12.89 8.59 -3.83
C LEU B 129 -13.68 9.85 -3.52
N ALA B 130 -13.54 10.35 -2.30
CA ALA B 130 -14.14 11.61 -1.87
C ALA B 130 -13.08 12.70 -1.94
N PRO B 131 -13.49 13.95 -2.24
CA PRO B 131 -12.51 15.03 -2.32
C PRO B 131 -11.74 15.20 -1.02
N GLY B 132 -10.48 15.66 -1.11
CA GLY B 132 -9.69 15.95 0.07
C GLY B 132 -10.33 17.00 0.97
N SER B 133 -10.02 16.94 2.26
CA SER B 133 -10.58 17.85 3.24
C SER B 133 -10.43 19.32 2.83
N ALA B 134 -9.21 19.69 2.45
CA ALA B 134 -8.92 21.06 2.01
C ALA B 134 -9.11 21.31 0.49
N ALA B 135 -10.00 20.56 -0.15
CA ALA B 135 -10.38 20.84 -1.53
C ALA B 135 -11.30 22.05 -1.61
N GLN B 136 -11.21 22.77 -2.72
CA GLN B 136 -12.10 23.89 -3.03
C GLN B 136 -13.46 23.33 -3.38
N THR B 137 -14.51 23.98 -2.91
CA THR B 137 -15.89 23.63 -3.33
C THR B 137 -16.51 24.66 -4.32
N ASN B 138 -16.75 24.22 -5.56
CA ASN B 138 -17.39 25.01 -6.62
C ASN B 138 -18.78 24.44 -6.90
N SER B 139 -19.50 25.01 -7.86
CA SER B 139 -20.86 24.56 -8.14
C SER B 139 -20.97 23.07 -8.44
N MET B 140 -19.99 22.48 -9.13
CA MET B 140 -20.02 21.03 -9.34
C MET B 140 -18.96 20.34 -8.49
N VAL B 141 -19.30 19.17 -7.97
CA VAL B 141 -18.34 18.34 -7.23
C VAL B 141 -18.16 16.98 -7.92
N THR B 142 -16.92 16.53 -8.07
CA THR B 142 -16.62 15.27 -8.73
C THR B 142 -16.23 14.21 -7.70
N LEU B 143 -16.89 13.07 -7.76
CA LEU B 143 -16.59 11.94 -6.88
C LEU B 143 -16.16 10.77 -7.73
N GLY B 144 -15.69 9.70 -7.09
CA GLY B 144 -15.27 8.52 -7.81
C GLY B 144 -15.28 7.24 -7.01
N CYS B 145 -14.91 6.17 -7.72
CA CYS B 145 -14.85 4.83 -7.19
C CYS B 145 -13.62 4.17 -7.81
N LEU B 146 -12.78 3.56 -6.99
CA LEU B 146 -11.61 2.84 -7.46
C LEU B 146 -11.87 1.36 -7.32
N VAL B 147 -11.80 0.66 -8.45
CA VAL B 147 -12.05 -0.77 -8.50
C VAL B 147 -10.72 -1.43 -8.82
N LYS B 148 -10.22 -2.19 -7.87
CA LYS B 148 -8.84 -2.64 -7.93
C LYS B 148 -8.68 -4.14 -7.80
N GLY B 149 -7.68 -4.67 -8.50
CA GLY B 149 -7.26 -6.06 -8.33
C GLY B 149 -8.26 -7.15 -8.67
N TYR B 150 -8.91 -7.06 -9.83
CA TYR B 150 -9.86 -8.09 -10.26
C TYR B 150 -9.43 -8.79 -11.54
N PHE B 151 -9.98 -9.97 -11.74
CA PHE B 151 -9.73 -10.75 -12.94
C PHE B 151 -10.80 -11.83 -13.08
N PRO B 152 -11.28 -12.06 -14.31
CA PRO B 152 -10.97 -11.37 -15.56
C PRO B 152 -11.85 -10.14 -15.75
N GLU B 153 -11.67 -9.45 -16.86
CA GLU B 153 -12.63 -8.44 -17.29
C GLU B 153 -13.95 -9.11 -17.67
N PRO B 154 -15.05 -8.36 -17.65
CA PRO B 154 -15.17 -6.95 -17.28
C PRO B 154 -15.76 -6.76 -15.91
N VAL B 155 -15.72 -5.51 -15.43
CA VAL B 155 -16.61 -5.05 -14.37
C VAL B 155 -17.51 -3.97 -14.96
N THR B 156 -18.70 -3.83 -14.38
CA THR B 156 -19.59 -2.74 -14.75
C THR B 156 -19.78 -1.86 -13.53
N VAL B 157 -19.86 -0.56 -13.76
CA VAL B 157 -20.03 0.40 -12.69
C VAL B 157 -21.25 1.24 -12.97
N THR B 158 -22.15 1.35 -11.99
CA THR B 158 -23.27 2.26 -12.10
C THR B 158 -23.25 3.13 -10.86
N TRP B 159 -24.03 4.20 -10.87
CA TRP B 159 -24.11 5.09 -9.74
C TRP B 159 -25.56 5.25 -9.33
N ASN B 160 -25.82 5.08 -8.04
CA ASN B 160 -27.19 5.11 -7.50
C ASN B 160 -28.12 4.21 -8.31
N SER B 161 -27.68 2.96 -8.50
CA SER B 161 -28.43 1.95 -9.27
C SER B 161 -28.68 2.31 -10.76
N GLY B 162 -27.91 3.26 -11.31
CA GLY B 162 -28.13 3.72 -12.68
C GLY B 162 -29.00 4.95 -12.78
N SER B 163 -29.47 5.48 -11.66
CA SER B 163 -30.22 6.73 -11.65
C SER B 163 -29.34 7.93 -12.02
N LEU B 164 -28.07 7.87 -11.63
CA LEU B 164 -27.06 8.83 -12.09
C LEU B 164 -26.42 8.33 -13.38
N SER B 165 -26.92 8.81 -14.52
CA SER B 165 -26.39 8.43 -15.83
C SER B 165 -25.43 9.50 -16.34
N SER B 166 -25.92 10.74 -16.37
CA SER B 166 -25.19 11.88 -16.93
C SER B 166 -24.03 12.23 -16.02
N GLY B 167 -23.00 12.86 -16.60
CA GLY B 167 -21.80 13.26 -15.88
C GLY B 167 -20.96 12.12 -15.33
N VAL B 168 -21.04 10.95 -15.97
CA VAL B 168 -20.26 9.77 -15.57
C VAL B 168 -19.17 9.50 -16.60
N HIS B 169 -17.99 9.09 -16.12
CA HIS B 169 -16.94 8.56 -16.97
C HIS B 169 -16.45 7.31 -16.26
N THR B 170 -16.50 6.17 -16.93
CA THR B 170 -15.84 4.98 -16.43
C THR B 170 -14.71 4.70 -17.39
N PHE B 171 -13.51 4.59 -16.85
CA PHE B 171 -12.30 4.50 -17.67
C PHE B 171 -11.96 3.04 -17.99
N PRO B 172 -11.29 2.81 -19.13
CA PRO B 172 -10.89 1.44 -19.44
C PRO B 172 -9.94 0.83 -18.42
N ALA B 173 -10.08 -0.46 -18.18
CA ALA B 173 -9.21 -1.16 -17.25
C ALA B 173 -7.77 -1.16 -17.76
N VAL B 174 -6.83 -1.31 -16.84
CA VAL B 174 -5.45 -1.58 -17.19
C VAL B 174 -4.92 -2.71 -16.30
N LEU B 175 -3.93 -3.44 -16.82
CA LEU B 175 -3.32 -4.50 -16.05
C LEU B 175 -2.42 -3.90 -15.00
N GLN B 176 -2.35 -4.54 -13.84
CA GLN B 176 -1.44 -4.15 -12.80
C GLN B 176 -0.92 -5.45 -12.18
N SER B 177 0.28 -5.85 -12.63
CA SER B 177 0.75 -7.23 -12.53
C SER B 177 -0.25 -8.12 -13.28
N ASP B 178 -0.76 -9.17 -12.64
CA ASP B 178 -1.79 -10.01 -13.28
C ASP B 178 -3.23 -9.50 -13.13
N LEU B 179 -3.47 -8.37 -12.47
CA LEU B 179 -4.83 -8.02 -12.13
C LEU B 179 -5.24 -6.66 -12.68
N TYR B 180 -6.53 -6.50 -12.91
CA TYR B 180 -7.07 -5.31 -13.55
C TYR B 180 -7.51 -4.27 -12.55
N THR B 181 -7.45 -3.02 -12.97
CA THR B 181 -7.86 -1.88 -12.16
C THR B 181 -8.52 -0.86 -13.02
N LEU B 182 -9.66 -0.36 -12.60
CA LEU B 182 -10.20 0.84 -13.21
C LEU B 182 -10.80 1.78 -12.17
N SER B 183 -11.24 2.92 -12.64
CA SER B 183 -11.98 3.85 -11.82
C SER B 183 -13.12 4.45 -12.61
N SER B 184 -14.03 5.08 -11.88
CA SER B 184 -15.19 5.72 -12.48
C SER B 184 -15.38 7.02 -11.75
N SER B 185 -15.69 8.07 -12.51
CA SER B 185 -15.93 9.36 -11.93
C SER B 185 -17.36 9.76 -12.17
N VAL B 186 -17.90 10.56 -11.26
CA VAL B 186 -19.22 11.12 -11.44
C VAL B 186 -19.21 12.54 -10.92
N THR B 187 -19.87 13.44 -11.63
CA THR B 187 -19.89 14.84 -11.27
C THR B 187 -21.32 15.23 -10.99
N VAL B 188 -21.56 15.81 -9.83
CA VAL B 188 -22.88 16.25 -9.43
C VAL B 188 -22.82 17.71 -8.99
N PRO B 189 -24.02 18.32 -8.80
CA PRO B 189 -24.06 19.64 -8.17
C PRO B 189 -23.64 19.60 -6.70
N SER B 190 -22.73 20.51 -6.35
CA SER B 190 -22.19 20.62 -4.99
C SER B 190 -23.26 20.69 -3.90
N SER B 191 -24.37 21.36 -4.21
CA SER B 191 -25.47 21.49 -3.26
C SER B 191 -26.05 20.13 -2.84
N THR B 192 -25.93 19.13 -3.71
CA THR B 192 -26.58 17.83 -3.50
C THR B 192 -25.72 16.78 -2.80
N TRP B 193 -24.42 17.04 -2.68
CA TRP B 193 -23.55 16.12 -1.95
C TRP B 193 -22.78 16.90 -0.89
N PRO B 194 -22.68 16.34 0.34
CA PRO B 194 -23.14 15.01 0.80
C PRO B 194 -24.62 14.92 1.25
N SER B 195 -25.40 15.98 1.09
CA SER B 195 -26.80 15.96 1.57
C SER B 195 -27.61 14.82 0.93
N GLU B 196 -27.42 14.58 -0.36
CA GLU B 196 -28.04 13.45 -1.04
C GLU B 196 -26.99 12.36 -1.25
N THR B 197 -27.37 11.12 -1.00
CA THR B 197 -26.47 9.97 -1.14
C THR B 197 -25.93 9.75 -2.56
N VAL B 198 -24.66 9.35 -2.64
CA VAL B 198 -24.04 8.93 -3.89
C VAL B 198 -23.30 7.61 -3.62
N THR B 199 -23.68 6.58 -4.37
CA THR B 199 -23.20 5.24 -4.14
C THR B 199 -22.82 4.62 -5.48
N CYS B 200 -21.59 4.13 -5.60
CA CYS B 200 -21.22 3.43 -6.81
C CYS B 200 -21.54 1.94 -6.66
N ASN B 201 -22.13 1.37 -7.71
CA ASN B 201 -22.49 -0.03 -7.73
C ASN B 201 -21.51 -0.70 -8.67
N VAL B 202 -20.81 -1.71 -8.17
CA VAL B 202 -19.83 -2.44 -8.96
C VAL B 202 -20.23 -3.90 -9.11
N ALA B 203 -20.27 -4.37 -10.36
CA ALA B 203 -20.60 -5.75 -10.62
C ALA B 203 -19.40 -6.40 -11.30
N HIS B 204 -19.11 -7.64 -10.89
CA HIS B 204 -18.11 -8.47 -11.52
C HIS B 204 -18.73 -9.87 -11.69
N PRO B 205 -19.44 -10.06 -12.82
CA PRO B 205 -20.18 -11.30 -13.09
C PRO B 205 -19.35 -12.57 -13.02
N ALA B 206 -18.08 -12.49 -13.39
CA ALA B 206 -17.20 -13.65 -13.39
C ALA B 206 -17.08 -14.25 -12.00
N SER B 207 -16.89 -13.40 -10.99
CA SER B 207 -16.82 -13.89 -9.59
C SER B 207 -18.18 -13.85 -8.87
N SER B 208 -19.23 -13.43 -9.59
CA SER B 208 -20.57 -13.22 -9.02
C SER B 208 -20.57 -12.20 -7.88
N THR B 209 -19.87 -11.09 -8.09
CA THR B 209 -19.73 -10.04 -7.10
C THR B 209 -20.61 -8.85 -7.45
N LYS B 210 -21.29 -8.31 -6.43
CA LYS B 210 -21.96 -7.01 -6.51
C LYS B 210 -21.63 -6.25 -5.23
N VAL B 211 -20.98 -5.10 -5.36
CA VAL B 211 -20.63 -4.27 -4.19
C VAL B 211 -21.12 -2.85 -4.39
N ASP B 212 -21.77 -2.31 -3.37
CA ASP B 212 -22.14 -0.92 -3.34
C ASP B 212 -21.13 -0.23 -2.43
N LYS B 213 -20.66 0.95 -2.84
CA LYS B 213 -19.79 1.74 -1.97
C LYS B 213 -20.28 3.17 -1.90
N LYS B 214 -20.71 3.56 -0.70
CA LYS B 214 -21.24 4.90 -0.48
C LYS B 214 -20.08 5.89 -0.36
N ILE B 215 -20.19 7.00 -1.09
CA ILE B 215 -19.14 8.00 -1.07
C ILE B 215 -19.50 8.99 0.04
N VAL B 216 -18.70 8.97 1.09
CA VAL B 216 -18.91 9.79 2.29
C VAL B 216 -17.74 10.77 2.39
N PRO B 217 -17.99 11.95 2.97
CA PRO B 217 -16.89 12.91 3.14
C PRO B 217 -15.80 12.45 4.09
N ARG B 218 -14.59 12.94 3.88
CA ARG B 218 -13.44 12.59 4.69
C ARG B 218 -13.47 13.25 6.06
N ASP B 219 -12.80 12.61 7.02
CA ASP B 219 -12.50 13.16 8.37
C ASP B 219 -13.73 13.50 9.23
N VAL C 2 -27.68 0.32 3.18
CA VAL C 2 -28.67 1.31 3.59
C VAL C 2 -29.43 0.80 4.80
N GLN C 3 -29.49 1.63 5.85
CA GLN C 3 -30.17 1.31 7.09
C GLN C 3 -31.53 2.00 7.20
N LEU C 4 -32.53 1.22 7.61
CA LEU C 4 -33.85 1.70 8.03
C LEU C 4 -33.60 2.56 9.24
N LYS C 5 -34.33 3.68 9.35
CA LYS C 5 -34.12 4.62 10.44
C LYS C 5 -35.03 4.24 11.62
N GLU C 6 -34.43 4.20 12.80
CA GLU C 6 -35.17 4.00 14.03
C GLU C 6 -35.10 5.22 14.93
N SER C 7 -36.21 5.51 15.57
CA SER C 7 -36.35 6.64 16.47
C SER C 7 -36.90 6.15 17.80
N GLY C 8 -36.24 6.51 18.90
CA GLY C 8 -36.68 6.05 20.20
C GLY C 8 -35.70 6.26 21.33
N PRO C 9 -36.14 6.01 22.57
CA PRO C 9 -35.38 6.31 23.80
C PRO C 9 -34.18 5.42 24.00
N GLY C 10 -33.08 6.01 24.46
CA GLY C 10 -31.92 5.24 24.87
C GLY C 10 -32.08 4.66 26.27
N LEU C 11 -32.98 5.24 27.06
CA LEU C 11 -33.11 4.88 28.47
C LEU C 11 -34.59 4.85 28.91
N VAL C 12 -34.98 3.76 29.56
CA VAL C 12 -36.36 3.59 30.03
C VAL C 12 -36.39 3.18 31.48
N GLN C 13 -37.25 3.83 32.27
CA GLN C 13 -37.41 3.52 33.69
C GLN C 13 -38.00 2.13 33.88
N PRO C 14 -37.53 1.38 34.88
CA PRO C 14 -38.14 0.09 35.22
C PRO C 14 -39.67 0.16 35.32
N SER C 15 -40.34 -0.79 34.68
CA SER C 15 -41.81 -0.86 34.64
C SER C 15 -42.48 0.10 33.66
N GLN C 16 -41.74 1.02 33.06
CA GLN C 16 -42.32 1.91 32.05
C GLN C 16 -42.22 1.28 30.66
N SER C 17 -42.81 1.92 29.66
CA SER C 17 -42.92 1.37 28.32
C SER C 17 -41.83 1.86 27.36
N LEU C 18 -41.63 1.08 26.30
CA LEU C 18 -40.66 1.38 25.26
C LEU C 18 -41.37 1.55 23.93
N SER C 19 -41.17 2.69 23.29
CA SER C 19 -41.79 2.99 22.01
C SER C 19 -40.73 3.35 20.97
N ILE C 20 -40.63 2.54 19.92
CA ILE C 20 -39.73 2.80 18.83
C ILE C 20 -40.48 2.91 17.52
N THR C 21 -40.09 3.90 16.72
CA THR C 21 -40.65 4.11 15.40
C THR C 21 -39.59 3.79 14.37
N CYS C 22 -39.94 2.87 13.47
CA CYS C 22 -39.09 2.45 12.38
C CYS C 22 -39.56 3.12 11.11
N THR C 23 -38.72 3.97 10.52
CA THR C 23 -39.05 4.58 9.25
C THR C 23 -38.39 3.82 8.12
N VAL C 24 -39.19 3.51 7.11
CA VAL C 24 -38.79 2.64 6.00
C VAL C 24 -38.62 3.42 4.70
N SER C 25 -37.61 3.02 3.92
CA SER C 25 -37.11 3.79 2.76
C SER C 25 -37.31 3.20 1.34
N GLY C 26 -36.64 2.10 1.00
CA GLY C 26 -36.53 1.68 -0.41
C GLY C 26 -37.69 0.86 -0.97
N PHE C 27 -38.61 0.46 -0.11
CA PHE C 27 -39.67 -0.48 -0.42
C PHE C 27 -40.93 -0.05 0.31
N SER C 28 -42.06 -0.66 -0.02
CA SER C 28 -43.37 -0.26 0.48
C SER C 28 -43.89 -1.23 1.55
N LEU C 29 -44.49 -0.68 2.60
CA LEU C 29 -45.04 -1.51 3.68
C LEU C 29 -46.28 -2.29 3.26
N THR C 30 -46.94 -1.85 2.19
CA THR C 30 -48.07 -2.61 1.62
C THR C 30 -47.59 -3.90 0.95
N THR C 31 -46.31 -3.96 0.62
CA THR C 31 -45.75 -5.09 -0.09
C THR C 31 -44.97 -6.05 0.81
N TYR C 32 -44.31 -5.53 1.85
CA TYR C 32 -43.42 -6.35 2.69
C TYR C 32 -43.71 -6.20 4.16
N GLY C 33 -43.51 -7.28 4.89
CA GLY C 33 -43.63 -7.26 6.34
C GLY C 33 -42.36 -6.75 7.00
N VAL C 34 -42.45 -6.34 8.26
CA VAL C 34 -41.29 -5.86 9.04
C VAL C 34 -41.24 -6.61 10.37
N HIS C 35 -40.06 -7.16 10.65
CA HIS C 35 -39.84 -7.91 11.87
C HIS C 35 -39.12 -7.07 12.90
N TRP C 36 -39.31 -7.45 14.17
CA TRP C 36 -38.59 -6.83 15.25
C TRP C 36 -37.75 -7.85 15.96
N VAL C 37 -36.50 -7.49 16.16
CA VAL C 37 -35.50 -8.37 16.74
C VAL C 37 -34.74 -7.57 17.79
N ARG C 38 -34.31 -8.25 18.86
CA ARG C 38 -33.45 -7.62 19.84
C ARG C 38 -32.26 -8.47 20.15
N GLN C 39 -31.29 -7.83 20.76
CA GLN C 39 -30.01 -8.45 20.95
C GLN C 39 -29.40 -8.03 22.26
N SER C 40 -29.01 -9.04 23.04
CA SER C 40 -28.35 -8.82 24.34
C SER C 40 -27.15 -9.74 24.44
N PRO C 41 -26.13 -9.35 25.23
CA PRO C 41 -24.96 -10.23 25.38
C PRO C 41 -25.32 -11.63 25.90
N GLY C 42 -26.32 -11.72 26.75
CA GLY C 42 -26.74 -13.00 27.31
C GLY C 42 -27.49 -13.88 26.33
N LYS C 43 -28.46 -13.32 25.61
CA LYS C 43 -29.38 -14.11 24.78
C LYS C 43 -29.01 -14.19 23.30
N GLY C 44 -27.98 -13.48 22.86
CA GLY C 44 -27.71 -13.38 21.43
C GLY C 44 -28.89 -12.70 20.76
N LEU C 45 -29.31 -13.18 19.60
CA LEU C 45 -30.41 -12.55 18.86
C LEU C 45 -31.71 -13.23 19.20
N GLU C 46 -32.75 -12.42 19.26
CA GLU C 46 -34.05 -12.85 19.72
C GLU C 46 -35.09 -12.24 18.78
N TRP C 47 -35.94 -13.10 18.19
CA TRP C 47 -37.07 -12.66 17.39
C TRP C 47 -38.31 -12.31 18.26
N LEU C 48 -38.85 -11.12 18.03
CA LEU C 48 -39.89 -10.58 18.91
C LEU C 48 -41.26 -10.56 18.27
N GLY C 49 -41.31 -10.09 17.03
CA GLY C 49 -42.56 -10.11 16.29
C GLY C 49 -42.44 -9.67 14.85
N VAL C 50 -43.60 -9.60 14.19
CA VAL C 50 -43.69 -9.17 12.81
C VAL C 50 -45.04 -8.54 12.57
N ILE C 51 -45.04 -7.48 11.75
CA ILE C 51 -46.28 -7.01 11.15
C ILE C 51 -46.18 -7.29 9.65
N TRP C 52 -47.13 -8.08 9.16
CA TRP C 52 -47.17 -8.47 7.76
C TRP C 52 -47.76 -7.33 6.89
N SER C 53 -47.48 -7.37 5.60
CA SER C 53 -47.92 -6.32 4.70
C SER C 53 -49.43 -6.07 4.78
N GLY C 54 -50.21 -7.16 4.87
CA GLY C 54 -51.67 -7.04 5.02
C GLY C 54 -52.13 -6.52 6.38
N GLY C 55 -51.21 -6.40 7.34
CA GLY C 55 -51.48 -5.71 8.56
C GLY C 55 -51.73 -6.60 9.75
N SER C 56 -51.71 -7.92 9.56
CA SER C 56 -51.81 -8.82 10.72
C SER C 56 -50.43 -8.94 11.36
N THR C 57 -50.42 -9.44 12.60
CA THR C 57 -49.22 -9.51 13.40
C THR C 57 -48.99 -10.90 13.96
N ASP C 58 -47.74 -11.21 14.28
CA ASP C 58 -47.37 -12.41 15.02
C ASP C 58 -46.30 -12.05 16.03
N TYR C 59 -46.38 -12.69 17.19
CA TYR C 59 -45.55 -12.35 18.31
C TYR C 59 -44.88 -13.58 18.95
N ASN C 60 -43.66 -13.38 19.41
CA ASN C 60 -42.96 -14.32 20.29
C ASN C 60 -43.87 -14.63 21.46
N ALA C 61 -44.04 -15.90 21.77
CA ALA C 61 -45.02 -16.33 22.78
C ALA C 61 -44.80 -15.64 24.13
N ALA C 62 -43.55 -15.42 24.49
CA ALA C 62 -43.21 -14.79 25.75
C ALA C 62 -43.63 -13.31 25.84
N PHE C 63 -43.87 -12.67 24.70
CA PHE C 63 -44.16 -11.24 24.69
C PHE C 63 -45.61 -10.90 24.29
N ILE C 64 -46.40 -11.95 24.08
CA ILE C 64 -47.81 -11.85 23.67
C ILE C 64 -48.62 -10.79 24.39
N SER C 65 -48.41 -10.68 25.69
CA SER C 65 -49.26 -9.81 26.49
C SER C 65 -48.72 -8.39 26.72
N ARG C 66 -47.47 -8.11 26.40
CA ARG C 66 -46.96 -6.77 26.61
C ARG C 66 -46.32 -6.13 25.40
N LEU C 67 -46.55 -6.68 24.21
CA LEU C 67 -45.96 -6.18 23.00
C LEU C 67 -47.03 -5.98 21.94
N SER C 68 -47.04 -4.80 21.30
CA SER C 68 -47.84 -4.60 20.10
C SER C 68 -47.02 -3.85 19.05
N ILE C 69 -47.13 -4.35 17.82
CA ILE C 69 -46.53 -3.72 16.66
C ILE C 69 -47.66 -3.21 15.80
N SER C 70 -47.50 -2.04 15.20
CA SER C 70 -48.50 -1.49 14.27
C SER C 70 -47.83 -0.63 13.22
N LYS C 71 -48.59 0.02 12.36
CA LYS C 71 -47.94 0.81 11.30
C LYS C 71 -48.82 1.79 10.57
N ASP C 72 -48.18 2.71 9.83
CA ASP C 72 -48.87 3.69 8.98
C ASP C 72 -48.24 3.57 7.60
N ASN C 73 -48.92 2.86 6.69
CA ASN C 73 -48.41 2.62 5.36
C ASN C 73 -48.01 3.91 4.66
N SER C 74 -48.88 4.92 4.68
CA SER C 74 -48.64 6.13 3.90
C SER C 74 -47.38 6.87 4.35
N LYS C 75 -47.11 6.88 5.65
CA LYS C 75 -45.89 7.51 6.18
C LYS C 75 -44.67 6.61 6.21
N SER C 76 -44.86 5.37 5.79
CA SER C 76 -43.82 4.36 5.85
C SER C 76 -43.24 4.17 7.24
N HIS C 77 -44.15 4.11 8.21
CA HIS C 77 -43.81 4.02 9.63
C HIS C 77 -44.28 2.71 10.23
N VAL C 78 -43.41 2.05 10.98
CA VAL C 78 -43.79 0.89 11.79
C VAL C 78 -43.51 1.16 13.27
N PHE C 79 -44.52 0.93 14.10
CA PHE C 79 -44.49 1.29 15.50
C PHE C 79 -44.34 0.04 16.36
N PHE C 80 -43.23 0.01 17.09
CA PHE C 80 -42.98 -1.01 18.10
C PHE C 80 -43.28 -0.43 19.49
N LYS C 81 -43.96 -1.20 20.30
CA LYS C 81 -44.36 -0.72 21.63
C LYS C 81 -44.45 -1.87 22.65
N MET C 82 -43.64 -1.79 23.69
CA MET C 82 -43.57 -2.83 24.71
C MET C 82 -43.82 -2.22 26.08
N ASN C 83 -44.57 -2.93 26.92
CA ASN C 83 -44.88 -2.49 28.26
C ASN C 83 -43.98 -3.17 29.29
N SER C 84 -43.92 -2.61 30.48
CA SER C 84 -43.31 -3.20 31.69
C SER C 84 -41.89 -3.70 31.55
N LEU C 85 -40.99 -2.83 31.10
CA LEU C 85 -39.60 -3.22 30.88
C LEU C 85 -38.91 -3.38 32.21
N GLN C 86 -37.99 -4.34 32.26
CA GLN C 86 -37.19 -4.56 33.46
C GLN C 86 -35.74 -4.63 33.04
N ALA C 87 -34.86 -4.80 34.01
CA ALA C 87 -33.42 -4.81 33.76
C ALA C 87 -33.04 -5.71 32.58
N ASN C 88 -33.53 -6.94 32.58
CA ASN C 88 -33.18 -7.89 31.53
C ASN C 88 -33.85 -7.63 30.14
N ASP C 89 -34.63 -6.56 30.02
CA ASP C 89 -35.10 -6.07 28.71
C ASP C 89 -34.08 -5.10 28.07
N THR C 90 -32.99 -4.83 28.77
CA THR C 90 -31.90 -4.05 28.22
C THR C 90 -31.36 -4.79 27.02
N ALA C 91 -31.29 -4.10 25.88
CA ALA C 91 -30.90 -4.69 24.61
C ALA C 91 -30.85 -3.65 23.50
N ILE C 92 -30.25 -4.04 22.37
CA ILE C 92 -30.38 -3.30 21.14
C ILE C 92 -31.58 -3.84 20.41
N TYR C 93 -32.47 -2.94 20.00
CA TYR C 93 -33.69 -3.31 19.30
C TYR C 93 -33.59 -2.92 17.84
N TYR C 94 -33.97 -3.85 16.96
CA TYR C 94 -33.94 -3.63 15.52
C TYR C 94 -35.27 -3.92 14.86
N CYS C 95 -35.69 -3.02 13.95
CA CYS C 95 -36.67 -3.40 12.94
C CYS C 95 -35.86 -3.97 11.79
N ALA C 96 -36.44 -4.91 11.04
CA ALA C 96 -35.71 -5.58 9.97
C ALA C 96 -36.59 -6.31 8.96
N ARG C 97 -36.13 -6.32 7.72
CA ARG C 97 -36.63 -7.23 6.70
C ARG C 97 -35.96 -8.58 6.91
N MET C 98 -36.78 -9.63 6.99
CA MET C 98 -36.32 -10.98 7.13
C MET C 98 -37.18 -11.88 6.23
N ARG C 99 -36.87 -13.18 6.23
CA ARG C 99 -37.56 -14.14 5.34
C ARG C 99 -37.38 -13.70 3.92
N ILE C 100 -36.14 -13.57 3.49
CA ILE C 100 -35.92 -12.84 2.26
C ILE C 100 -35.79 -13.78 1.05
N THR C 101 -36.19 -13.23 -0.09
CA THR C 101 -36.36 -13.97 -1.33
C THR C 101 -35.46 -13.48 -2.43
N THR C 102 -34.93 -12.26 -2.30
CA THR C 102 -34.11 -11.63 -3.34
C THR C 102 -33.12 -10.64 -2.75
N ASP C 103 -32.18 -10.19 -3.57
CA ASP C 103 -31.18 -9.22 -3.17
C ASP C 103 -31.67 -7.79 -2.87
N TRP C 104 -32.94 -7.49 -3.15
CA TRP C 104 -33.41 -6.09 -3.12
C TRP C 104 -34.15 -5.69 -1.85
N PHE C 105 -33.83 -4.49 -1.39
CA PHE C 105 -34.34 -3.88 -0.20
C PHE C 105 -34.47 -4.79 1.06
N ALA C 106 -33.46 -5.63 1.30
CA ALA C 106 -33.42 -6.40 2.55
C ALA C 106 -32.57 -5.67 3.60
N TYR C 107 -33.22 -4.73 4.26
CA TYR C 107 -32.58 -3.73 5.09
C TYR C 107 -32.91 -4.00 6.55
N TRP C 108 -31.91 -3.81 7.43
CA TRP C 108 -32.16 -3.73 8.86
C TRP C 108 -32.14 -2.25 9.27
N GLY C 109 -32.82 -1.96 10.37
CA GLY C 109 -32.67 -0.69 11.03
C GLY C 109 -31.31 -0.57 11.69
N GLN C 110 -30.87 0.67 11.93
CA GLN C 110 -29.57 0.94 12.52
C GLN C 110 -29.46 0.33 13.92
N GLY C 111 -30.55 0.30 14.66
CA GLY C 111 -30.57 -0.31 15.97
C GLY C 111 -30.70 0.74 17.05
N THR C 112 -31.52 0.46 18.05
CA THR C 112 -31.74 1.38 19.16
C THR C 112 -31.30 0.65 20.43
N LEU C 113 -30.23 1.15 21.05
CA LEU C 113 -29.79 0.62 22.33
C LEU C 113 -30.75 1.12 23.40
N VAL C 114 -31.36 0.19 24.12
CA VAL C 114 -32.24 0.58 25.20
C VAL C 114 -31.75 0.00 26.51
N THR C 115 -31.49 0.89 27.47
CA THR C 115 -31.08 0.50 28.83
C THR C 115 -32.23 0.79 29.79
N VAL C 116 -32.58 -0.22 30.59
CA VAL C 116 -33.67 -0.10 31.52
C VAL C 116 -33.06 0.11 32.92
N SER C 117 -33.18 1.33 33.43
CA SER C 117 -32.57 1.69 34.70
C SER C 117 -33.17 2.98 35.26
N ALA C 118 -33.11 3.11 36.58
CA ALA C 118 -33.57 4.32 37.26
C ALA C 118 -32.43 5.25 37.64
N ALA C 119 -31.21 4.91 37.27
CA ALA C 119 -30.04 5.74 37.64
C ALA C 119 -30.05 7.11 36.97
N LYS C 120 -29.51 8.12 37.66
CA LYS C 120 -29.31 9.44 37.09
C LYS C 120 -27.86 9.63 36.64
N THR C 121 -27.63 10.65 35.81
CA THR C 121 -26.30 10.95 35.33
C THR C 121 -25.33 11.15 36.49
N THR C 122 -24.23 10.39 36.50
CA THR C 122 -23.29 10.38 37.61
C THR C 122 -21.88 10.32 37.06
N PRO C 123 -21.01 11.21 37.52
CA PRO C 123 -19.62 11.11 37.08
C PRO C 123 -18.90 9.98 37.78
N PRO C 124 -17.83 9.46 37.17
CA PRO C 124 -17.04 8.41 37.77
C PRO C 124 -16.12 8.95 38.85
N SER C 125 -15.81 8.12 39.83
CA SER C 125 -14.63 8.32 40.64
C SER C 125 -13.50 7.57 39.97
N VAL C 126 -12.31 8.15 39.92
CA VAL C 126 -11.18 7.51 39.25
C VAL C 126 -10.06 7.25 40.26
N TYR C 127 -9.61 6.00 40.34
CA TYR C 127 -8.57 5.66 41.30
C TYR C 127 -7.40 5.07 40.55
N PRO C 128 -6.20 5.40 40.97
CA PRO C 128 -5.03 4.79 40.40
C PRO C 128 -4.81 3.40 40.96
N LEU C 129 -4.23 2.52 40.15
CA LEU C 129 -3.83 1.21 40.59
C LEU C 129 -2.31 1.13 40.40
N ALA C 130 -1.60 1.34 41.50
CA ALA C 130 -0.14 1.15 41.54
C ALA C 130 0.17 -0.14 42.28
N PRO C 131 1.23 -0.85 41.85
CA PRO C 131 1.57 -2.08 42.57
C PRO C 131 1.78 -1.86 44.07
N GLY C 132 1.46 -2.87 44.87
CA GLY C 132 1.55 -2.77 46.31
C GLY C 132 3.00 -2.66 46.72
N SER C 133 3.22 -2.18 47.93
CA SER C 133 4.57 -1.87 48.36
C SER C 133 5.42 -3.12 48.26
N ALA C 134 4.90 -4.26 48.63
CA ALA C 134 5.73 -5.43 48.76
C ALA C 134 5.98 -5.97 47.37
N ALA C 135 6.76 -5.17 46.65
CA ALA C 135 6.76 -5.12 45.21
C ALA C 135 7.17 -6.34 44.36
N GLN C 136 8.31 -6.97 44.65
CA GLN C 136 8.77 -8.02 43.76
C GLN C 136 8.78 -7.61 42.25
N THR C 137 9.54 -6.59 41.87
CA THR C 137 9.53 -6.10 40.49
C THR C 137 10.12 -7.03 39.43
N ASN C 138 9.71 -6.80 38.18
CA ASN C 138 9.85 -7.71 37.06
C ASN C 138 10.20 -6.94 35.78
N SER C 139 10.52 -7.65 34.70
CA SER C 139 10.87 -7.01 33.42
C SER C 139 9.84 -5.93 33.03
N MET C 140 8.59 -6.33 33.02
CA MET C 140 7.46 -5.46 32.70
C MET C 140 6.66 -5.19 33.97
N VAL C 141 6.11 -3.99 34.10
CA VAL C 141 5.19 -3.70 35.20
C VAL C 141 3.86 -3.32 34.62
N THR C 142 2.81 -3.70 35.35
CA THR C 142 1.46 -3.38 34.96
C THR C 142 0.85 -2.37 35.92
N LEU C 143 0.28 -1.33 35.36
CA LEU C 143 -0.44 -0.31 36.13
C LEU C 143 -1.87 -0.21 35.62
N GLY C 144 -2.72 0.46 36.37
CA GLY C 144 -4.11 0.55 35.99
C GLY C 144 -4.82 1.74 36.53
N CYS C 145 -6.09 1.82 36.17
N CYS C 145 -6.02 2.03 36.03
CA CYS C 145 -6.97 2.92 36.54
CA CYS C 145 -6.90 2.92 36.76
C CYS C 145 -8.34 2.31 36.78
C CYS C 145 -8.31 2.34 36.82
N LEU C 146 -8.94 2.60 37.95
CA LEU C 146 -10.26 2.09 38.29
C LEU C 146 -11.22 3.24 38.14
N VAL C 147 -12.22 3.04 37.30
CA VAL C 147 -13.22 4.04 37.02
C VAL C 147 -14.57 3.56 37.54
N LYS C 148 -15.02 4.15 38.64
CA LYS C 148 -16.08 3.57 39.44
C LYS C 148 -17.30 4.46 39.60
N GLY C 149 -18.47 3.82 39.65
CA GLY C 149 -19.73 4.47 39.99
C GLY C 149 -20.18 5.56 39.04
N TYR C 150 -20.23 5.27 37.75
CA TYR C 150 -20.71 6.27 36.80
C TYR C 150 -21.95 5.78 36.10
N PHE C 151 -22.68 6.72 35.51
CA PHE C 151 -23.85 6.42 34.71
C PHE C 151 -24.19 7.67 33.88
N PRO C 152 -24.59 7.49 32.61
CA PRO C 152 -24.67 6.25 31.85
C PRO C 152 -23.34 5.93 31.21
N GLU C 153 -23.27 4.82 30.49
CA GLU C 153 -22.16 4.56 29.58
C GLU C 153 -22.18 5.57 28.43
N PRO C 154 -21.03 5.77 27.76
CA PRO C 154 -19.73 5.18 28.03
C PRO C 154 -18.80 6.12 28.79
N VAL C 155 -17.65 5.59 29.19
CA VAL C 155 -16.45 6.38 29.47
C VAL C 155 -15.38 6.00 28.44
N THR C 156 -14.43 6.89 28.20
CA THR C 156 -13.27 6.56 27.40
C THR C 156 -12.06 6.64 28.30
N VAL C 157 -11.07 5.80 28.04
CA VAL C 157 -9.82 5.84 28.79
C VAL C 157 -8.68 5.89 27.77
N THR C 158 -7.74 6.78 28.00
CA THR C 158 -6.48 6.76 27.28
C THR C 158 -5.36 6.84 28.30
N TRP C 159 -4.13 6.62 27.86
CA TRP C 159 -2.96 6.70 28.73
C TRP C 159 -1.95 7.62 28.12
N ASN C 160 -1.47 8.58 28.90
CA ASN C 160 -0.56 9.60 28.44
C ASN C 160 -1.10 10.20 27.15
N SER C 161 -2.33 10.69 27.22
CA SER C 161 -2.98 11.34 26.06
C SER C 161 -3.06 10.46 24.80
N GLY C 162 -2.99 9.14 24.94
CA GLY C 162 -3.04 8.23 23.81
C GLY C 162 -1.66 7.86 23.26
N SER C 163 -0.60 8.44 23.82
CA SER C 163 0.77 8.07 23.41
C SER C 163 1.14 6.65 23.79
N LEU C 164 0.59 6.18 24.90
CA LEU C 164 0.68 4.77 25.27
C LEU C 164 -0.51 4.00 24.67
N SER C 165 -0.29 3.39 23.51
CA SER C 165 -1.34 2.64 22.82
C SER C 165 -1.20 1.16 23.08
N SER C 166 0.01 0.64 22.87
CA SER C 166 0.27 -0.78 23.01
C SER C 166 0.20 -1.17 24.47
N GLY C 167 0.05 -2.47 24.69
CA GLY C 167 0.01 -3.01 26.04
C GLY C 167 -1.13 -2.47 26.90
N VAL C 168 -2.20 -2.01 26.27
CA VAL C 168 -3.39 -1.52 26.97
C VAL C 168 -4.57 -2.49 26.86
N HIS C 169 -5.30 -2.65 27.96
CA HIS C 169 -6.56 -3.35 27.94
C HIS C 169 -7.56 -2.54 28.72
N THR C 170 -8.61 -2.07 28.06
CA THR C 170 -9.70 -1.43 28.78
C THR C 170 -10.86 -2.38 28.75
N PHE C 171 -11.34 -2.77 29.92
CA PHE C 171 -12.31 -3.85 30.03
C PHE C 171 -13.72 -3.31 29.91
N PRO C 172 -14.66 -4.14 29.44
CA PRO C 172 -16.04 -3.67 29.37
C PRO C 172 -16.59 -3.28 30.74
N ALA C 173 -17.48 -2.30 30.75
CA ALA C 173 -18.14 -1.91 31.98
C ALA C 173 -19.06 -3.01 32.47
N VAL C 174 -19.27 -3.08 33.78
CA VAL C 174 -20.30 -3.94 34.38
C VAL C 174 -21.12 -3.13 35.39
N LEU C 175 -22.37 -3.54 35.58
CA LEU C 175 -23.23 -2.92 36.58
C LEU C 175 -22.83 -3.31 38.03
N GLN C 176 -22.82 -2.31 38.89
CA GLN C 176 -22.36 -2.40 40.27
C GLN C 176 -23.27 -1.54 41.12
N SER C 177 -24.24 -2.15 41.77
CA SER C 177 -25.24 -1.42 42.54
C SER C 177 -25.85 -0.31 41.68
N ASP C 178 -26.34 -0.64 40.48
CA ASP C 178 -27.03 0.32 39.59
C ASP C 178 -26.17 1.44 38.96
N LEU C 179 -24.86 1.36 39.16
CA LEU C 179 -23.89 2.23 38.49
C LEU C 179 -22.86 1.34 37.81
N TYR C 180 -22.11 1.92 36.87
CA TYR C 180 -21.14 1.17 36.09
C TYR C 180 -19.75 1.31 36.68
N THR C 181 -18.91 0.34 36.38
CA THR C 181 -17.52 0.35 36.77
C THR C 181 -16.76 -0.27 35.66
N LEU C 182 -15.60 0.27 35.37
CA LEU C 182 -14.61 -0.50 34.60
C LEU C 182 -13.23 -0.17 35.07
N SER C 183 -12.25 -0.88 34.52
CA SER C 183 -10.86 -0.60 34.76
C SER C 183 -10.11 -0.75 33.47
N SER C 184 -8.90 -0.20 33.45
CA SER C 184 -8.02 -0.22 32.29
C SER C 184 -6.63 -0.52 32.79
N SER C 185 -5.95 -1.42 32.10
CA SER C 185 -4.61 -1.78 32.50
C SER C 185 -3.64 -1.36 31.42
N VAL C 186 -2.42 -1.06 31.84
CA VAL C 186 -1.36 -0.74 30.91
C VAL C 186 -0.07 -1.35 31.43
N THR C 187 0.72 -1.91 30.52
CA THR C 187 1.96 -2.56 30.88
C THR C 187 3.10 -1.81 30.23
N VAL C 188 4.10 -1.48 31.04
CA VAL C 188 5.29 -0.78 30.57
C VAL C 188 6.55 -1.42 31.16
N PRO C 189 7.71 -1.12 30.55
CA PRO C 189 8.97 -1.63 31.09
C PRO C 189 9.21 -1.12 32.51
N SER C 190 9.55 -2.04 33.40
CA SER C 190 9.78 -1.73 34.81
C SER C 190 10.79 -0.59 35.00
N SER C 191 11.83 -0.58 34.20
CA SER C 191 12.89 0.44 34.29
C SER C 191 12.39 1.87 34.07
N THR C 192 11.23 2.02 33.44
CA THR C 192 10.70 3.33 33.07
C THR C 192 9.64 3.91 34.00
N TRP C 193 9.14 3.12 34.94
CA TRP C 193 8.21 3.63 35.92
C TRP C 193 8.76 3.32 37.31
N PRO C 194 8.70 4.28 38.24
CA PRO C 194 8.05 5.60 38.16
C PRO C 194 8.89 6.74 37.57
N SER C 195 10.08 6.45 37.05
CA SER C 195 10.92 7.56 36.56
C SER C 195 10.22 8.34 35.44
N GLU C 196 9.59 7.62 34.50
CA GLU C 196 8.79 8.23 33.44
C GLU C 196 7.31 8.15 33.80
N THR C 197 6.61 9.28 33.66
CA THR C 197 5.23 9.42 34.16
C THR C 197 4.22 8.60 33.37
N VAL C 198 3.21 8.12 34.08
CA VAL C 198 2.12 7.37 33.49
C VAL C 198 0.81 7.90 34.05
N THR C 199 -0.06 8.39 33.16
CA THR C 199 -1.28 9.07 33.56
C THR C 199 -2.44 8.52 32.74
N CYS C 200 -3.49 8.09 33.40
CA CYS C 200 -4.67 7.69 32.68
C CYS C 200 -5.61 8.90 32.49
N ASN C 201 -6.18 9.01 31.31
CA ASN C 201 -7.09 10.08 30.98
C ASN C 201 -8.49 9.50 30.83
N VAL C 202 -9.42 9.96 31.67
CA VAL C 202 -10.77 9.43 31.67
C VAL C 202 -11.75 10.52 31.28
N ALA C 203 -12.61 10.21 30.31
CA ALA C 203 -13.67 11.12 29.87
C ALA C 203 -15.03 10.47 30.05
N HIS C 204 -15.98 11.24 30.56
CA HIS C 204 -17.35 10.82 30.68
C HIS C 204 -18.23 11.94 30.13
N PRO C 205 -18.43 11.97 28.80
CA PRO C 205 -19.13 13.06 28.11
C PRO C 205 -20.49 13.39 28.69
N ALA C 206 -21.21 12.37 29.16
CA ALA C 206 -22.57 12.53 29.67
C ALA C 206 -22.62 13.50 30.83
N SER C 207 -21.64 13.41 31.74
CA SER C 207 -21.53 14.36 32.87
C SER C 207 -20.49 15.49 32.63
N SER C 208 -19.97 15.56 31.41
CA SER C 208 -18.93 16.52 31.02
C SER C 208 -17.70 16.46 31.94
N THR C 209 -17.28 15.25 32.24
CA THR C 209 -16.14 15.02 33.13
C THR C 209 -14.92 14.63 32.32
N LYS C 210 -13.78 15.25 32.64
CA LYS C 210 -12.47 14.81 32.16
C LYS C 210 -11.57 14.77 33.38
N VAL C 211 -10.96 13.62 33.64
CA VAL C 211 -10.02 13.51 34.75
C VAL C 211 -8.73 12.84 34.26
N ASP C 212 -7.61 13.39 34.70
CA ASP C 212 -6.30 12.76 34.51
C ASP C 212 -5.80 12.26 35.86
N LYS C 213 -5.44 11.00 35.95
CA LYS C 213 -4.96 10.44 37.21
C LYS C 213 -3.54 9.87 37.02
N LYS C 214 -2.58 10.53 37.67
CA LYS C 214 -1.19 10.12 37.56
C LYS C 214 -0.97 8.92 38.47
N ILE C 215 -0.35 7.88 37.93
CA ILE C 215 -0.12 6.66 38.70
C ILE C 215 1.21 6.81 39.40
N VAL C 216 1.14 6.98 40.72
CA VAL C 216 2.24 7.27 41.57
C VAL C 216 2.46 6.11 42.56
N PRO C 217 3.72 5.76 42.88
CA PRO C 217 3.95 4.66 43.80
C PRO C 217 3.23 4.76 45.18
N ARG C 218 3.05 3.60 45.83
CA ARG C 218 2.62 3.39 47.26
C ARG C 218 1.19 2.81 47.37
N ASP D 1 32.04 26.34 20.26
CA ASP D 1 31.43 24.97 20.42
C ASP D 1 32.43 24.00 21.02
N ILE D 2 31.90 22.97 21.70
CA ILE D 2 32.71 21.90 22.24
C ILE D 2 33.07 20.88 21.16
N LEU D 3 34.36 20.75 20.93
CA LEU D 3 34.86 19.79 19.97
C LEU D 3 34.97 18.44 20.66
N MET D 4 34.43 17.43 20.03
CA MET D 4 34.54 16.06 20.49
C MET D 4 35.49 15.32 19.57
N ASN D 5 36.65 14.93 20.06
CA ASN D 5 37.67 14.21 19.29
C ASN D 5 37.64 12.73 19.57
N GLN D 6 37.33 11.97 18.54
CA GLN D 6 37.19 10.55 18.66
C GLN D 6 38.44 9.92 18.09
N THR D 7 38.96 8.89 18.76
CA THR D 7 40.09 8.14 18.24
C THR D 7 39.95 6.67 18.61
N PRO D 8 40.41 5.76 17.72
CA PRO D 8 40.97 6.05 16.41
C PRO D 8 39.88 6.40 15.39
N LEU D 9 40.29 6.80 14.18
CA LEU D 9 39.37 7.14 13.09
C LEU D 9 38.77 5.84 12.52
N SER D 10 39.62 4.82 12.37
CA SER D 10 39.16 3.47 12.04
C SER D 10 39.87 2.47 12.92
N LEU D 11 39.17 1.39 13.25
CA LEU D 11 39.70 0.38 14.14
C LEU D 11 39.49 -1.02 13.54
N PRO D 12 40.48 -1.52 12.83
CA PRO D 12 40.42 -2.89 12.33
C PRO D 12 40.40 -3.89 13.48
N VAL D 13 39.46 -4.82 13.48
CA VAL D 13 39.46 -5.90 14.47
C VAL D 13 39.10 -7.23 13.86
N SER D 14 39.61 -8.30 14.46
CA SER D 14 39.16 -9.65 14.16
C SER D 14 37.98 -9.92 15.08
N LEU D 15 37.12 -10.85 14.68
CA LEU D 15 36.03 -11.30 15.53
C LEU D 15 36.60 -11.97 16.78
N GLY D 16 35.98 -11.70 17.93
CA GLY D 16 36.49 -12.18 19.20
C GLY D 16 37.34 -11.16 19.94
N ASP D 17 37.91 -10.17 19.22
CA ASP D 17 38.81 -9.19 19.82
C ASP D 17 38.05 -8.29 20.79
N GLN D 18 38.79 -7.71 21.72
CA GLN D 18 38.33 -6.57 22.48
C GLN D 18 38.47 -5.37 21.58
N ALA D 19 37.71 -4.31 21.86
CA ALA D 19 37.85 -3.05 21.14
C ALA D 19 37.64 -1.89 22.08
N SER D 20 38.39 -0.82 21.87
CA SER D 20 38.32 0.36 22.73
C SER D 20 38.31 1.63 21.91
N ILE D 21 37.29 2.44 22.11
CA ILE D 21 37.13 3.67 21.36
C ILE D 21 37.18 4.79 22.38
N SER D 22 37.92 5.84 22.05
CA SER D 22 38.08 6.96 22.95
C SER D 22 37.31 8.18 22.41
N CYS D 23 36.87 9.04 23.32
CA CYS D 23 36.27 10.30 22.98
C CYS D 23 36.73 11.37 23.97
N ARG D 24 37.31 12.45 23.44
CA ARG D 24 37.79 13.58 24.22
C ARG D 24 37.08 14.90 23.89
N SER D 25 36.53 15.55 24.91
CA SER D 25 35.89 16.85 24.74
C SER D 25 36.85 17.98 25.03
N SER D 26 36.64 19.13 24.39
CA SER D 26 37.48 20.31 24.56
C SER D 26 37.18 21.05 25.87
N GLN D 27 36.13 20.62 26.56
CA GLN D 27 35.84 21.12 27.92
C GLN D 27 35.02 20.13 28.75
N TYR D 28 35.12 20.31 30.06
CA TYR D 28 34.51 19.40 31.02
C TYR D 28 33.01 19.24 30.73
N ILE D 29 32.57 18.00 30.60
CA ILE D 29 31.15 17.69 30.41
C ILE D 29 30.42 17.73 31.76
N VAL D 30 29.78 18.87 32.02
CA VAL D 30 29.15 19.12 33.32
C VAL D 30 27.73 18.57 33.35
N HIS D 31 27.22 18.37 34.55
CA HIS D 31 25.87 17.85 34.69
C HIS D 31 24.85 18.93 34.32
N ARG D 32 23.64 18.48 33.99
CA ARG D 32 22.47 19.33 33.96
C ARG D 32 21.43 18.55 34.73
N ASN D 33 20.90 19.17 35.77
CA ASN D 33 19.95 18.55 36.69
C ASN D 33 20.40 17.20 37.20
N GLY D 34 21.71 17.07 37.37
CA GLY D 34 22.28 15.89 37.97
C GLY D 34 22.61 14.80 37.00
N ASN D 35 22.39 15.05 35.71
CA ASN D 35 22.63 14.06 34.67
C ASN D 35 23.80 14.49 33.83
N THR D 36 24.73 13.60 33.55
CA THR D 36 25.82 13.94 32.63
C THR D 36 25.54 13.27 31.28
N TYR D 37 25.17 14.10 30.32
CA TYR D 37 24.70 13.64 29.04
C TYR D 37 25.85 13.38 28.06
N LEU D 38 26.34 12.15 28.10
CA LEU D 38 27.37 11.68 27.18
C LEU D 38 26.83 10.33 26.66
N GLU D 39 26.65 10.29 25.35
CA GLU D 39 26.00 9.15 24.68
C GLU D 39 26.88 8.58 23.60
N TRP D 40 26.74 7.29 23.36
CA TRP D 40 27.40 6.60 22.24
C TRP D 40 26.36 6.00 21.32
N TYR D 41 26.54 6.24 20.03
CA TYR D 41 25.69 5.71 18.97
C TYR D 41 26.50 4.82 18.05
N LEU D 42 25.80 3.81 17.50
CA LEU D 42 26.34 2.95 16.47
C LEU D 42 25.50 3.13 15.23
N GLN D 43 26.13 3.47 14.12
CA GLN D 43 25.44 3.51 12.85
C GLN D 43 25.93 2.41 11.92
N LYS D 44 24.98 1.65 11.40
CA LYS D 44 25.28 0.64 10.42
C LYS D 44 24.88 1.15 9.05
N PRO D 45 25.53 0.65 8.01
CA PRO D 45 25.27 1.12 6.65
C PRO D 45 23.78 1.16 6.31
N GLY D 46 23.31 2.33 5.87
CA GLY D 46 21.93 2.51 5.41
C GLY D 46 20.87 2.62 6.48
N GLN D 47 21.27 2.53 7.74
CA GLN D 47 20.35 2.66 8.86
C GLN D 47 20.62 3.96 9.62
N SER D 48 19.68 4.33 10.47
CA SER D 48 19.85 5.46 11.37
C SER D 48 20.79 5.07 12.50
N PRO D 49 21.42 6.06 13.14
CA PRO D 49 22.20 5.75 14.33
C PRO D 49 21.31 5.21 15.45
N LYS D 50 21.79 4.20 16.17
CA LYS D 50 21.06 3.62 17.29
C LYS D 50 21.86 3.83 18.56
N LEU D 51 21.17 4.12 19.66
CA LEU D 51 21.77 4.43 20.95
C LEU D 51 22.30 3.17 21.59
N LEU D 52 23.54 3.19 22.04
CA LEU D 52 24.10 2.07 22.79
C LEU D 52 24.15 2.40 24.27
N ILE D 53 24.74 3.55 24.57
CA ILE D 53 25.06 3.95 25.92
C ILE D 53 24.58 5.36 26.18
N TYR D 54 23.84 5.55 27.24
CA TYR D 54 23.40 6.87 27.64
C TYR D 54 23.93 7.20 29.02
N LYS D 55 24.07 8.49 29.28
CA LYS D 55 24.56 8.97 30.55
C LYS D 55 25.90 8.37 30.95
N VAL D 56 26.83 8.31 30.01
CA VAL D 56 28.18 7.76 30.21
C VAL D 56 28.31 6.25 30.26
N SER D 57 27.58 5.57 31.12
CA SER D 57 27.77 4.16 31.32
C SER D 57 26.55 3.32 31.23
N ASN D 58 25.42 3.91 30.95
CA ASN D 58 24.18 3.18 31.02
C ASN D 58 23.82 2.49 29.73
N ARG D 59 23.58 1.19 29.80
CA ARG D 59 23.38 0.41 28.59
C ARG D 59 21.91 0.45 28.16
N PHE D 60 21.63 1.00 26.97
CA PHE D 60 20.25 1.17 26.48
C PHE D 60 19.64 -0.20 26.34
N SER D 61 18.32 -0.27 26.42
CA SER D 61 17.63 -1.55 26.41
C SER D 61 17.89 -2.29 25.12
N GLY D 62 18.12 -3.59 25.20
CA GLY D 62 18.45 -4.40 24.04
C GLY D 62 19.94 -4.48 23.69
N VAL D 63 20.76 -3.61 24.27
CA VAL D 63 22.19 -3.61 24.00
C VAL D 63 22.79 -4.67 24.93
N PRO D 64 23.62 -5.56 24.38
CA PRO D 64 24.18 -6.62 25.22
C PRO D 64 25.37 -6.12 26.08
N ASP D 65 25.69 -6.89 27.13
CA ASP D 65 26.69 -6.48 28.13
C ASP D 65 28.15 -6.50 27.66
N ARG D 66 28.42 -6.92 26.43
CA ARG D 66 29.79 -6.81 25.92
C ARG D 66 30.16 -5.35 25.66
N PHE D 67 29.15 -4.48 25.57
CA PHE D 67 29.35 -3.04 25.49
C PHE D 67 29.42 -2.47 26.89
N SER D 68 30.32 -1.50 27.09
CA SER D 68 30.37 -0.74 28.32
C SER D 68 30.93 0.65 28.04
N GLY D 69 30.37 1.64 28.72
CA GLY D 69 30.82 3.01 28.61
C GLY D 69 31.45 3.40 29.93
N SER D 70 32.40 4.32 29.88
CA SER D 70 33.02 4.82 31.09
C SER D 70 33.65 6.16 30.81
N GLY D 71 34.16 6.78 31.89
CA GLY D 71 34.87 8.04 31.79
C GLY D 71 34.21 9.16 32.57
N SER D 72 34.87 10.31 32.60
CA SER D 72 34.30 11.53 33.20
C SER D 72 35.10 12.74 32.75
N GLY D 73 34.46 13.90 32.86
CA GLY D 73 35.12 15.18 32.63
C GLY D 73 35.35 15.47 31.17
N THR D 74 36.56 15.20 30.70
CA THR D 74 36.89 15.37 29.28
C THR D 74 37.29 14.08 28.59
N ASP D 75 37.17 12.96 29.27
CA ASP D 75 37.76 11.70 28.79
C ASP D 75 36.76 10.55 28.93
N PHE D 76 36.33 10.01 27.78
CA PHE D 76 35.32 8.96 27.75
C PHE D 76 35.72 7.82 26.82
N THR D 77 35.27 6.61 27.15
CA THR D 77 35.65 5.40 26.44
C THR D 77 34.50 4.43 26.24
N LEU D 78 34.37 3.89 25.03
CA LEU D 78 33.45 2.81 24.77
C LEU D 78 34.27 1.54 24.56
N LYS D 79 33.94 0.49 25.31
CA LYS D 79 34.59 -0.82 25.17
C LYS D 79 33.67 -1.93 24.73
N ILE D 80 34.17 -2.77 23.83
CA ILE D 80 33.49 -3.98 23.43
C ILE D 80 34.37 -5.12 23.84
N SER D 81 33.87 -5.97 24.72
CA SER D 81 34.72 -6.99 25.30
C SER D 81 35.11 -8.06 24.28
N ARG D 82 34.18 -8.40 23.37
CA ARG D 82 34.38 -9.48 22.39
C ARG D 82 33.54 -9.19 21.13
N VAL D 83 34.19 -8.63 20.10
CA VAL D 83 33.50 -8.12 18.93
C VAL D 83 32.81 -9.23 18.14
N GLU D 84 31.56 -8.96 17.75
CA GLU D 84 30.79 -9.80 16.81
C GLU D 84 30.43 -9.01 15.56
N ALA D 85 30.02 -9.74 14.51
CA ALA D 85 29.80 -9.17 13.19
C ALA D 85 28.87 -7.97 13.28
N GLU D 86 27.78 -8.13 14.00
CA GLU D 86 26.75 -7.10 14.07
C GLU D 86 27.25 -5.79 14.70
N ASP D 87 28.40 -5.82 15.36
CA ASP D 87 28.97 -4.63 15.99
C ASP D 87 29.69 -3.70 15.01
N LEU D 88 29.93 -4.18 13.80
CA LEU D 88 30.66 -3.39 12.81
C LEU D 88 29.79 -2.24 12.36
N GLY D 89 30.43 -1.11 12.10
CA GLY D 89 29.73 0.11 11.69
C GLY D 89 30.51 1.29 12.22
N VAL D 90 29.88 2.45 12.28
CA VAL D 90 30.55 3.66 12.75
C VAL D 90 29.98 4.10 14.08
N TYR D 91 30.86 4.23 15.07
CA TYR D 91 30.48 4.65 16.40
C TYR D 91 30.69 6.14 16.55
N TYR D 92 29.77 6.82 17.24
CA TYR D 92 29.85 8.25 17.52
C TYR D 92 29.59 8.51 19.00
N CYS D 93 30.42 9.36 19.61
CA CYS D 93 30.07 9.94 20.90
C CYS D 93 29.27 11.23 20.65
N PHE D 94 28.51 11.62 21.66
CA PHE D 94 27.68 12.83 21.61
C PHE D 94 27.55 13.42 23.01
N GLN D 95 27.75 14.74 23.12
CA GLN D 95 27.56 15.45 24.37
C GLN D 95 26.33 16.35 24.32
N GLY D 96 25.48 16.21 25.33
CA GLY D 96 24.26 17.03 25.49
C GLY D 96 24.35 17.92 26.71
N SER D 97 25.57 18.34 27.05
CA SER D 97 25.80 19.20 28.20
C SER D 97 25.82 20.67 27.81
N HIS D 98 26.50 20.98 26.73
CA HIS D 98 26.71 22.36 26.33
C HIS D 98 26.12 22.62 24.95
N VAL D 99 25.16 23.54 24.89
CA VAL D 99 24.59 23.99 23.62
C VAL D 99 25.63 24.82 22.88
N PRO D 100 25.85 24.56 21.57
CA PRO D 100 25.23 23.56 20.71
C PRO D 100 25.81 22.18 20.95
N TYR D 101 24.95 21.17 20.95
CA TYR D 101 25.39 19.82 21.24
C TYR D 101 26.14 19.28 20.06
N THR D 102 27.07 18.36 20.31
CA THR D 102 28.06 17.98 19.31
C THR D 102 28.42 16.51 19.37
N PHE D 103 28.78 16.00 18.20
CA PHE D 103 29.15 14.62 17.98
C PHE D 103 30.63 14.52 17.71
N GLY D 104 31.23 13.40 18.07
CA GLY D 104 32.56 13.08 17.62
C GLY D 104 32.54 12.79 16.12
N GLY D 105 33.73 12.72 15.53
CA GLY D 105 33.87 12.53 14.10
C GLY D 105 33.59 11.14 13.60
N GLY D 106 33.50 10.17 14.51
CA GLY D 106 33.22 8.82 14.13
C GLY D 106 34.42 7.90 14.16
N THR D 107 34.20 6.69 14.66
CA THR D 107 35.19 5.63 14.63
C THR D 107 34.56 4.46 13.91
N LYS D 108 35.19 4.07 12.80
CA LYS D 108 34.70 3.00 11.96
C LYS D 108 35.30 1.68 12.40
N LEU D 109 34.48 0.78 12.91
CA LEU D 109 34.94 -0.52 13.35
C LEU D 109 34.87 -1.45 12.15
N GLU D 110 36.01 -2.00 11.77
CA GLU D 110 36.11 -2.76 10.54
C GLU D 110 36.79 -4.08 10.73
N LEU D 111 36.60 -4.96 9.76
CA LEU D 111 37.18 -6.30 9.81
C LEU D 111 38.60 -6.33 9.33
N LYS D 112 39.41 -7.12 10.03
CA LYS D 112 40.79 -7.24 9.71
C LYS D 112 40.91 -8.42 8.74
N ARG D 113 41.76 -8.26 7.73
CA ARG D 113 42.07 -9.34 6.77
C ARG D 113 43.50 -9.18 6.30
N ALA D 114 44.05 -10.23 5.70
CA ALA D 114 45.37 -10.16 5.07
C ALA D 114 45.42 -9.01 4.09
N ASP D 115 46.54 -8.32 4.07
CA ASP D 115 46.78 -7.28 3.09
C ASP D 115 46.63 -7.86 1.68
N ALA D 116 46.14 -7.02 0.76
CA ALA D 116 45.95 -7.42 -0.63
C ALA D 116 46.21 -6.23 -1.55
N ALA D 117 46.94 -6.49 -2.62
CA ALA D 117 47.25 -5.46 -3.59
C ALA D 117 46.04 -5.19 -4.48
N PRO D 118 45.89 -3.93 -4.91
CA PRO D 118 44.81 -3.64 -5.83
C PRO D 118 45.08 -4.22 -7.19
N THR D 119 44.03 -4.73 -7.82
CA THR D 119 44.07 -5.13 -9.20
C THR D 119 43.71 -3.87 -10.01
N VAL D 120 44.70 -3.36 -10.76
CA VAL D 120 44.54 -2.12 -11.49
C VAL D 120 44.28 -2.36 -12.97
N SER D 121 43.29 -1.64 -13.51
CA SER D 121 42.94 -1.70 -14.91
C SER D 121 42.62 -0.31 -15.43
N ILE D 122 43.18 0.03 -16.58
CA ILE D 122 43.00 1.33 -17.19
C ILE D 122 42.19 1.16 -18.48
N PHE D 123 41.38 2.15 -18.78
CA PHE D 123 40.49 2.06 -19.95
C PHE D 123 40.47 3.38 -20.68
N PRO D 124 40.95 3.39 -21.94
CA PRO D 124 40.88 4.58 -22.74
C PRO D 124 39.43 4.96 -22.99
N PRO D 125 39.15 6.19 -23.45
CA PRO D 125 37.80 6.61 -23.80
C PRO D 125 37.20 5.71 -24.89
N SER D 126 35.89 5.47 -24.80
CA SER D 126 35.18 4.73 -25.83
C SER D 126 35.05 5.62 -27.04
N SER D 127 34.84 5.01 -28.20
CA SER D 127 34.62 5.78 -29.44
C SER D 127 33.28 6.52 -29.41
N GLU D 128 32.26 5.93 -28.78
CA GLU D 128 30.96 6.59 -28.61
C GLU D 128 31.13 7.90 -27.85
N GLN D 129 31.95 7.87 -26.81
CA GLN D 129 32.16 9.09 -26.03
C GLN D 129 32.93 10.13 -26.81
N LEU D 130 33.97 9.67 -27.52
CA LEU D 130 34.76 10.54 -28.39
C LEU D 130 33.90 11.24 -29.44
N THR D 131 32.93 10.53 -30.00
CA THR D 131 31.98 11.12 -30.96
C THR D 131 31.28 12.35 -30.39
N SER D 132 30.97 12.30 -29.09
CA SER D 132 30.31 13.41 -28.39
C SER D 132 31.26 14.52 -27.96
N GLY D 133 32.55 14.37 -28.23
CA GLY D 133 33.54 15.41 -27.96
C GLY D 133 34.05 15.40 -26.53
N GLY D 134 33.71 14.35 -25.80
CA GLY D 134 34.24 14.13 -24.44
C GLY D 134 35.22 12.97 -24.41
N ALA D 135 36.13 12.99 -23.43
CA ALA D 135 37.11 11.92 -23.28
C ALA D 135 37.33 11.60 -21.81
N SER D 136 36.83 10.44 -21.37
CA SER D 136 37.04 9.97 -20.01
C SER D 136 37.95 8.77 -20.00
N VAL D 137 39.00 8.84 -19.17
CA VAL D 137 39.89 7.73 -18.93
C VAL D 137 39.60 7.20 -17.55
N VAL D 138 39.33 5.90 -17.48
CA VAL D 138 38.85 5.27 -16.27
C VAL D 138 39.85 4.26 -15.77
N CYS D 139 40.10 4.32 -14.46
CA CYS D 139 40.98 3.39 -13.80
C CYS D 139 40.20 2.68 -12.68
N PHE D 140 40.28 1.37 -12.65
CA PHE D 140 39.71 0.60 -11.55
C PHE D 140 40.84 0.04 -10.72
N LEU D 141 40.69 0.15 -9.40
CA LEU D 141 41.63 -0.42 -8.45
C LEU D 141 40.81 -1.29 -7.52
N ASN D 142 40.84 -2.59 -7.73
CA ASN D 142 39.85 -3.48 -7.12
C ASN D 142 40.44 -4.47 -6.13
N ASN D 143 39.68 -4.73 -5.06
CA ASN D 143 39.97 -5.77 -4.07
C ASN D 143 41.29 -5.64 -3.35
N PHE D 144 41.51 -4.47 -2.76
CA PHE D 144 42.70 -4.20 -1.98
C PHE D 144 42.41 -4.10 -0.50
N TYR D 145 43.48 -4.21 0.29
CA TYR D 145 43.42 -4.08 1.74
C TYR D 145 44.83 -3.80 2.28
N PRO D 146 44.98 -2.84 3.22
CA PRO D 146 43.93 -2.05 3.83
C PRO D 146 43.37 -0.99 2.91
N LYS D 147 42.43 -0.22 3.43
CA LYS D 147 41.67 0.74 2.65
C LYS D 147 42.48 1.96 2.21
N ASP D 148 43.53 2.30 2.93
CA ASP D 148 44.34 3.49 2.59
C ASP D 148 44.96 3.30 1.22
N ILE D 149 44.63 4.19 0.29
CA ILE D 149 45.24 4.12 -1.03
C ILE D 149 45.35 5.49 -1.69
N ASN D 150 46.37 5.64 -2.52
CA ASN D 150 46.55 6.85 -3.28
C ASN D 150 46.65 6.57 -4.77
N VAL D 151 45.92 7.37 -5.55
CA VAL D 151 45.96 7.29 -7.00
C VAL D 151 46.49 8.60 -7.57
N LYS D 152 47.33 8.47 -8.59
CA LYS D 152 47.93 9.61 -9.25
C LYS D 152 47.80 9.38 -10.74
N TRP D 153 47.38 10.40 -11.47
CA TRP D 153 47.37 10.38 -12.93
C TRP D 153 48.58 11.11 -13.53
N LYS D 154 49.17 10.51 -14.55
CA LYS D 154 50.23 11.16 -15.31
C LYS D 154 49.87 11.20 -16.79
N ILE D 155 50.22 12.31 -17.42
CA ILE D 155 49.97 12.51 -18.84
C ILE D 155 51.26 12.96 -19.50
N ASP D 156 51.80 12.09 -20.35
CA ASP D 156 53.13 12.27 -20.92
C ASP D 156 54.13 12.63 -19.82
N GLY D 157 54.09 11.87 -18.74
CA GLY D 157 55.03 12.06 -17.63
C GLY D 157 54.71 13.12 -16.59
N SER D 158 53.74 14.00 -16.88
CA SER D 158 53.37 15.06 -15.94
C SER D 158 52.16 14.67 -15.12
N GLU D 159 52.24 14.92 -13.81
CA GLU D 159 51.12 14.68 -12.93
C GLU D 159 49.93 15.54 -13.34
N ARG D 160 48.73 15.02 -13.16
CA ARG D 160 47.53 15.71 -13.56
C ARG D 160 46.40 15.53 -12.53
N GLN D 161 45.93 16.65 -11.98
CA GLN D 161 44.95 16.64 -10.89
C GLN D 161 43.56 17.10 -11.30
N ASN D 162 43.47 18.19 -12.05
CA ASN D 162 42.16 18.72 -12.43
C ASN D 162 41.47 17.81 -13.45
N GLY D 163 40.17 17.58 -13.23
CA GLY D 163 39.38 16.68 -14.06
C GLY D 163 39.34 15.26 -13.52
N VAL D 164 39.92 15.04 -12.33
CA VAL D 164 39.94 13.72 -11.69
C VAL D 164 38.78 13.58 -10.71
N LEU D 165 38.12 12.43 -10.75
CA LEU D 165 37.05 12.13 -9.79
C LEU D 165 37.17 10.69 -9.34
N ASN D 166 37.20 10.51 -8.02
CA ASN D 166 37.34 9.21 -7.39
C ASN D 166 36.06 8.78 -6.68
N SER D 167 35.93 7.48 -6.51
CA SER D 167 34.81 6.91 -5.80
C SER D 167 35.28 5.63 -5.14
N TRP D 168 34.95 5.51 -3.87
CA TRP D 168 35.40 4.38 -3.09
C TRP D 168 34.22 3.55 -2.67
N THR D 169 34.44 2.25 -2.65
CA THR D 169 33.45 1.30 -2.23
C THR D 169 33.57 1.10 -0.70
N ASP D 170 32.48 0.65 -0.07
CA ASP D 170 32.51 0.21 1.33
C ASP D 170 33.25 -1.12 1.40
N GLN D 171 33.61 -1.54 2.61
CA GLN D 171 34.21 -2.84 2.79
C GLN D 171 33.26 -3.91 2.26
N ASP D 172 33.78 -4.87 1.51
CA ASP D 172 32.99 -5.99 1.00
C ASP D 172 32.59 -6.90 2.17
N SER D 173 31.33 -7.29 2.21
CA SER D 173 30.82 -8.15 3.30
C SER D 173 31.39 -9.58 3.26
N LYS D 174 31.92 -10.03 2.11
CA LYS D 174 32.41 -11.40 1.98
C LYS D 174 33.93 -11.54 2.09
N ASP D 175 34.68 -10.82 1.25
CA ASP D 175 36.14 -10.90 1.27
C ASP D 175 36.81 -9.75 2.05
N SER D 176 36.01 -8.79 2.53
CA SER D 176 36.50 -7.74 3.43
C SER D 176 37.48 -6.77 2.76
N THR D 177 37.47 -6.73 1.43
CA THR D 177 38.37 -5.83 0.70
C THR D 177 37.65 -4.53 0.35
N TYR D 178 38.44 -3.60 -0.16
CA TYR D 178 37.96 -2.34 -0.68
C TYR D 178 38.27 -2.25 -2.17
N SER D 179 37.53 -1.39 -2.86
CA SER D 179 37.72 -1.13 -4.28
C SER D 179 37.51 0.36 -4.56
N MET D 180 38.09 0.86 -5.65
CA MET D 180 38.01 2.27 -5.98
C MET D 180 38.01 2.48 -7.49
N SER D 181 37.31 3.52 -7.95
CA SER D 181 37.41 3.99 -9.33
C SER D 181 37.99 5.39 -9.38
N SER D 182 38.80 5.65 -10.39
CA SER D 182 39.37 6.97 -10.61
C SER D 182 39.15 7.32 -12.08
N THR D 183 38.61 8.49 -12.33
CA THR D 183 38.20 8.87 -13.67
C THR D 183 38.71 10.25 -14.03
N LEU D 184 39.47 10.30 -15.11
CA LEU D 184 40.04 11.55 -15.60
C LEU D 184 39.23 11.99 -16.82
N THR D 185 38.51 13.10 -16.68
CA THR D 185 37.67 13.57 -17.77
C THR D 185 38.35 14.73 -18.49
N LEU D 186 38.34 14.68 -19.82
CA LEU D 186 38.95 15.68 -20.68
C LEU D 186 38.07 15.97 -21.87
N THR D 187 38.37 17.04 -22.58
CA THR D 187 37.79 17.24 -23.90
C THR D 187 38.52 16.31 -24.86
N LYS D 188 37.82 15.90 -25.92
CA LYS D 188 38.45 15.15 -27.02
C LYS D 188 39.71 15.90 -27.46
N ASP D 189 39.57 17.19 -27.75
CA ASP D 189 40.69 17.99 -28.24
C ASP D 189 41.92 17.93 -27.35
N GLU D 190 41.72 18.01 -26.03
CA GLU D 190 42.84 17.89 -25.10
C GLU D 190 43.36 16.45 -25.00
N TYR D 191 42.46 15.49 -25.04
CA TYR D 191 42.85 14.09 -25.00
C TYR D 191 43.82 13.80 -26.14
N GLU D 192 43.54 14.35 -27.32
CA GLU D 192 44.38 14.14 -28.50
C GLU D 192 45.65 14.97 -28.55
N ARG D 193 45.88 15.85 -27.58
CA ARG D 193 47.13 16.58 -27.53
C ARG D 193 48.22 15.77 -26.84
N HIS D 194 47.86 14.62 -26.27
CA HIS D 194 48.78 13.82 -25.48
C HIS D 194 48.73 12.35 -25.87
N ASN D 195 49.85 11.66 -25.68
CA ASN D 195 50.00 10.26 -26.09
C ASN D 195 49.92 9.28 -24.94
N SER D 196 50.64 9.58 -23.86
CA SER D 196 50.78 8.61 -22.78
C SER D 196 49.86 8.93 -21.58
N TYR D 197 49.07 7.94 -21.16
CA TYR D 197 48.13 8.10 -20.06
C TYR D 197 48.40 7.02 -19.03
N THR D 198 48.73 7.45 -17.82
CA THR D 198 49.16 6.54 -16.77
C THR D 198 48.32 6.73 -15.50
N CYS D 199 48.01 5.61 -14.87
CA CYS D 199 47.27 5.54 -13.60
C CYS D 199 48.17 4.86 -12.55
N GLU D 200 48.59 5.63 -11.56
CA GLU D 200 49.54 5.15 -10.53
C GLU D 200 48.89 4.99 -9.16
N ALA D 201 48.92 3.76 -8.66
CA ALA D 201 48.36 3.43 -7.36
C ALA D 201 49.47 3.20 -6.33
N THR D 202 49.49 4.03 -5.28
CA THR D 202 50.38 3.80 -4.14
C THR D 202 49.59 3.17 -3.00
N HIS D 203 50.10 2.04 -2.51
CA HIS D 203 49.42 1.24 -1.51
C HIS D 203 50.50 0.61 -0.63
N LYS D 204 50.15 0.25 0.60
CA LYS D 204 51.18 -0.23 1.53
C LYS D 204 51.81 -1.57 1.10
N THR D 205 51.05 -2.40 0.38
CA THR D 205 51.55 -3.69 -0.10
C THR D 205 52.77 -3.58 -1.02
N SER D 206 53.17 -2.36 -1.38
CA SER D 206 54.43 -2.17 -2.09
C SER D 206 54.99 -0.77 -1.87
N THR D 207 56.32 -0.67 -1.89
CA THR D 207 57.02 0.62 -1.87
C THR D 207 57.06 1.27 -3.26
N SER D 208 56.90 0.45 -4.30
CA SER D 208 56.75 0.90 -5.69
C SER D 208 55.25 1.02 -5.98
N PRO D 209 54.83 2.10 -6.67
CA PRO D 209 53.45 2.20 -7.13
C PRO D 209 53.11 1.15 -8.20
N ILE D 210 51.83 0.75 -8.25
CA ILE D 210 51.34 -0.04 -9.37
C ILE D 210 50.99 0.93 -10.49
N VAL D 211 51.57 0.69 -11.66
CA VAL D 211 51.44 1.55 -12.80
C VAL D 211 50.64 0.80 -13.86
N LYS D 212 49.64 1.47 -14.43
CA LYS D 212 48.97 0.98 -15.62
C LYS D 212 48.82 2.14 -16.58
N SER D 213 49.17 1.91 -17.84
CA SER D 213 49.11 2.96 -18.83
C SER D 213 48.83 2.43 -20.21
N PHE D 214 48.57 3.36 -21.13
CA PHE D 214 48.45 3.04 -22.53
C PHE D 214 48.91 4.25 -23.32
N ASN D 215 49.34 4.02 -24.55
CA ASN D 215 49.70 5.10 -25.48
C ASN D 215 48.56 5.26 -26.49
N ARG D 216 47.99 6.48 -26.56
CA ARG D 216 46.85 6.78 -27.44
C ARG D 216 47.15 6.31 -28.88
N ASN D 217 48.37 6.59 -29.34
CA ASN D 217 48.86 6.22 -30.67
C ASN D 217 49.08 4.73 -30.99
N GLU D 218 48.83 3.83 -30.05
CA GLU D 218 48.89 2.39 -30.33
C GLU D 218 47.52 1.72 -30.19
N CYS D 219 46.49 2.51 -29.88
CA CYS D 219 45.12 2.01 -29.72
C CYS D 219 44.39 2.20 -31.04
N ASP E 1 10.62 -6.40 -44.56
CA ASP E 1 9.17 -6.24 -44.78
C ASP E 1 8.89 -4.91 -45.46
N ILE E 2 7.72 -4.80 -46.09
CA ILE E 2 7.23 -3.53 -46.63
C ILE E 2 6.47 -2.73 -45.59
N LEU E 3 7.03 -1.58 -45.26
CA LEU E 3 6.45 -0.68 -44.29
C LEU E 3 5.40 0.19 -44.94
N MET E 4 4.20 0.13 -44.39
CA MET E 4 3.10 0.94 -44.88
C MET E 4 2.92 2.05 -43.90
N ASN E 5 3.20 3.30 -44.29
CA ASN E 5 2.89 4.30 -43.29
C ASN E 5 1.77 5.20 -43.72
N GLN E 6 0.87 5.32 -42.78
CA GLN E 6 -0.40 5.95 -42.95
C GLN E 6 -0.34 7.32 -42.29
N THR E 7 -0.89 8.32 -42.96
CA THR E 7 -0.98 9.65 -42.37
C THR E 7 -2.30 10.28 -42.77
N PRO E 8 -2.90 11.10 -41.89
CA PRO E 8 -2.43 11.37 -40.52
C PRO E 8 -2.76 10.21 -39.57
N LEU E 9 -2.29 10.30 -38.33
CA LEU E 9 -2.58 9.29 -37.31
C LEU E 9 -4.00 9.45 -36.78
N SER E 10 -4.43 10.71 -36.63
CA SER E 10 -5.82 11.03 -36.37
C SER E 10 -6.26 12.19 -37.25
N LEU E 11 -7.53 12.14 -37.63
CA LEU E 11 -8.09 13.14 -38.50
C LEU E 11 -9.41 13.64 -37.94
N PRO E 12 -9.36 14.76 -37.20
CA PRO E 12 -10.59 15.42 -36.75
C PRO E 12 -11.38 15.98 -37.92
N VAL E 13 -12.66 15.65 -38.01
CA VAL E 13 -13.53 16.23 -39.03
C VAL E 13 -14.88 16.61 -38.46
N SER E 14 -15.52 17.60 -39.10
CA SER E 14 -16.91 17.92 -38.84
C SER E 14 -17.72 17.09 -39.81
N LEU E 15 -18.97 16.83 -39.48
CA LEU E 15 -19.87 16.16 -40.42
C LEU E 15 -20.06 17.05 -41.64
N GLY E 16 -20.06 16.43 -42.83
CA GLY E 16 -20.11 17.17 -44.07
C GLY E 16 -18.75 17.43 -44.69
N ASP E 17 -17.66 17.31 -43.93
CA ASP E 17 -16.32 17.60 -44.45
C ASP E 17 -15.83 16.51 -45.40
N GLN E 18 -14.97 16.90 -46.32
CA GLN E 18 -14.18 15.94 -47.10
C GLN E 18 -13.16 15.36 -46.13
N ALA E 19 -12.66 14.17 -46.43
CA ALA E 19 -11.55 13.61 -45.66
C ALA E 19 -10.63 12.85 -46.58
N SER E 20 -9.32 12.96 -46.32
CA SER E 20 -8.31 12.36 -47.17
C SER E 20 -7.26 11.65 -46.31
N ILE E 21 -7.09 10.36 -46.55
CA ILE E 21 -6.18 9.53 -45.78
C ILE E 21 -5.14 9.01 -46.73
N SER E 22 -3.88 9.13 -46.38
CA SER E 22 -2.77 8.75 -47.25
C SER E 22 -2.03 7.51 -46.73
N CYS E 23 -1.61 6.66 -47.66
CA CYS E 23 -0.86 5.47 -47.33
C CYS E 23 0.33 5.31 -48.25
N ARG E 24 1.53 5.27 -47.67
CA ARG E 24 2.76 5.15 -48.43
C ARG E 24 3.44 3.82 -48.12
N SER E 25 3.85 3.09 -49.17
CA SER E 25 4.63 1.86 -49.03
C SER E 25 6.12 2.11 -49.28
N SER E 26 6.96 1.30 -48.66
CA SER E 26 8.40 1.43 -48.76
C SER E 26 8.92 0.89 -50.10
N GLN E 27 8.09 0.13 -50.80
CA GLN E 27 8.43 -0.35 -52.16
C GLN E 27 7.19 -0.45 -53.01
N TYR E 28 7.41 -0.47 -54.32
CA TYR E 28 6.34 -0.51 -55.32
C TYR E 28 5.43 -1.71 -55.06
N ILE E 29 4.13 -1.44 -55.01
CA ILE E 29 3.13 -2.50 -54.91
C ILE E 29 2.90 -3.07 -56.32
N VAL E 30 3.47 -4.25 -56.58
CA VAL E 30 3.41 -4.90 -57.90
C VAL E 30 2.24 -5.89 -58.00
N HIS E 31 1.86 -6.23 -59.23
CA HIS E 31 0.71 -7.10 -59.43
C HIS E 31 1.06 -8.55 -59.06
N ARG E 32 0.01 -9.31 -58.77
CA ARG E 32 0.11 -10.77 -58.74
C ARG E 32 -1.09 -11.34 -59.47
N ASN E 33 -0.81 -12.01 -60.58
CA ASN E 33 -1.82 -12.49 -61.52
C ASN E 33 -2.69 -11.37 -62.05
N GLY E 34 -2.09 -10.20 -62.24
CA GLY E 34 -2.75 -9.09 -62.88
C GLY E 34 -3.50 -8.20 -61.95
N ASN E 35 -3.48 -8.53 -60.65
CA ASN E 35 -4.19 -7.78 -59.61
C ASN E 35 -3.22 -7.05 -58.71
N THR E 36 -3.50 -5.78 -58.44
CA THR E 36 -2.70 -5.05 -57.47
C THR E 36 -3.49 -4.99 -56.15
N TYR E 37 -3.00 -5.77 -55.18
CA TYR E 37 -3.69 -5.94 -53.92
C TYR E 37 -3.32 -4.84 -52.96
N LEU E 38 -4.13 -3.79 -52.97
CA LEU E 38 -4.03 -2.72 -51.99
C LEU E 38 -5.45 -2.48 -51.54
N GLU E 39 -5.69 -2.69 -50.25
CA GLU E 39 -7.03 -2.69 -49.65
C GLU E 39 -7.13 -1.69 -48.51
N TRP E 40 -8.32 -1.14 -48.31
CA TRP E 40 -8.62 -0.28 -47.17
C TRP E 40 -9.72 -0.90 -46.33
N TYR E 41 -9.50 -0.90 -45.01
CA TYR E 41 -10.46 -1.40 -44.04
C TYR E 41 -10.87 -0.28 -43.11
N LEU E 42 -12.10 -0.37 -42.62
CA LEU E 42 -12.61 0.51 -41.59
C LEU E 42 -12.96 -0.35 -40.41
N GLN E 43 -12.41 -0.04 -39.25
CA GLN E 43 -12.84 -0.67 -38.02
C GLN E 43 -13.56 0.28 -37.09
N LYS E 44 -14.77 -0.13 -36.68
CA LYS E 44 -15.56 0.63 -35.75
C LYS E 44 -15.51 -0.04 -34.41
N PRO E 45 -15.71 0.75 -33.33
CA PRO E 45 -15.64 0.23 -31.96
C PRO E 45 -16.44 -1.06 -31.72
N GLY E 46 -15.73 -2.11 -31.29
CA GLY E 46 -16.36 -3.39 -30.97
C GLY E 46 -16.62 -4.33 -32.13
N GLN E 47 -16.38 -3.86 -33.35
CA GLN E 47 -16.64 -4.66 -34.54
C GLN E 47 -15.34 -5.10 -35.20
N SER E 48 -15.46 -6.07 -36.09
CA SER E 48 -14.34 -6.47 -36.90
C SER E 48 -14.04 -5.37 -37.92
N PRO E 49 -12.82 -5.41 -38.49
CA PRO E 49 -12.57 -4.56 -39.64
C PRO E 49 -13.40 -5.00 -40.83
N LYS E 50 -13.94 -4.04 -41.57
CA LYS E 50 -14.71 -4.33 -42.77
C LYS E 50 -14.01 -3.73 -43.97
N LEU E 51 -14.07 -4.45 -45.07
CA LEU E 51 -13.44 -4.02 -46.31
C LEU E 51 -14.22 -2.87 -46.89
N LEU E 52 -13.55 -1.80 -47.29
CA LEU E 52 -14.18 -0.72 -48.02
C LEU E 52 -13.79 -0.77 -49.49
N ILE E 53 -12.49 -0.86 -49.73
CA ILE E 53 -11.92 -0.73 -51.06
C ILE E 53 -10.97 -1.89 -51.27
N TYR E 54 -11.04 -2.47 -52.46
CA TYR E 54 -10.15 -3.53 -52.86
C TYR E 54 -9.51 -3.23 -54.21
N LYS E 55 -8.37 -3.82 -54.44
CA LYS E 55 -7.64 -3.65 -55.68
C LYS E 55 -7.48 -2.21 -55.99
N VAL E 56 -7.03 -1.48 -54.99
CA VAL E 56 -6.75 -0.07 -55.08
C VAL E 56 -7.98 0.79 -55.13
N SER E 57 -8.88 0.50 -56.05
CA SER E 57 -9.91 1.41 -56.47
C SER E 57 -11.35 0.96 -56.42
N ASN E 58 -11.58 -0.29 -56.12
CA ASN E 58 -12.87 -0.87 -56.29
C ASN E 58 -13.64 -0.93 -55.02
N ARG E 59 -14.85 -0.41 -55.08
CA ARG E 59 -15.68 -0.30 -53.88
C ARG E 59 -16.31 -1.63 -53.59
N PHE E 60 -16.14 -2.11 -52.37
CA PHE E 60 -16.73 -3.38 -51.98
C PHE E 60 -18.24 -3.19 -51.93
N SER E 61 -18.98 -4.28 -52.06
CA SER E 61 -20.44 -4.20 -52.06
C SER E 61 -20.93 -3.53 -50.78
N GLY E 62 -22.00 -2.75 -50.90
CA GLY E 62 -22.58 -2.05 -49.76
C GLY E 62 -21.89 -0.75 -49.41
N VAL E 63 -20.67 -0.53 -49.89
CA VAL E 63 -19.95 0.69 -49.54
C VAL E 63 -20.40 1.79 -50.48
N PRO E 64 -20.84 2.94 -49.92
CA PRO E 64 -21.42 4.01 -50.75
C PRO E 64 -20.39 4.81 -51.53
N ASP E 65 -20.82 5.55 -52.55
CA ASP E 65 -19.87 6.22 -53.46
C ASP E 65 -19.19 7.48 -52.91
N ARG E 66 -19.42 7.81 -51.66
CA ARG E 66 -18.64 8.88 -51.07
C ARG E 66 -17.21 8.41 -50.76
N PHE E 67 -17.02 7.09 -50.69
CA PHE E 67 -15.69 6.51 -50.56
C PHE E 67 -15.03 6.26 -51.93
N SER E 68 -13.77 6.60 -52.05
CA SER E 68 -13.00 6.30 -53.25
C SER E 68 -11.53 6.07 -52.94
N GLY E 69 -10.96 5.07 -53.59
CA GLY E 69 -9.58 4.74 -53.41
C GLY E 69 -8.87 5.12 -54.67
N SER E 70 -7.59 5.47 -54.56
CA SER E 70 -6.81 5.79 -55.74
C SER E 70 -5.34 5.62 -55.42
N GLY E 71 -4.51 5.80 -56.44
CA GLY E 71 -3.07 5.77 -56.28
C GLY E 71 -2.42 4.65 -57.03
N SER E 72 -1.09 4.62 -57.02
CA SER E 72 -0.34 3.54 -57.64
C SER E 72 1.09 3.55 -57.17
N GLY E 73 1.73 2.39 -57.27
CA GLY E 73 3.16 2.28 -56.98
C GLY E 73 3.38 2.29 -55.48
N THR E 74 3.83 3.43 -54.96
CA THR E 74 4.10 3.57 -53.51
C THR E 74 3.16 4.54 -52.81
N ASP E 75 2.19 5.07 -53.53
CA ASP E 75 1.39 6.18 -53.05
C ASP E 75 -0.10 5.95 -53.24
N PHE E 76 -0.83 5.84 -52.14
CA PHE E 76 -2.26 5.53 -52.20
C PHE E 76 -3.05 6.46 -51.29
N THR E 77 -4.32 6.68 -51.63
CA THR E 77 -5.18 7.57 -50.91
C THR E 77 -6.58 6.99 -50.76
N LEU E 78 -7.20 7.21 -49.61
CA LEU E 78 -8.61 6.97 -49.43
C LEU E 78 -9.29 8.32 -49.20
N LYS E 79 -10.32 8.62 -50.00
CA LYS E 79 -11.09 9.84 -49.83
C LYS E 79 -12.54 9.57 -49.41
N ILE E 80 -13.05 10.43 -48.57
CA ILE E 80 -14.47 10.45 -48.25
C ILE E 80 -14.94 11.83 -48.66
N SER E 81 -15.88 11.88 -49.60
CA SER E 81 -16.31 13.16 -50.17
C SER E 81 -17.07 14.02 -49.16
N ARG E 82 -17.85 13.37 -48.31
CA ARG E 82 -18.65 14.06 -47.33
C ARG E 82 -18.83 13.06 -46.18
N VAL E 83 -18.24 13.37 -45.04
CA VAL E 83 -18.25 12.47 -43.90
C VAL E 83 -19.61 12.43 -43.20
N GLU E 84 -20.05 11.22 -42.88
CA GLU E 84 -21.21 10.98 -42.03
C GLU E 84 -20.80 10.22 -40.78
N ALA E 85 -21.69 10.19 -39.78
CA ALA E 85 -21.39 9.65 -38.45
C ALA E 85 -20.89 8.23 -38.50
N GLU E 86 -21.52 7.43 -39.35
CA GLU E 86 -21.18 6.02 -39.46
C GLU E 86 -19.79 5.76 -40.03
N ASP E 87 -19.15 6.78 -40.59
CA ASP E 87 -17.79 6.67 -41.14
C ASP E 87 -16.68 6.79 -40.09
N LEU E 88 -17.05 7.17 -38.87
CA LEU E 88 -16.06 7.34 -37.80
C LEU E 88 -15.56 5.99 -37.33
N GLY E 89 -14.26 5.92 -37.05
CA GLY E 89 -13.58 4.69 -36.67
C GLY E 89 -12.15 4.76 -37.15
N VAL E 90 -11.46 3.63 -37.19
CA VAL E 90 -10.07 3.58 -37.59
C VAL E 90 -9.95 2.95 -38.97
N TYR E 91 -9.27 3.65 -39.87
CA TYR E 91 -9.02 3.15 -41.21
C TYR E 91 -7.62 2.56 -41.33
N TYR E 92 -7.47 1.45 -42.05
CA TYR E 92 -6.19 0.80 -42.26
C TYR E 92 -5.99 0.44 -43.72
N CYS E 93 -4.82 0.80 -44.30
CA CYS E 93 -4.44 0.29 -45.62
C CYS E 93 -3.72 -1.03 -45.40
N PHE E 94 -3.78 -1.89 -46.41
CA PHE E 94 -3.18 -3.24 -46.37
C PHE E 94 -2.65 -3.56 -47.76
N GLN E 95 -1.43 -4.10 -47.83
CA GLN E 95 -0.86 -4.59 -49.07
C GLN E 95 -0.76 -6.12 -49.02
N GLY E 96 -1.23 -6.75 -50.09
CA GLY E 96 -1.14 -8.21 -50.28
C GLY E 96 -0.29 -8.55 -51.49
N SER E 97 0.69 -7.72 -51.79
CA SER E 97 1.59 -7.93 -52.91
C SER E 97 2.81 -8.69 -52.49
N HIS E 98 3.43 -8.27 -51.38
CA HIS E 98 4.71 -8.81 -50.95
C HIS E 98 4.57 -9.50 -49.60
N VAL E 99 4.90 -10.79 -49.55
CA VAL E 99 4.97 -11.54 -48.31
C VAL E 99 6.20 -11.08 -47.52
N PRO E 100 6.05 -10.83 -46.19
CA PRO E 100 4.84 -10.86 -45.38
C PRO E 100 3.97 -9.66 -45.65
N TYR E 101 2.66 -9.87 -45.68
CA TYR E 101 1.70 -8.80 -45.96
C TYR E 101 1.59 -7.87 -44.76
N THR E 102 1.24 -6.62 -45.00
CA THR E 102 1.38 -5.61 -43.96
C THR E 102 0.36 -4.50 -44.04
N PHE E 103 -0.03 -4.04 -42.85
CA PHE E 103 -1.03 -3.02 -42.64
C PHE E 103 -0.33 -1.72 -42.37
N GLY E 104 -0.98 -0.61 -42.67
CA GLY E 104 -0.60 0.67 -42.13
C GLY E 104 -1.00 0.75 -40.67
N GLY E 105 -0.48 1.77 -39.97
CA GLY E 105 -0.65 1.89 -38.53
C GLY E 105 -2.03 2.36 -38.09
N GLY E 106 -2.84 2.83 -39.02
CA GLY E 106 -4.18 3.27 -38.69
C GLY E 106 -4.33 4.78 -38.69
N THR E 107 -5.48 5.22 -39.20
CA THR E 107 -5.89 6.61 -39.14
C THR E 107 -7.26 6.66 -38.49
N LYS E 108 -7.32 7.33 -37.35
CA LYS E 108 -8.54 7.46 -36.56
C LYS E 108 -9.32 8.68 -37.03
N LEU E 109 -10.50 8.44 -37.56
CA LEU E 109 -11.36 9.53 -38.01
C LEU E 109 -12.28 9.91 -36.88
N GLU E 110 -12.15 11.15 -36.40
CA GLU E 110 -12.81 11.59 -35.19
C GLU E 110 -13.57 12.87 -35.42
N LEU E 111 -14.48 13.17 -34.49
CA LEU E 111 -15.30 14.37 -34.55
C LEU E 111 -14.53 15.58 -34.04
N LYS E 112 -14.81 16.72 -34.65
CA LYS E 112 -14.21 17.99 -34.30
C LYS E 112 -15.19 18.74 -33.38
N ARG E 113 -14.61 19.42 -32.38
CA ARG E 113 -15.23 20.32 -31.43
C ARG E 113 -14.44 21.59 -31.25
N ALA E 114 -15.06 22.53 -30.53
CA ALA E 114 -14.31 23.57 -29.84
C ALA E 114 -13.35 22.96 -28.81
N ASP E 115 -12.17 23.54 -28.74
CA ASP E 115 -11.22 23.21 -27.72
C ASP E 115 -11.80 23.44 -26.32
N ALA E 116 -11.49 22.53 -25.40
CA ALA E 116 -12.01 22.57 -24.02
C ALA E 116 -10.92 22.14 -23.05
N ALA E 117 -10.79 22.87 -21.96
CA ALA E 117 -9.82 22.57 -20.93
C ALA E 117 -10.32 21.43 -20.05
N PRO E 118 -9.39 20.58 -19.56
CA PRO E 118 -9.78 19.49 -18.68
C PRO E 118 -10.20 20.01 -17.33
N THR E 119 -11.22 19.38 -16.77
CA THR E 119 -11.60 19.60 -15.39
C THR E 119 -10.77 18.59 -14.61
N VAL E 120 -9.89 19.09 -13.74
CA VAL E 120 -8.97 18.25 -12.99
C VAL E 120 -9.40 18.10 -11.54
N SER E 121 -9.37 16.86 -11.04
CA SER E 121 -9.70 16.54 -9.65
C SER E 121 -8.69 15.51 -9.15
N ILE E 122 -8.22 15.73 -7.93
CA ILE E 122 -7.26 14.86 -7.29
C ILE E 122 -7.85 14.24 -6.04
N PHE E 123 -7.55 12.98 -5.80
CA PHE E 123 -8.18 12.22 -4.71
C PHE E 123 -7.10 11.48 -3.93
N PRO E 124 -6.94 11.83 -2.64
CA PRO E 124 -6.03 11.08 -1.79
C PRO E 124 -6.54 9.68 -1.58
N PRO E 125 -5.66 8.76 -1.17
CA PRO E 125 -6.07 7.39 -0.91
C PRO E 125 -7.19 7.33 0.09
N SER E 126 -8.15 6.43 -0.11
CA SER E 126 -9.22 6.22 0.86
C SER E 126 -8.66 5.57 2.13
N SER E 127 -9.32 5.82 3.25
CA SER E 127 -8.91 5.22 4.52
C SER E 127 -9.07 3.70 4.52
N GLU E 128 -10.06 3.19 3.79
CA GLU E 128 -10.20 1.74 3.63
C GLU E 128 -8.97 1.15 2.94
N GLN E 129 -8.48 1.84 1.90
CA GLN E 129 -7.31 1.34 1.17
C GLN E 129 -6.09 1.37 2.09
N LEU E 130 -5.92 2.49 2.77
CA LEU E 130 -4.82 2.66 3.72
C LEU E 130 -4.78 1.58 4.78
N THR E 131 -5.94 1.13 5.25
CA THR E 131 -6.05 0.01 6.19
C THR E 131 -5.38 -1.24 5.62
N SER E 132 -5.50 -1.46 4.33
CA SER E 132 -4.89 -2.62 3.69
C SER E 132 -3.40 -2.48 3.42
N GLY E 133 -2.86 -1.29 3.60
CA GLY E 133 -1.44 -1.05 3.38
C GLY E 133 -1.10 -0.54 2.00
N GLY E 134 -2.12 -0.25 1.20
CA GLY E 134 -1.91 0.32 -0.14
C GLY E 134 -2.29 1.78 -0.21
N ALA E 135 -1.70 2.51 -1.16
CA ALA E 135 -2.02 3.94 -1.28
C ALA E 135 -2.07 4.37 -2.75
N SER E 136 -3.28 4.56 -3.26
CA SER E 136 -3.47 5.01 -4.62
C SER E 136 -3.96 6.46 -4.63
N VAL E 137 -3.27 7.30 -5.38
CA VAL E 137 -3.69 8.66 -5.59
C VAL E 137 -4.21 8.77 -7.01
N VAL E 138 -5.44 9.26 -7.13
CA VAL E 138 -6.16 9.26 -8.38
C VAL E 138 -6.39 10.68 -8.84
N CYS E 139 -6.15 10.91 -10.12
CA CYS E 139 -6.41 12.19 -10.74
C CYS E 139 -7.31 12.00 -11.95
N PHE E 140 -8.42 12.73 -11.99
CA PHE E 140 -9.29 12.72 -13.14
C PHE E 140 -9.05 14.00 -13.91
N LEU E 141 -9.01 13.87 -15.23
CA LEU E 141 -8.94 14.99 -16.13
C LEU E 141 -10.07 14.81 -17.12
N ASN E 142 -11.15 15.54 -16.95
CA ASN E 142 -12.38 15.22 -17.63
C ASN E 142 -12.85 16.27 -18.63
N ASN E 143 -13.42 15.77 -19.73
CA ASN E 143 -14.07 16.61 -20.73
C ASN E 143 -13.18 17.66 -21.36
N PHE E 144 -12.09 17.21 -21.94
CA PHE E 144 -11.17 18.08 -22.65
C PHE E 144 -11.17 17.80 -24.15
N TYR E 145 -10.63 18.75 -24.90
CA TYR E 145 -10.48 18.65 -26.33
C TYR E 145 -9.46 19.67 -26.84
N PRO E 146 -8.52 19.24 -27.70
CA PRO E 146 -8.38 17.93 -28.32
C PRO E 146 -7.83 16.87 -27.37
N LYS E 147 -7.71 15.66 -27.90
CA LYS E 147 -7.37 14.49 -27.12
C LYS E 147 -5.92 14.44 -26.61
N ASP E 148 -5.01 15.18 -27.25
CA ASP E 148 -3.62 15.22 -26.83
C ASP E 148 -3.54 15.88 -25.46
N ILE E 149 -2.94 15.17 -24.51
CA ILE E 149 -2.76 15.72 -23.17
C ILE E 149 -1.58 15.10 -22.46
N ASN E 150 -0.97 15.87 -21.57
CA ASN E 150 0.10 15.36 -20.76
C ASN E 150 -0.14 15.53 -19.28
N VAL E 151 0.07 14.46 -18.54
CA VAL E 151 -0.04 14.49 -17.10
C VAL E 151 1.29 14.22 -16.46
N LYS E 152 1.56 14.96 -15.38
CA LYS E 152 2.82 14.85 -14.65
C LYS E 152 2.55 14.86 -13.16
N TRP E 153 3.04 13.85 -12.45
CA TRP E 153 2.91 13.79 -11.01
C TRP E 153 4.13 14.45 -10.37
N LYS E 154 3.90 15.17 -9.27
CA LYS E 154 4.97 15.68 -8.43
C LYS E 154 4.73 15.33 -6.98
N ILE E 155 5.81 14.93 -6.30
CA ILE E 155 5.76 14.54 -4.91
C ILE E 155 6.80 15.40 -4.19
N ASP E 156 6.30 16.24 -3.28
CA ASP E 156 7.12 17.23 -2.61
C ASP E 156 8.03 17.90 -3.62
N GLY E 157 7.45 18.35 -4.72
CA GLY E 157 8.19 19.10 -5.74
C GLY E 157 8.96 18.29 -6.76
N SER E 158 9.16 17.00 -6.55
CA SER E 158 9.91 16.15 -7.49
C SER E 158 8.99 15.36 -8.39
N GLU E 159 9.29 15.38 -9.68
CA GLU E 159 8.55 14.61 -10.66
C GLU E 159 8.63 13.14 -10.28
N ARG E 160 7.56 12.39 -10.56
CA ARG E 160 7.48 11.00 -10.22
C ARG E 160 6.85 10.25 -11.39
N GLN E 161 7.51 9.19 -11.86
CA GLN E 161 7.05 8.41 -13.00
C GLN E 161 6.66 6.97 -12.66
N ASN E 162 7.47 6.28 -11.88
CA ASN E 162 7.18 4.91 -11.53
C ASN E 162 5.92 4.78 -10.63
N GLY E 163 5.07 3.82 -10.97
CA GLY E 163 3.81 3.59 -10.25
C GLY E 163 2.65 4.38 -10.83
N VAL E 164 2.88 5.02 -11.98
CA VAL E 164 1.83 5.80 -12.64
C VAL E 164 1.15 4.94 -13.70
N LEU E 165 -0.17 4.97 -13.74
CA LEU E 165 -0.94 4.27 -14.77
C LEU E 165 -2.03 5.18 -15.27
N ASN E 166 -2.09 5.34 -16.58
CA ASN E 166 -3.06 6.19 -17.22
C ASN E 166 -4.06 5.38 -18.03
N SER E 167 -5.25 5.95 -18.19
CA SER E 167 -6.30 5.31 -18.93
C SER E 167 -7.13 6.40 -19.61
N TRP E 168 -7.31 6.27 -20.90
CA TRP E 168 -8.01 7.27 -21.68
C TRP E 168 -9.36 6.73 -22.12
N THR E 169 -10.32 7.61 -22.11
CA THR E 169 -11.66 7.29 -22.51
C THR E 169 -11.75 7.53 -24.03
N ASP E 170 -12.66 6.81 -24.71
CA ASP E 170 -12.94 7.07 -26.13
C ASP E 170 -13.68 8.38 -26.23
N GLN E 171 -13.70 8.97 -27.42
CA GLN E 171 -14.45 10.18 -27.61
C GLN E 171 -15.89 10.01 -27.10
N ASP E 172 -16.39 10.98 -26.33
CA ASP E 172 -17.75 10.92 -25.78
C ASP E 172 -18.79 11.11 -26.87
N SER E 173 -19.72 10.17 -26.98
CA SER E 173 -20.73 10.19 -28.05
C SER E 173 -21.55 11.47 -28.12
N LYS E 174 -21.69 12.16 -26.97
CA LYS E 174 -22.60 13.29 -26.84
C LYS E 174 -21.94 14.67 -27.01
N ASP E 175 -20.90 14.94 -26.21
CA ASP E 175 -20.20 16.22 -26.29
C ASP E 175 -18.87 16.16 -27.04
N SER E 176 -18.45 14.97 -27.48
CA SER E 176 -17.26 14.80 -28.34
C SER E 176 -15.96 15.15 -27.62
N THR E 177 -15.96 15.08 -26.29
CA THR E 177 -14.76 15.33 -25.52
C THR E 177 -14.11 14.03 -25.11
N TYR E 178 -12.89 14.16 -24.60
CA TYR E 178 -12.11 13.07 -24.06
C TYR E 178 -11.91 13.29 -22.58
N SER E 179 -11.68 12.18 -21.87
CA SER E 179 -11.40 12.20 -20.45
C SER E 179 -10.22 11.27 -20.20
N MET E 180 -9.60 11.39 -19.03
CA MET E 180 -8.47 10.55 -18.69
C MET E 180 -8.31 10.39 -17.20
N SER E 181 -7.91 9.20 -16.76
CA SER E 181 -7.56 8.98 -15.37
C SER E 181 -6.06 8.80 -15.31
N SER E 182 -5.46 9.23 -14.22
CA SER E 182 -4.06 8.99 -13.93
C SER E 182 -3.93 8.61 -12.47
N THR E 183 -3.30 7.47 -12.21
CA THR E 183 -3.32 6.87 -10.91
C THR E 183 -1.89 6.60 -10.52
N LEU E 184 -1.52 7.07 -9.34
CA LEU E 184 -0.21 6.84 -8.79
C LEU E 184 -0.34 5.88 -7.61
N THR E 185 0.18 4.68 -7.76
CA THR E 185 0.03 3.66 -6.74
C THR E 185 1.32 3.52 -5.92
N LEU E 186 1.17 3.55 -4.59
CA LEU E 186 2.29 3.48 -3.67
C LEU E 186 1.95 2.53 -2.54
N THR E 187 2.96 2.17 -1.75
CA THR E 187 2.69 1.54 -0.46
C THR E 187 2.23 2.64 0.48
N LYS E 188 1.50 2.25 1.53
CA LYS E 188 1.17 3.13 2.63
C LYS E 188 2.45 3.77 3.16
N ASP E 189 3.45 2.93 3.46
CA ASP E 189 4.72 3.41 4.04
C ASP E 189 5.34 4.51 3.19
N GLU E 190 5.44 4.31 1.88
CA GLU E 190 6.02 5.32 1.00
C GLU E 190 5.11 6.55 0.87
N TYR E 191 3.81 6.34 0.87
CA TYR E 191 2.87 7.45 0.81
C TYR E 191 3.11 8.38 2.00
N GLU E 192 3.36 7.81 3.18
CA GLU E 192 3.60 8.58 4.41
C GLU E 192 5.01 9.17 4.52
N ARG E 193 5.89 8.90 3.58
CA ARG E 193 7.19 9.55 3.59
C ARG E 193 7.17 10.87 2.85
N HIS E 194 6.00 11.29 2.39
CA HIS E 194 5.86 12.55 1.67
C HIS E 194 4.59 13.29 2.04
N ASN E 195 4.63 14.61 1.89
CA ASN E 195 3.54 15.46 2.29
C ASN E 195 2.70 15.99 1.13
N SER E 196 3.37 16.48 0.09
CA SER E 196 2.69 17.15 -1.02
C SER E 196 2.53 16.24 -2.25
N TYR E 197 1.31 16.16 -2.74
CA TYR E 197 1.01 15.36 -3.91
C TYR E 197 0.33 16.24 -4.92
N THR E 198 0.90 16.31 -6.12
CA THR E 198 0.42 17.18 -7.16
C THR E 198 0.24 16.45 -8.50
N CYS E 199 -0.84 16.82 -9.17
CA CYS E 199 -1.21 16.29 -10.47
C CYS E 199 -1.21 17.49 -11.42
N GLU E 200 -0.33 17.45 -12.43
CA GLU E 200 -0.17 18.56 -13.39
C GLU E 200 -0.50 18.18 -14.83
N ALA E 201 -1.54 18.82 -15.38
CA ALA E 201 -2.04 18.58 -16.72
C ALA E 201 -1.58 19.67 -17.68
N THR E 202 -0.84 19.31 -18.71
CA THR E 202 -0.50 20.22 -19.79
C THR E 202 -1.35 19.90 -21.01
N HIS E 203 -2.00 20.93 -21.56
CA HIS E 203 -2.97 20.78 -22.63
C HIS E 203 -2.89 22.00 -23.52
N LYS E 204 -3.27 21.89 -24.78
CA LYS E 204 -3.05 23.01 -25.72
C LYS E 204 -3.90 24.26 -25.40
N THR E 205 -5.00 24.09 -24.67
CA THR E 205 -5.83 25.22 -24.24
C THR E 205 -5.13 26.18 -23.28
N SER E 206 -3.90 25.88 -22.87
CA SER E 206 -3.09 26.83 -22.10
C SER E 206 -1.62 26.45 -22.02
N THR E 207 -0.76 27.46 -21.96
CA THR E 207 0.68 27.22 -21.74
C THR E 207 0.96 26.87 -20.26
N SER E 208 0.07 27.32 -19.38
CA SER E 208 0.19 27.02 -17.95
C SER E 208 -0.46 25.69 -17.61
N PRO E 209 0.29 24.78 -16.99
CA PRO E 209 -0.37 23.53 -16.62
C PRO E 209 -1.49 23.78 -15.62
N ILE E 210 -2.50 22.93 -15.64
CA ILE E 210 -3.50 22.92 -14.58
C ILE E 210 -3.02 22.02 -13.43
N VAL E 211 -2.90 22.62 -12.25
CA VAL E 211 -2.31 21.99 -11.10
C VAL E 211 -3.43 21.66 -10.13
N LYS E 212 -3.41 20.45 -9.59
CA LYS E 212 -4.26 20.11 -8.46
C LYS E 212 -3.43 19.31 -7.47
N SER E 213 -3.51 19.68 -6.21
CA SER E 213 -2.73 19.00 -5.19
C SER E 213 -3.43 18.94 -3.85
N PHE E 214 -2.80 18.24 -2.94
CA PHE E 214 -3.20 18.25 -1.55
C PHE E 214 -1.95 17.99 -0.73
N ASN E 215 -2.01 18.36 0.55
CA ASN E 215 -0.98 18.04 1.52
C ASN E 215 -1.54 16.90 2.41
N ARG E 216 -0.78 15.81 2.53
CA ARG E 216 -1.17 14.64 3.32
C ARG E 216 -1.47 14.96 4.79
N ASN E 217 -0.67 15.86 5.35
CA ASN E 217 -0.80 16.32 6.74
C ASN E 217 -2.14 16.92 7.16
N GLU E 218 -3.09 17.05 6.22
CA GLU E 218 -4.42 17.63 6.51
C GLU E 218 -5.56 16.64 6.29
N CYS E 219 -5.21 15.39 5.97
CA CYS E 219 -6.19 14.32 5.70
C CYS E 219 -6.28 13.30 6.85
N ASP F 1 -42.37 -23.98 20.40
CA ASP F 1 -41.51 -23.28 19.40
C ASP F 1 -40.54 -24.23 18.76
N ILE F 2 -40.06 -23.87 17.58
CA ILE F 2 -39.03 -24.69 16.95
C ILE F 2 -37.65 -24.19 17.46
N LEU F 3 -36.96 -25.05 18.23
CA LEU F 3 -35.65 -24.76 18.80
C LEU F 3 -34.60 -24.96 17.73
N MET F 4 -33.73 -23.98 17.57
CA MET F 4 -32.61 -24.06 16.65
C MET F 4 -31.36 -24.25 17.47
N ASN F 5 -30.71 -25.39 17.33
CA ASN F 5 -29.47 -25.70 18.04
C ASN F 5 -28.25 -25.53 17.16
N GLN F 6 -27.42 -24.55 17.48
CA GLN F 6 -26.26 -24.24 16.71
C GLN F 6 -25.08 -24.90 17.41
N THR F 7 -24.16 -25.47 16.64
CA THR F 7 -22.92 -25.97 17.19
C THR F 7 -21.84 -25.73 16.17
N PRO F 8 -20.58 -25.54 16.62
CA PRO F 8 -20.22 -25.35 18.04
C PRO F 8 -20.61 -23.96 18.55
N LEU F 9 -20.41 -23.74 19.85
CA LEU F 9 -20.68 -22.46 20.48
C LEU F 9 -19.56 -21.43 20.17
N SER F 10 -18.33 -21.93 20.13
CA SER F 10 -17.22 -21.16 19.60
C SER F 10 -16.34 -22.05 18.74
N LEU F 11 -15.81 -21.46 17.67
CA LEU F 11 -15.01 -22.17 16.70
C LEU F 11 -13.68 -21.43 16.52
N PRO F 12 -12.64 -21.90 17.20
CA PRO F 12 -11.28 -21.40 16.94
C PRO F 12 -10.72 -21.85 15.60
N VAL F 13 -10.34 -20.90 14.74
CA VAL F 13 -9.72 -21.20 13.45
C VAL F 13 -8.45 -20.38 13.22
N SER F 14 -7.57 -20.91 12.38
CA SER F 14 -6.45 -20.15 11.83
C SER F 14 -6.92 -19.55 10.53
N LEU F 15 -6.32 -18.44 10.12
CA LEU F 15 -6.62 -17.85 8.82
C LEU F 15 -6.24 -18.87 7.75
N GLY F 16 -7.06 -18.96 6.72
CA GLY F 16 -6.88 -19.96 5.66
C GLY F 16 -7.72 -21.21 5.87
N ASP F 17 -8.10 -21.50 7.11
CA ASP F 17 -8.82 -22.75 7.43
C ASP F 17 -10.23 -22.75 6.84
N GLN F 18 -10.72 -23.95 6.56
CA GLN F 18 -12.13 -24.13 6.25
C GLN F 18 -12.88 -24.17 7.58
N ALA F 19 -14.12 -23.68 7.61
CA ALA F 19 -14.90 -23.64 8.83
C ALA F 19 -16.30 -24.17 8.53
N SER F 20 -16.86 -24.90 9.48
CA SER F 20 -18.17 -25.48 9.30
C SER F 20 -19.04 -25.26 10.54
N ILE F 21 -20.19 -24.63 10.35
CA ILE F 21 -21.10 -24.32 11.44
C ILE F 21 -22.41 -25.00 11.20
N SER F 22 -22.89 -25.73 12.19
CA SER F 22 -24.06 -26.55 12.04
C SER F 22 -25.26 -25.91 12.72
N CYS F 23 -26.44 -26.13 12.16
CA CYS F 23 -27.67 -25.67 12.75
C CYS F 23 -28.72 -26.77 12.66
N ARG F 24 -29.27 -27.16 13.79
CA ARG F 24 -30.29 -28.20 13.84
C ARG F 24 -31.62 -27.70 14.40
N SER F 25 -32.70 -27.90 13.66
CA SER F 25 -34.03 -27.54 14.11
C SER F 25 -34.75 -28.72 14.76
N SER F 26 -35.61 -28.42 15.72
CA SER F 26 -36.35 -29.46 16.45
C SER F 26 -37.44 -30.08 15.57
N GLN F 27 -37.72 -29.43 14.45
CA GLN F 27 -38.74 -29.80 13.50
C GLN F 27 -38.41 -29.44 12.05
N TYR F 28 -39.01 -30.18 11.12
CA TYR F 28 -38.74 -30.00 9.70
C TYR F 28 -39.07 -28.57 9.25
N ILE F 29 -38.10 -27.91 8.61
CA ILE F 29 -38.30 -26.57 8.06
C ILE F 29 -39.01 -26.68 6.70
N VAL F 30 -40.31 -26.45 6.72
CA VAL F 30 -41.16 -26.62 5.57
C VAL F 30 -41.23 -25.33 4.75
N HIS F 31 -41.64 -25.44 3.48
CA HIS F 31 -41.71 -24.28 2.61
C HIS F 31 -42.91 -23.41 2.97
N ARG F 32 -42.83 -22.15 2.57
CA ARG F 32 -44.01 -21.28 2.51
C ARG F 32 -43.94 -20.58 1.18
N ASN F 33 -44.96 -20.81 0.37
CA ASN F 33 -45.03 -20.33 -1.01
C ASN F 33 -43.83 -20.74 -1.81
N GLY F 34 -43.34 -21.94 -1.55
CA GLY F 34 -42.30 -22.55 -2.34
C GLY F 34 -40.92 -22.14 -1.93
N ASN F 35 -40.82 -21.37 -0.83
CA ASN F 35 -39.56 -20.90 -0.31
C ASN F 35 -39.26 -21.56 1.03
N THR F 36 -38.04 -22.03 1.18
CA THR F 36 -37.63 -22.56 2.48
C THR F 36 -36.80 -21.47 3.14
N TYR F 37 -37.38 -20.84 4.16
CA TYR F 37 -36.76 -19.69 4.82
C TYR F 37 -35.84 -20.12 5.95
N LEU F 38 -34.57 -20.34 5.58
CA LEU F 38 -33.52 -20.60 6.53
C LEU F 38 -32.38 -19.69 6.15
N GLU F 39 -32.02 -18.81 7.07
CA GLU F 39 -31.07 -17.72 6.84
C GLU F 39 -29.91 -17.82 7.80
N TRP F 40 -28.75 -17.31 7.38
CA TRP F 40 -27.58 -17.13 8.22
C TRP F 40 -27.16 -15.67 8.28
N TYR F 41 -26.90 -15.20 9.49
CA TYR F 41 -26.42 -13.86 9.76
C TYR F 41 -25.05 -13.89 10.43
N LEU F 42 -24.25 -12.87 10.15
CA LEU F 42 -22.98 -12.65 10.79
C LEU F 42 -23.04 -11.32 11.48
N GLN F 43 -22.77 -11.34 12.78
CA GLN F 43 -22.63 -10.11 13.49
C GLN F 43 -21.17 -9.87 13.90
N LYS F 44 -20.70 -8.67 13.60
CA LYS F 44 -19.40 -8.25 14.02
C LYS F 44 -19.55 -7.28 15.18
N PRO F 45 -18.50 -7.15 16.00
CA PRO F 45 -18.55 -6.24 17.13
C PRO F 45 -19.03 -4.85 16.73
N GLY F 46 -20.04 -4.34 17.42
CA GLY F 46 -20.50 -2.96 17.25
C GLY F 46 -21.22 -2.66 15.94
N GLN F 47 -21.54 -3.70 15.18
CA GLN F 47 -22.35 -3.58 13.98
C GLN F 47 -23.61 -4.42 14.08
N SER F 48 -24.58 -4.12 13.21
CA SER F 48 -25.79 -4.90 13.12
C SER F 48 -25.47 -6.27 12.53
N PRO F 49 -26.37 -7.25 12.75
CA PRO F 49 -26.24 -8.49 12.01
C PRO F 49 -26.47 -8.22 10.52
N LYS F 50 -25.65 -8.88 9.68
CA LYS F 50 -25.79 -8.80 8.23
C LYS F 50 -26.12 -10.17 7.67
N LEU F 51 -26.98 -10.16 6.66
CA LEU F 51 -27.40 -11.38 6.01
C LEU F 51 -26.27 -11.92 5.14
N LEU F 52 -25.97 -13.20 5.31
CA LEU F 52 -25.00 -13.86 4.43
C LEU F 52 -25.69 -14.76 3.41
N ILE F 53 -26.60 -15.58 3.93
CA ILE F 53 -27.23 -16.62 3.15
C ILE F 53 -28.73 -16.58 3.39
N TYR F 54 -29.50 -16.64 2.31
CA TYR F 54 -30.95 -16.76 2.42
C TYR F 54 -31.46 -17.96 1.63
N LYS F 55 -32.63 -18.41 2.02
CA LYS F 55 -33.22 -19.55 1.39
C LYS F 55 -32.28 -20.76 1.34
N VAL F 56 -31.69 -21.07 2.47
CA VAL F 56 -30.78 -22.18 2.65
C VAL F 56 -29.40 -22.02 2.06
N SER F 57 -29.35 -21.73 0.78
CA SER F 57 -28.11 -21.69 0.05
C SER F 57 -27.84 -20.50 -0.87
N ASN F 58 -28.64 -19.46 -0.78
CA ASN F 58 -28.48 -18.33 -1.70
C ASN F 58 -27.65 -17.20 -1.11
N ARG F 59 -26.56 -16.86 -1.77
CA ARG F 59 -25.63 -15.92 -1.20
C ARG F 59 -26.18 -14.53 -1.43
N PHE F 60 -26.25 -13.73 -0.36
CA PHE F 60 -26.75 -12.36 -0.45
C PHE F 60 -25.73 -11.51 -1.18
N SER F 61 -26.21 -10.46 -1.83
CA SER F 61 -25.38 -9.61 -2.66
C SER F 61 -24.25 -9.04 -1.82
N GLY F 62 -23.03 -9.00 -2.36
CA GLY F 62 -21.87 -8.51 -1.61
C GLY F 62 -21.14 -9.54 -0.79
N VAL F 63 -21.74 -10.70 -0.55
CA VAL F 63 -21.11 -11.77 0.22
C VAL F 63 -20.30 -12.62 -0.72
N PRO F 64 -19.00 -12.82 -0.43
CA PRO F 64 -18.12 -13.54 -1.37
C PRO F 64 -18.32 -15.04 -1.35
N ASP F 65 -17.93 -15.71 -2.43
CA ASP F 65 -18.32 -17.11 -2.63
C ASP F 65 -17.57 -18.14 -1.76
N ARG F 66 -16.72 -17.68 -0.84
CA ARG F 66 -16.15 -18.59 0.14
C ARG F 66 -17.20 -19.03 1.17
N PHE F 67 -18.30 -18.28 1.25
CA PHE F 67 -19.46 -18.65 2.05
C PHE F 67 -20.47 -19.48 1.27
N SER F 68 -20.90 -20.60 1.85
CA SER F 68 -21.92 -21.43 1.22
C SER F 68 -22.82 -22.01 2.28
N GLY F 69 -24.11 -22.08 1.97
CA GLY F 69 -25.10 -22.65 2.85
C GLY F 69 -25.62 -23.91 2.22
N SER F 70 -26.01 -24.88 3.04
CA SER F 70 -26.59 -26.10 2.51
C SER F 70 -27.44 -26.75 3.58
N GLY F 71 -28.10 -27.83 3.21
CA GLY F 71 -28.91 -28.60 4.13
C GLY F 71 -30.39 -28.67 3.77
N SER F 72 -31.12 -29.46 4.54
CA SER F 72 -32.54 -29.64 4.32
C SER F 72 -33.21 -30.26 5.54
N GLY F 73 -34.48 -29.94 5.74
CA GLY F 73 -35.30 -30.61 6.76
C GLY F 73 -35.02 -30.12 8.16
N THR F 74 -34.19 -30.85 8.89
CA THR F 74 -33.80 -30.41 10.24
C THR F 74 -32.32 -30.10 10.37
N ASP F 75 -31.57 -30.18 9.29
CA ASP F 75 -30.11 -30.17 9.33
C ASP F 75 -29.50 -29.20 8.31
N PHE F 76 -28.83 -28.17 8.79
CA PHE F 76 -28.29 -27.10 7.95
C PHE F 76 -26.87 -26.71 8.35
N THR F 77 -26.09 -26.30 7.37
CA THR F 77 -24.69 -26.02 7.58
C THR F 77 -24.27 -24.75 6.87
N LEU F 78 -23.43 -23.95 7.52
CA LEU F 78 -22.75 -22.85 6.87
C LEU F 78 -21.29 -23.18 6.77
N LYS F 79 -20.75 -23.13 5.56
CA LYS F 79 -19.32 -23.37 5.35
C LYS F 79 -18.62 -22.10 4.90
N ILE F 80 -17.39 -21.93 5.38
CA ILE F 80 -16.48 -20.91 4.89
C ILE F 80 -15.28 -21.66 4.39
N SER F 81 -15.01 -21.57 3.09
CA SER F 81 -14.00 -22.41 2.49
C SER F 81 -12.59 -22.04 2.99
N ARG F 82 -12.35 -20.74 3.18
CA ARG F 82 -11.01 -20.24 3.53
C ARG F 82 -11.10 -18.92 4.36
N VAL F 83 -11.09 -19.06 5.68
CA VAL F 83 -11.41 -17.96 6.60
C VAL F 83 -10.44 -16.78 6.54
N GLU F 84 -11.00 -15.58 6.40
CA GLU F 84 -10.25 -14.32 6.49
C GLU F 84 -10.65 -13.51 7.73
N ALA F 85 -9.84 -12.52 8.04
CA ALA F 85 -9.99 -11.74 9.27
C ALA F 85 -11.36 -11.12 9.43
N GLU F 86 -11.89 -10.63 8.31
CA GLU F 86 -13.18 -9.97 8.31
C GLU F 86 -14.35 -10.91 8.59
N ASP F 87 -14.13 -12.23 8.50
CA ASP F 87 -15.18 -13.23 8.78
C ASP F 87 -15.42 -13.48 10.26
N LEU F 88 -14.52 -13.00 11.11
CA LEU F 88 -14.62 -13.24 12.54
C LEU F 88 -15.78 -12.47 13.14
N GLY F 89 -16.50 -13.10 14.05
CA GLY F 89 -17.71 -12.53 14.63
C GLY F 89 -18.60 -13.65 15.09
N VAL F 90 -19.88 -13.36 15.29
CA VAL F 90 -20.83 -14.37 15.73
C VAL F 90 -21.85 -14.66 14.66
N TYR F 91 -21.96 -15.93 14.28
CA TYR F 91 -22.91 -16.38 13.24
C TYR F 91 -24.21 -16.92 13.87
N TYR F 92 -25.34 -16.59 13.27
CA TYR F 92 -26.64 -17.06 13.74
C TYR F 92 -27.43 -17.63 12.58
N CYS F 93 -28.03 -18.84 12.77
CA CYS F 93 -29.05 -19.34 11.84
C CYS F 93 -30.39 -18.77 12.31
N PHE F 94 -31.33 -18.70 11.38
CA PHE F 94 -32.69 -18.22 11.64
C PHE F 94 -33.66 -19.00 10.75
N GLN F 95 -34.80 -19.41 11.31
CA GLN F 95 -35.85 -20.03 10.54
C GLN F 95 -37.09 -19.12 10.50
N GLY F 96 -37.61 -18.90 9.29
CA GLY F 96 -38.85 -18.14 9.08
C GLY F 96 -39.96 -19.01 8.53
N SER F 97 -39.94 -20.29 8.89
CA SER F 97 -40.94 -21.21 8.42
C SER F 97 -42.09 -21.33 9.38
N HIS F 98 -41.79 -21.40 10.67
CA HIS F 98 -42.79 -21.63 11.68
C HIS F 98 -42.86 -20.49 12.67
N VAL F 99 -44.02 -19.85 12.76
CA VAL F 99 -44.28 -18.86 13.77
C VAL F 99 -44.39 -19.53 15.14
N PRO F 100 -43.67 -19.03 16.16
CA PRO F 100 -42.77 -17.87 16.20
C PRO F 100 -41.42 -18.19 15.63
N TYR F 101 -40.86 -17.27 14.84
CA TYR F 101 -39.59 -17.51 14.17
C TYR F 101 -38.47 -17.46 15.22
N THR F 102 -37.38 -18.15 14.94
CA THR F 102 -36.36 -18.37 15.95
C THR F 102 -34.97 -18.35 15.37
N PHE F 103 -34.04 -18.00 16.24
CA PHE F 103 -32.62 -17.94 15.95
C PHE F 103 -31.92 -19.06 16.69
N GLY F 104 -30.82 -19.53 16.12
CA GLY F 104 -29.88 -20.34 16.87
C GLY F 104 -29.15 -19.48 17.87
N GLY F 105 -28.48 -20.12 18.82
CA GLY F 105 -27.84 -19.45 19.94
C GLY F 105 -26.56 -18.72 19.61
N GLY F 106 -26.01 -18.94 18.43
CA GLY F 106 -24.81 -18.25 18.01
C GLY F 106 -23.58 -19.15 18.02
N THR F 107 -22.74 -18.95 17.01
CA THR F 107 -21.42 -19.57 16.94
C THR F 107 -20.41 -18.46 16.74
N LYS F 108 -19.49 -18.35 17.70
CA LYS F 108 -18.45 -17.34 17.68
C LYS F 108 -17.21 -17.85 16.97
N LEU F 109 -16.88 -17.24 15.83
CA LEU F 109 -15.72 -17.63 15.07
C LEU F 109 -14.53 -16.82 15.53
N GLU F 110 -13.52 -17.50 16.08
CA GLU F 110 -12.37 -16.85 16.72
C GLU F 110 -11.07 -17.33 16.11
N LEU F 111 -10.02 -16.59 16.41
CA LEU F 111 -8.66 -16.93 16.03
C LEU F 111 -7.96 -17.89 16.99
N LYS F 112 -7.20 -18.80 16.41
CA LYS F 112 -6.48 -19.82 17.11
C LYS F 112 -5.06 -19.35 17.33
N ARG F 113 -4.50 -19.70 18.49
CA ARG F 113 -3.09 -19.39 18.80
C ARG F 113 -2.55 -20.33 19.85
N ALA F 114 -1.23 -20.33 20.00
CA ALA F 114 -0.59 -21.07 21.06
C ALA F 114 -1.18 -20.67 22.41
N ASP F 115 -1.34 -21.66 23.26
CA ASP F 115 -1.75 -21.43 24.63
C ASP F 115 -0.77 -20.48 25.34
N ALA F 116 -1.30 -19.60 26.18
CA ALA F 116 -0.50 -18.62 26.92
C ALA F 116 -1.06 -18.45 28.33
N ALA F 117 -0.15 -18.39 29.30
CA ALA F 117 -0.55 -18.17 30.67
C ALA F 117 -0.88 -16.69 30.92
N PRO F 118 -1.82 -16.43 31.83
CA PRO F 118 -2.15 -15.06 32.16
C PRO F 118 -1.08 -14.41 32.99
N THR F 119 -0.81 -13.14 32.70
CA THR F 119 0.04 -12.31 33.51
C THR F 119 -0.85 -11.69 34.57
N VAL F 120 -0.65 -12.07 35.82
CA VAL F 120 -1.53 -11.67 36.92
C VAL F 120 -0.91 -10.54 37.75
N SER F 121 -1.71 -9.53 38.05
CA SER F 121 -1.31 -8.42 38.88
C SER F 121 -2.45 -8.16 39.84
N ILE F 122 -2.11 -7.81 41.08
CA ILE F 122 -3.08 -7.46 42.11
C ILE F 122 -2.80 -6.04 42.59
N PHE F 123 -3.86 -5.30 42.92
CA PHE F 123 -3.73 -3.91 43.31
C PHE F 123 -4.60 -3.67 44.54
N PRO F 124 -3.98 -3.21 45.64
CA PRO F 124 -4.75 -2.81 46.81
C PRO F 124 -5.53 -1.54 46.55
N PRO F 125 -6.53 -1.24 47.40
CA PRO F 125 -7.27 0.01 47.24
C PRO F 125 -6.36 1.20 47.30
N SER F 126 -6.66 2.22 46.50
CA SER F 126 -5.92 3.47 46.58
C SER F 126 -6.34 4.23 47.83
N SER F 127 -5.43 5.07 48.33
CA SER F 127 -5.71 5.89 49.52
C SER F 127 -6.84 6.90 49.27
N GLU F 128 -6.93 7.40 48.03
CA GLU F 128 -8.05 8.28 47.67
C GLU F 128 -9.37 7.54 47.84
N GLN F 129 -9.44 6.29 47.44
CA GLN F 129 -10.69 5.53 47.57
C GLN F 129 -11.00 5.29 49.03
N LEU F 130 -9.99 4.89 49.80
CA LEU F 130 -10.11 4.66 51.23
C LEU F 130 -10.63 5.90 51.99
N THR F 131 -10.22 7.08 51.55
CA THR F 131 -10.73 8.33 52.12
C THR F 131 -12.25 8.46 51.98
N SER F 132 -12.79 7.94 50.89
CA SER F 132 -14.23 7.95 50.65
C SER F 132 -14.99 6.84 51.36
N GLY F 133 -14.28 5.91 52.01
CA GLY F 133 -14.91 4.84 52.79
C GLY F 133 -15.06 3.55 52.01
N GLY F 134 -14.67 3.56 50.74
CA GLY F 134 -14.78 2.36 49.89
C GLY F 134 -13.45 1.64 49.79
N ALA F 135 -13.47 0.37 49.41
CA ALA F 135 -12.23 -0.40 49.22
C ALA F 135 -12.32 -1.44 48.10
N SER F 136 -11.77 -1.11 46.94
CA SER F 136 -11.76 -2.03 45.80
C SER F 136 -10.39 -2.62 45.64
N VAL F 137 -10.34 -3.94 45.51
CA VAL F 137 -9.14 -4.68 45.20
C VAL F 137 -9.28 -5.24 43.79
N VAL F 138 -8.32 -4.89 42.95
CA VAL F 138 -8.38 -5.15 41.52
C VAL F 138 -7.31 -6.17 41.16
N CYS F 139 -7.70 -7.12 40.31
CA CYS F 139 -6.80 -8.12 39.79
C CYS F 139 -6.90 -8.17 38.28
N PHE F 140 -5.77 -8.00 37.59
CA PHE F 140 -5.73 -8.10 36.15
C PHE F 140 -5.11 -9.45 35.80
N LEU F 141 -5.70 -10.10 34.81
CA LEU F 141 -5.19 -11.34 34.26
C LEU F 141 -5.09 -11.14 32.75
N ASN F 142 -3.89 -10.89 32.27
CA ASN F 142 -3.74 -10.36 30.94
C ASN F 142 -3.02 -11.27 29.96
N ASN F 143 -3.51 -11.23 28.72
CA ASN F 143 -2.88 -11.90 27.60
C ASN F 143 -2.73 -13.41 27.81
N PHE F 144 -3.87 -14.06 28.03
CA PHE F 144 -3.90 -15.50 28.13
C PHE F 144 -4.65 -16.11 26.95
N TYR F 145 -4.50 -17.43 26.80
CA TYR F 145 -5.19 -18.20 25.78
C TYR F 145 -5.11 -19.68 26.16
N PRO F 146 -6.22 -20.43 26.04
CA PRO F 146 -7.52 -20.03 25.50
C PRO F 146 -8.32 -19.12 26.43
N LYS F 147 -9.51 -18.77 25.99
CA LYS F 147 -10.35 -17.82 26.68
C LYS F 147 -10.88 -18.32 28.02
N ASP F 148 -11.09 -19.64 28.16
CA ASP F 148 -11.63 -20.22 29.38
C ASP F 148 -10.66 -20.01 30.54
N ILE F 149 -11.13 -19.36 31.61
CA ILE F 149 -10.31 -19.09 32.81
C ILE F 149 -11.18 -18.94 34.06
N ASN F 150 -10.64 -19.31 35.21
CA ASN F 150 -11.38 -19.16 36.44
C ASN F 150 -10.54 -18.40 37.48
N VAL F 151 -11.17 -17.40 38.09
CA VAL F 151 -10.55 -16.60 39.11
C VAL F 151 -11.20 -16.94 40.43
N LYS F 152 -10.42 -16.86 41.48
CA LYS F 152 -10.92 -17.10 42.81
C LYS F 152 -10.24 -16.13 43.77
N TRP F 153 -11.05 -15.41 44.54
CA TRP F 153 -10.54 -14.53 45.59
C TRP F 153 -10.45 -15.28 46.90
N LYS F 154 -9.38 -15.03 47.65
CA LYS F 154 -9.28 -15.51 49.01
C LYS F 154 -8.99 -14.33 49.92
N ILE F 155 -9.54 -14.38 51.12
CA ILE F 155 -9.33 -13.38 52.13
C ILE F 155 -8.97 -14.11 53.39
N ASP F 156 -7.75 -13.86 53.88
CA ASP F 156 -7.20 -14.59 55.00
C ASP F 156 -7.49 -16.08 54.85
N GLY F 157 -7.21 -16.60 53.65
CA GLY F 157 -7.38 -18.03 53.37
C GLY F 157 -8.76 -18.46 52.88
N SER F 158 -9.80 -17.68 53.19
CA SER F 158 -11.16 -18.07 52.88
C SER F 158 -11.57 -17.56 51.52
N GLU F 159 -12.23 -18.43 50.75
CA GLU F 159 -12.77 -18.04 49.46
C GLU F 159 -13.82 -16.96 49.66
N ARG F 160 -13.91 -16.06 48.69
CA ARG F 160 -14.84 -14.97 48.76
C ARG F 160 -15.46 -14.76 47.38
N GLN F 161 -16.79 -14.74 47.33
CA GLN F 161 -17.52 -14.54 46.08
C GLN F 161 -18.32 -13.23 46.00
N ASN F 162 -19.04 -12.90 47.05
CA ASN F 162 -19.89 -11.71 46.99
C ASN F 162 -19.05 -10.43 46.96
N GLY F 163 -19.43 -9.50 46.10
CA GLY F 163 -18.67 -8.25 45.89
C GLY F 163 -17.61 -8.40 44.82
N VAL F 164 -17.66 -9.50 44.06
CA VAL F 164 -16.73 -9.73 42.97
C VAL F 164 -17.41 -9.35 41.67
N LEU F 165 -16.69 -8.66 40.79
CA LEU F 165 -17.20 -8.36 39.46
C LEU F 165 -16.10 -8.63 38.48
N ASN F 166 -16.42 -9.40 37.44
CA ASN F 166 -15.47 -9.75 36.41
C ASN F 166 -15.86 -9.19 35.07
N SER F 167 -14.86 -8.92 34.25
CA SER F 167 -15.10 -8.35 32.96
C SER F 167 -14.06 -8.95 32.03
N TRP F 168 -14.52 -9.46 30.90
CA TRP F 168 -13.64 -10.11 29.97
C TRP F 168 -13.55 -9.26 28.72
N THR F 169 -12.35 -9.23 28.17
CA THR F 169 -12.05 -8.47 26.97
C THR F 169 -12.39 -9.36 25.77
N ASP F 170 -12.64 -8.76 24.61
CA ASP F 170 -12.76 -9.49 23.34
C ASP F 170 -11.36 -9.95 22.94
N GLN F 171 -11.28 -10.92 22.04
CA GLN F 171 -9.98 -11.35 21.53
C GLN F 171 -9.18 -10.15 21.01
N ASP F 172 -7.90 -10.08 21.39
CA ASP F 172 -6.99 -8.99 20.96
C ASP F 172 -6.68 -9.10 19.47
N SER F 173 -6.90 -8.01 18.73
CA SER F 173 -6.66 -7.98 17.30
C SER F 173 -5.22 -8.31 16.87
N LYS F 174 -4.27 -8.09 17.78
CA LYS F 174 -2.84 -8.20 17.45
C LYS F 174 -2.22 -9.54 17.84
N ASP F 175 -2.32 -9.92 19.11
CA ASP F 175 -1.75 -11.19 19.58
C ASP F 175 -2.79 -12.29 19.85
N SER F 176 -4.08 -12.02 19.59
CA SER F 176 -5.14 -13.04 19.65
C SER F 176 -5.33 -13.64 21.05
N THR F 177 -4.95 -12.88 22.06
CA THR F 177 -5.15 -13.32 23.42
C THR F 177 -6.41 -12.67 24.01
N TYR F 178 -6.75 -13.17 25.20
CA TYR F 178 -7.83 -12.63 26.00
C TYR F 178 -7.25 -12.10 27.31
N SER F 179 -7.98 -11.15 27.88
CA SER F 179 -7.61 -10.53 29.15
C SER F 179 -8.86 -10.42 30.00
N MET F 180 -8.67 -10.29 31.30
CA MET F 180 -9.80 -10.23 32.21
C MET F 180 -9.47 -9.42 33.43
N SER F 181 -10.45 -8.66 33.93
CA SER F 181 -10.29 -7.97 35.20
C SER F 181 -11.22 -8.61 36.21
N SER F 182 -10.78 -8.66 37.46
CA SER F 182 -11.62 -9.14 38.55
C SER F 182 -11.46 -8.13 39.68
N THR F 183 -12.59 -7.66 40.20
CA THR F 183 -12.60 -6.58 41.14
C THR F 183 -13.44 -6.94 42.35
N LEU F 184 -12.82 -6.90 43.52
CA LEU F 184 -13.50 -7.20 44.76
C LEU F 184 -13.77 -5.91 45.52
N THR F 185 -15.04 -5.53 45.62
CA THR F 185 -15.40 -4.27 46.25
C THR F 185 -15.91 -4.50 47.67
N LEU F 186 -15.35 -3.73 48.61
CA LEU F 186 -15.70 -3.85 50.01
C LEU F 186 -15.88 -2.46 50.60
N THR F 187 -16.41 -2.39 51.81
CA THR F 187 -16.32 -1.19 52.61
C THR F 187 -14.91 -1.11 53.21
N LYS F 188 -14.46 0.12 53.46
CA LYS F 188 -13.23 0.35 54.19
C LYS F 188 -13.23 -0.48 55.48
N ASP F 189 -14.32 -0.38 56.24
CA ASP F 189 -14.43 -1.10 57.52
C ASP F 189 -14.23 -2.60 57.40
N GLU F 190 -14.81 -3.21 56.37
CA GLU F 190 -14.63 -4.64 56.12
C GLU F 190 -13.22 -4.94 55.61
N TYR F 191 -12.70 -4.07 54.73
CA TYR F 191 -11.35 -4.25 54.20
C TYR F 191 -10.32 -4.29 55.33
N GLU F 192 -10.55 -3.50 56.37
CA GLU F 192 -9.66 -3.48 57.54
C GLU F 192 -9.88 -4.63 58.53
N ARG F 193 -10.90 -5.44 58.34
CA ARG F 193 -11.08 -6.61 59.22
C ARG F 193 -10.27 -7.80 58.72
N HIS F 194 -9.50 -7.61 57.64
CA HIS F 194 -8.71 -8.70 57.08
C HIS F 194 -7.33 -8.23 56.66
N ASN F 195 -6.39 -9.15 56.67
CA ASN F 195 -4.99 -8.84 56.37
C ASN F 195 -4.58 -9.30 54.99
N SER F 196 -4.85 -10.56 54.66
CA SER F 196 -4.35 -11.17 53.43
C SER F 196 -5.39 -11.18 52.30
N TYR F 197 -4.97 -10.69 51.14
CA TYR F 197 -5.85 -10.62 49.97
C TYR F 197 -5.20 -11.28 48.77
N THR F 198 -5.82 -12.35 48.30
CA THR F 198 -5.23 -13.20 47.28
C THR F 198 -6.15 -13.34 46.10
N CYS F 199 -5.54 -13.32 44.92
CA CYS F 199 -6.22 -13.48 43.64
C CYS F 199 -5.62 -14.75 43.02
N GLU F 200 -6.47 -15.75 42.78
CA GLU F 200 -6.03 -17.07 42.25
C GLU F 200 -6.66 -17.34 40.87
N ALA F 201 -5.81 -17.52 39.87
CA ALA F 201 -6.21 -17.79 38.49
C ALA F 201 -5.93 -19.24 38.15
N THR F 202 -6.98 -19.99 37.80
CA THR F 202 -6.79 -21.35 37.29
C THR F 202 -7.04 -21.33 35.77
N HIS F 203 -6.12 -21.92 35.03
CA HIS F 203 -6.11 -21.83 33.58
C HIS F 203 -5.48 -23.11 33.06
N LYS F 204 -5.84 -23.52 31.84
CA LYS F 204 -5.41 -24.83 31.35
C LYS F 204 -3.89 -24.97 31.17
N THR F 205 -3.19 -23.85 31.00
CA THR F 205 -1.74 -23.83 30.87
C THR F 205 -1.01 -24.27 32.13
N SER F 206 -1.73 -24.56 33.22
CA SER F 206 -1.10 -25.15 34.38
C SER F 206 -2.13 -25.83 35.27
N THR F 207 -1.68 -26.82 36.03
CA THR F 207 -2.52 -27.41 37.06
C THR F 207 -2.49 -26.51 38.29
N SER F 208 -1.37 -25.84 38.54
CA SER F 208 -1.21 -24.98 39.70
C SER F 208 -1.77 -23.59 39.43
N PRO F 209 -2.69 -23.13 40.29
CA PRO F 209 -3.17 -21.78 40.04
C PRO F 209 -2.04 -20.76 40.14
N ILE F 210 -2.18 -19.66 39.41
CA ILE F 210 -1.28 -18.52 39.57
C ILE F 210 -1.83 -17.60 40.67
N VAL F 211 -1.03 -17.42 41.72
CA VAL F 211 -1.44 -16.75 42.95
C VAL F 211 -0.74 -15.41 43.07
N LYS F 212 -1.52 -14.36 43.27
CA LYS F 212 -0.96 -13.05 43.57
C LYS F 212 -1.68 -12.47 44.77
N SER F 213 -0.90 -12.01 45.74
CA SER F 213 -1.47 -11.50 46.97
C SER F 213 -0.66 -10.37 47.57
N PHE F 214 -1.26 -9.76 48.59
CA PHE F 214 -0.57 -8.77 49.40
C PHE F 214 -1.17 -8.83 50.82
N ASN F 215 -0.40 -8.36 51.78
CA ASN F 215 -0.88 -8.19 53.14
C ASN F 215 -1.16 -6.73 53.43
N ARG F 216 -2.36 -6.45 53.88
CA ARG F 216 -2.80 -5.09 54.16
C ARG F 216 -1.89 -4.34 55.13
N ASN F 217 -1.43 -5.06 56.16
CA ASN F 217 -0.52 -4.50 57.18
C ASN F 217 0.82 -3.92 56.68
N GLU F 218 1.11 -4.05 55.39
CA GLU F 218 2.37 -3.58 54.79
C GLU F 218 2.16 -2.46 53.78
N CYS F 219 0.92 -1.99 53.67
CA CYS F 219 0.53 -0.98 52.67
C CYS F 219 0.29 0.38 53.31
#